data_4ZLX
# 
_entry.id   4ZLX 
# 
_audit_conform.dict_name       mmcif_pdbx.dic 
_audit_conform.dict_version    5.383 
_audit_conform.dict_location   http://mmcif.pdb.org/dictionaries/ascii/mmcif_pdbx.dic 
# 
loop_
_database_2.database_id 
_database_2.database_code 
_database_2.pdbx_database_accession 
_database_2.pdbx_DOI 
PDB   4ZLX         pdb_00004zlx 10.2210/pdb4zlx/pdb 
WWPDB D_1000209522 ?            ?                   
# 
loop_
_pdbx_audit_revision_history.ordinal 
_pdbx_audit_revision_history.data_content_type 
_pdbx_audit_revision_history.major_revision 
_pdbx_audit_revision_history.minor_revision 
_pdbx_audit_revision_history.revision_date 
1 'Structure model' 1 0 2016-04-20 
2 'Structure model' 1 1 2016-05-04 
3 'Structure model' 1 2 2016-05-18 
4 'Structure model' 1 3 2016-06-29 
5 'Structure model' 1 4 2024-01-10 
# 
_pdbx_audit_revision_details.ordinal             1 
_pdbx_audit_revision_details.revision_ordinal    1 
_pdbx_audit_revision_details.data_content_type   'Structure model' 
_pdbx_audit_revision_details.provider            repository 
_pdbx_audit_revision_details.type                'Initial release' 
_pdbx_audit_revision_details.description         ? 
_pdbx_audit_revision_details.details             ? 
# 
loop_
_pdbx_audit_revision_group.ordinal 
_pdbx_audit_revision_group.revision_ordinal 
_pdbx_audit_revision_group.data_content_type 
_pdbx_audit_revision_group.group 
1 2 'Structure model' 'Database references'    
2 3 'Structure model' 'Database references'    
3 4 'Structure model' 'Database references'    
4 5 'Structure model' 'Data collection'        
5 5 'Structure model' 'Database references'    
6 5 'Structure model' 'Refinement description' 
# 
loop_
_pdbx_audit_revision_category.ordinal 
_pdbx_audit_revision_category.revision_ordinal 
_pdbx_audit_revision_category.data_content_type 
_pdbx_audit_revision_category.category 
1 5 'Structure model' chem_comp_atom                
2 5 'Structure model' chem_comp_bond                
3 5 'Structure model' database_2                    
4 5 'Structure model' pdbx_initial_refinement_model 
# 
loop_
_pdbx_audit_revision_item.ordinal 
_pdbx_audit_revision_item.revision_ordinal 
_pdbx_audit_revision_item.data_content_type 
_pdbx_audit_revision_item.item 
1 5 'Structure model' '_database_2.pdbx_DOI'                
2 5 'Structure model' '_database_2.pdbx_database_accession' 
# 
_pdbx_database_status.status_code                     REL 
_pdbx_database_status.status_code_sf                  REL 
_pdbx_database_status.status_code_mr                  ? 
_pdbx_database_status.entry_id                        4ZLX 
_pdbx_database_status.recvd_initial_deposition_date   2015-05-01 
_pdbx_database_status.SG_entry                        N 
_pdbx_database_status.deposit_site                    RCSB 
_pdbx_database_status.process_site                    PDBE 
_pdbx_database_status.status_code_cs                  ? 
_pdbx_database_status.methods_development_category    ? 
_pdbx_database_status.pdb_format_compatible           Y 
_pdbx_database_status.status_code_nmr_data            ? 
# 
loop_
_audit_author.name 
_audit_author.pdbx_ordinal 
'Garcia-Pino, A.' 1 
'Loris, R.'       2 
# 
_citation.abstract                  ? 
_citation.abstract_id_CAS           ? 
_citation.book_id_ISBN              ? 
_citation.book_publisher            ? 
_citation.book_publisher_city       ? 
_citation.book_title                ? 
_citation.coordinate_linkage        ? 
_citation.country                   US 
_citation.database_id_Medline       ? 
_citation.details                   ? 
_citation.id                        primary 
_citation.journal_abbrev            Nat.Chem.Biol. 
_citation.journal_id_ASTM           ? 
_citation.journal_id_CSD            ? 
_citation.journal_id_ISSN           1552-4469 
_citation.journal_full              ? 
_citation.journal_issue             ? 
_citation.journal_volume            12 
_citation.language                  ? 
_citation.page_first                490 
_citation.page_last                 496 
_citation.title                     'An intrinsically disordered entropic switch determines allostery in Phd-Doc regulation.' 
_citation.year                      2016 
_citation.database_id_CSD           ? 
_citation.pdbx_database_id_DOI      10.1038/nchembio.2078 
_citation.pdbx_database_id_PubMed   27159580 
_citation.unpublished_flag          ? 
# 
loop_
_citation_author.citation_id 
_citation_author.name 
_citation_author.ordinal 
_citation_author.identifier_ORCID 
primary 'Garcia-Pino, A.' 1 ? 
primary 'De Gieter, S.'   2 ? 
primary 'Talavera, A.'    3 ? 
primary 'De Greve, H.'    4 ? 
primary 'Efremov, R.G.'   5 ? 
primary 'Loris, R.'       6 ? 
# 
loop_
_entity.id 
_entity.type 
_entity.src_method 
_entity.pdbx_description 
_entity.formula_weight 
_entity.pdbx_number_of_molecules 
_entity.pdbx_ec 
_entity.pdbx_mutation 
_entity.pdbx_fragment 
_entity.details 
1 polymer     man 'Antitoxin phd' 6169.816 2  ? ? 'UNP residues 1-45' ? 
2 non-polymer syn 'ACETATE ION'   59.044   5  ? ? ?                   ? 
3 water       nat water           18.015   55 ? ? ?                   ? 
# 
_entity_name_com.entity_id   1 
_entity_name_com.name        'Addiction protein pdh,Prevent host death protein' 
# 
_entity_poly.entity_id                      1 
_entity_poly.type                           'polypeptide(L)' 
_entity_poly.nstd_linkage                   no 
_entity_poly.nstd_monomer                   no 
_entity_poly.pdbx_seq_one_letter_code       MQSINFRTARGNLSEVLNNVEAGEEVEITRRGREPAVIVSKATFEEWHHHHHH 
_entity_poly.pdbx_seq_one_letter_code_can   MQSINFRTARGNLSEVLNNVEAGEEVEITRRGREPAVIVSKATFEEWHHHHHH 
_entity_poly.pdbx_strand_id                 A,B 
_entity_poly.pdbx_target_identifier         ? 
# 
loop_
_pdbx_entity_nonpoly.entity_id 
_pdbx_entity_nonpoly.name 
_pdbx_entity_nonpoly.comp_id 
2 'ACETATE ION' ACT 
3 water         HOH 
# 
loop_
_entity_poly_seq.entity_id 
_entity_poly_seq.num 
_entity_poly_seq.mon_id 
_entity_poly_seq.hetero 
1 1  MET n 
1 2  GLN n 
1 3  SER n 
1 4  ILE n 
1 5  ASN n 
1 6  PHE n 
1 7  ARG n 
1 8  THR n 
1 9  ALA n 
1 10 ARG n 
1 11 GLY n 
1 12 ASN n 
1 13 LEU n 
1 14 SER n 
1 15 GLU n 
1 16 VAL n 
1 17 LEU n 
1 18 ASN n 
1 19 ASN n 
1 20 VAL n 
1 21 GLU n 
1 22 ALA n 
1 23 GLY n 
1 24 GLU n 
1 25 GLU n 
1 26 VAL n 
1 27 GLU n 
1 28 ILE n 
1 29 THR n 
1 30 ARG n 
1 31 ARG n 
1 32 GLY n 
1 33 ARG n 
1 34 GLU n 
1 35 PRO n 
1 36 ALA n 
1 37 VAL n 
1 38 ILE n 
1 39 VAL n 
1 40 SER n 
1 41 LYS n 
1 42 ALA n 
1 43 THR n 
1 44 PHE n 
1 45 GLU n 
1 46 GLU n 
1 47 TRP n 
1 48 HIS n 
1 49 HIS n 
1 50 HIS n 
1 51 HIS n 
1 52 HIS n 
1 53 HIS n 
# 
_entity_src_gen.entity_id                          1 
_entity_src_gen.pdbx_src_id                        1 
_entity_src_gen.pdbx_alt_source_flag               sample 
_entity_src_gen.pdbx_seq_type                      'Biological sequence' 
_entity_src_gen.pdbx_beg_seq_num                   1 
_entity_src_gen.pdbx_end_seq_num                   53 
_entity_src_gen.gene_src_common_name               ? 
_entity_src_gen.gene_src_genus                     ? 
_entity_src_gen.pdbx_gene_src_gene                 phd 
_entity_src_gen.gene_src_species                   ? 
_entity_src_gen.gene_src_strain                    ? 
_entity_src_gen.gene_src_tissue                    ? 
_entity_src_gen.gene_src_tissue_fraction           ? 
_entity_src_gen.gene_src_details                   ? 
_entity_src_gen.pdbx_gene_src_fragment             ? 
_entity_src_gen.pdbx_gene_src_scientific_name      'Enterobacteria phage P1' 
_entity_src_gen.pdbx_gene_src_ncbi_taxonomy_id     10678 
_entity_src_gen.pdbx_gene_src_variant              ? 
_entity_src_gen.pdbx_gene_src_cell_line            ? 
_entity_src_gen.pdbx_gene_src_atcc                 ? 
_entity_src_gen.pdbx_gene_src_organ                ? 
_entity_src_gen.pdbx_gene_src_organelle            ? 
_entity_src_gen.pdbx_gene_src_cell                 ? 
_entity_src_gen.pdbx_gene_src_cellular_location    ? 
_entity_src_gen.host_org_common_name               ? 
_entity_src_gen.pdbx_host_org_scientific_name      'Escherichia coli BL21(DE3)' 
_entity_src_gen.pdbx_host_org_ncbi_taxonomy_id     469008 
_entity_src_gen.host_org_genus                     ? 
_entity_src_gen.pdbx_host_org_gene                 ? 
_entity_src_gen.pdbx_host_org_organ                ? 
_entity_src_gen.host_org_species                   ? 
_entity_src_gen.pdbx_host_org_tissue               ? 
_entity_src_gen.pdbx_host_org_tissue_fraction      ? 
_entity_src_gen.pdbx_host_org_strain               ? 
_entity_src_gen.pdbx_host_org_variant              ? 
_entity_src_gen.pdbx_host_org_cell_line            ? 
_entity_src_gen.pdbx_host_org_atcc                 ? 
_entity_src_gen.pdbx_host_org_culture_collection   ? 
_entity_src_gen.pdbx_host_org_cell                 ? 
_entity_src_gen.pdbx_host_org_organelle            ? 
_entity_src_gen.pdbx_host_org_cellular_location    ? 
_entity_src_gen.pdbx_host_org_vector_type          ? 
_entity_src_gen.pdbx_host_org_vector               ? 
_entity_src_gen.host_org_details                   ? 
_entity_src_gen.expression_system_id               ? 
_entity_src_gen.plasmid_name                       ? 
_entity_src_gen.plasmid_details                    ? 
_entity_src_gen.pdbx_description                   ? 
# 
loop_
_chem_comp.id 
_chem_comp.type 
_chem_comp.mon_nstd_flag 
_chem_comp.name 
_chem_comp.pdbx_synonyms 
_chem_comp.formula 
_chem_comp.formula_weight 
ACT non-polymer         . 'ACETATE ION'   ? 'C2 H3 O2 -1'    59.044  
ALA 'L-peptide linking' y ALANINE         ? 'C3 H7 N O2'     89.093  
ARG 'L-peptide linking' y ARGININE        ? 'C6 H15 N4 O2 1' 175.209 
ASN 'L-peptide linking' y ASPARAGINE      ? 'C4 H8 N2 O3'    132.118 
GLN 'L-peptide linking' y GLUTAMINE       ? 'C5 H10 N2 O3'   146.144 
GLU 'L-peptide linking' y 'GLUTAMIC ACID' ? 'C5 H9 N O4'     147.129 
GLY 'peptide linking'   y GLYCINE         ? 'C2 H5 N O2'     75.067  
HIS 'L-peptide linking' y HISTIDINE       ? 'C6 H10 N3 O2 1' 156.162 
HOH non-polymer         . WATER           ? 'H2 O'           18.015  
ILE 'L-peptide linking' y ISOLEUCINE      ? 'C6 H13 N O2'    131.173 
LEU 'L-peptide linking' y LEUCINE         ? 'C6 H13 N O2'    131.173 
LYS 'L-peptide linking' y LYSINE          ? 'C6 H15 N2 O2 1' 147.195 
MET 'L-peptide linking' y METHIONINE      ? 'C5 H11 N O2 S'  149.211 
PHE 'L-peptide linking' y PHENYLALANINE   ? 'C9 H11 N O2'    165.189 
PRO 'L-peptide linking' y PROLINE         ? 'C5 H9 N O2'     115.130 
SER 'L-peptide linking' y SERINE          ? 'C3 H7 N O3'     105.093 
THR 'L-peptide linking' y THREONINE       ? 'C4 H9 N O3'     119.119 
TRP 'L-peptide linking' y TRYPTOPHAN      ? 'C11 H12 N2 O2'  204.225 
VAL 'L-peptide linking' y VALINE          ? 'C5 H11 N O2'    117.146 
# 
loop_
_pdbx_poly_seq_scheme.asym_id 
_pdbx_poly_seq_scheme.entity_id 
_pdbx_poly_seq_scheme.seq_id 
_pdbx_poly_seq_scheme.mon_id 
_pdbx_poly_seq_scheme.ndb_seq_num 
_pdbx_poly_seq_scheme.pdb_seq_num 
_pdbx_poly_seq_scheme.auth_seq_num 
_pdbx_poly_seq_scheme.pdb_mon_id 
_pdbx_poly_seq_scheme.auth_mon_id 
_pdbx_poly_seq_scheme.pdb_strand_id 
_pdbx_poly_seq_scheme.pdb_ins_code 
_pdbx_poly_seq_scheme.hetero 
A 1 1  MET 1  1  1  MET MET A . n 
A 1 2  GLN 2  2  2  GLN GLN A . n 
A 1 3  SER 3  3  3  SER SER A . n 
A 1 4  ILE 4  4  4  ILE ILE A . n 
A 1 5  ASN 5  5  5  ASN ASN A . n 
A 1 6  PHE 6  6  6  PHE PHE A . n 
A 1 7  ARG 7  7  7  ARG ARG A . n 
A 1 8  THR 8  8  8  THR THR A . n 
A 1 9  ALA 9  9  9  ALA ALA A . n 
A 1 10 ARG 10 10 10 ARG ARG A . n 
A 1 11 GLY 11 11 11 GLY GLY A . n 
A 1 12 ASN 12 12 12 ASN ASN A . n 
A 1 13 LEU 13 13 13 LEU LEU A . n 
A 1 14 SER 14 14 14 SER SER A . n 
A 1 15 GLU 15 15 15 GLU GLU A . n 
A 1 16 VAL 16 16 16 VAL VAL A . n 
A 1 17 LEU 17 17 17 LEU LEU A . n 
A 1 18 ASN 18 18 18 ASN ASN A . n 
A 1 19 ASN 19 19 19 ASN ASN A . n 
A 1 20 VAL 20 20 20 VAL VAL A . n 
A 1 21 GLU 21 21 21 GLU GLU A . n 
A 1 22 ALA 22 22 22 ALA ALA A . n 
A 1 23 GLY 23 23 23 GLY GLY A . n 
A 1 24 GLU 24 24 24 GLU GLU A . n 
A 1 25 GLU 25 25 25 GLU GLU A . n 
A 1 26 VAL 26 26 26 VAL VAL A . n 
A 1 27 GLU 27 27 27 GLU GLU A . n 
A 1 28 ILE 28 28 28 ILE ILE A . n 
A 1 29 THR 29 29 29 THR THR A . n 
A 1 30 ARG 30 30 30 ARG ARG A . n 
A 1 31 ARG 31 31 31 ARG ARG A . n 
A 1 32 GLY 32 32 32 GLY GLY A . n 
A 1 33 ARG 33 33 33 ARG ARG A . n 
A 1 34 GLU 34 34 34 GLU GLU A . n 
A 1 35 PRO 35 35 35 PRO PRO A . n 
A 1 36 ALA 36 36 36 ALA ALA A . n 
A 1 37 VAL 37 37 37 VAL VAL A . n 
A 1 38 ILE 38 38 38 ILE ILE A . n 
A 1 39 VAL 39 39 39 VAL VAL A . n 
A 1 40 SER 40 40 40 SER SER A . n 
A 1 41 LYS 41 41 41 LYS LYS A . n 
A 1 42 ALA 42 42 42 ALA ALA A . n 
A 1 43 THR 43 43 43 THR THR A . n 
A 1 44 PHE 44 44 44 PHE PHE A . n 
A 1 45 GLU 45 45 45 GLU GLU A . n 
A 1 46 GLU 46 46 46 GLU GLU A . n 
A 1 47 TRP 47 47 47 TRP TRP A . n 
A 1 48 HIS 48 48 ?  ?   ?   A . n 
A 1 49 HIS 49 49 ?  ?   ?   A . n 
A 1 50 HIS 50 50 ?  ?   ?   A . n 
A 1 51 HIS 51 51 ?  ?   ?   A . n 
A 1 52 HIS 52 52 ?  ?   ?   A . n 
A 1 53 HIS 53 53 ?  ?   ?   A . n 
B 1 1  MET 1  1  1  MET MET B . n 
B 1 2  GLN 2  2  2  GLN GLN B . n 
B 1 3  SER 3  3  3  SER SER B . n 
B 1 4  ILE 4  4  4  ILE ILE B . n 
B 1 5  ASN 5  5  5  ASN ASN B . n 
B 1 6  PHE 6  6  6  PHE PHE B . n 
B 1 7  ARG 7  7  7  ARG ARG B . n 
B 1 8  THR 8  8  8  THR THR B . n 
B 1 9  ALA 9  9  9  ALA ALA B . n 
B 1 10 ARG 10 10 10 ARG ARG B . n 
B 1 11 GLY 11 11 11 GLY GLY B . n 
B 1 12 ASN 12 12 12 ASN ASN B . n 
B 1 13 LEU 13 13 13 LEU LEU B . n 
B 1 14 SER 14 14 14 SER SER B . n 
B 1 15 GLU 15 15 15 GLU GLU B . n 
B 1 16 VAL 16 16 16 VAL VAL B . n 
B 1 17 LEU 17 17 17 LEU LEU B . n 
B 1 18 ASN 18 18 18 ASN ASN B . n 
B 1 19 ASN 19 19 19 ASN ASN B . n 
B 1 20 VAL 20 20 20 VAL VAL B . n 
B 1 21 GLU 21 21 21 GLU GLU B . n 
B 1 22 ALA 22 22 22 ALA ALA B . n 
B 1 23 GLY 23 23 23 GLY GLY B . n 
B 1 24 GLU 24 24 24 GLU GLU B . n 
B 1 25 GLU 25 25 25 GLU GLU B . n 
B 1 26 VAL 26 26 26 VAL VAL B . n 
B 1 27 GLU 27 27 27 GLU GLU B . n 
B 1 28 ILE 28 28 28 ILE ILE B . n 
B 1 29 THR 29 29 29 THR THR B . n 
B 1 30 ARG 30 30 30 ARG ARG B . n 
B 1 31 ARG 31 31 31 ARG ARG B . n 
B 1 32 GLY 32 32 32 GLY GLY B . n 
B 1 33 ARG 33 33 33 ARG ARG B . n 
B 1 34 GLU 34 34 34 GLU GLU B . n 
B 1 35 PRO 35 35 35 PRO PRO B . n 
B 1 36 ALA 36 36 36 ALA ALA B . n 
B 1 37 VAL 37 37 37 VAL VAL B . n 
B 1 38 ILE 38 38 38 ILE ILE B . n 
B 1 39 VAL 39 39 39 VAL VAL B . n 
B 1 40 SER 40 40 40 SER SER B . n 
B 1 41 LYS 41 41 41 LYS LYS B . n 
B 1 42 ALA 42 42 42 ALA ALA B . n 
B 1 43 THR 43 43 43 THR THR B . n 
B 1 44 PHE 44 44 44 PHE PHE B . n 
B 1 45 GLU 45 45 45 GLU GLU B . n 
B 1 46 GLU 46 46 46 GLU GLU B . n 
B 1 47 TRP 47 47 47 TRP TRP B . n 
B 1 48 HIS 48 48 ?  ?   ?   B . n 
B 1 49 HIS 49 49 ?  ?   ?   B . n 
B 1 50 HIS 50 50 ?  ?   ?   B . n 
B 1 51 HIS 51 51 ?  ?   ?   B . n 
B 1 52 HIS 52 52 ?  ?   ?   B . n 
B 1 53 HIS 53 53 ?  ?   ?   B . n 
# 
loop_
_pdbx_nonpoly_scheme.asym_id 
_pdbx_nonpoly_scheme.entity_id 
_pdbx_nonpoly_scheme.mon_id 
_pdbx_nonpoly_scheme.ndb_seq_num 
_pdbx_nonpoly_scheme.pdb_seq_num 
_pdbx_nonpoly_scheme.auth_seq_num 
_pdbx_nonpoly_scheme.pdb_mon_id 
_pdbx_nonpoly_scheme.auth_mon_id 
_pdbx_nonpoly_scheme.pdb_strand_id 
_pdbx_nonpoly_scheme.pdb_ins_code 
C 2 ACT 1  101 1  ACT ACT B . 
D 2 ACT 1  102 2  ACT ACT B . 
E 2 ACT 1  103 3  ACT ACT B . 
F 2 ACT 1  104 4  ACT ACT B . 
G 2 ACT 1  105 5  ACT ACT B . 
H 3 HOH 1  101 8  HOH HOH A . 
H 3 HOH 2  102 36 HOH HOH A . 
H 3 HOH 3  103 25 HOH HOH A . 
H 3 HOH 4  104 14 HOH HOH A . 
H 3 HOH 5  105 38 HOH HOH A . 
H 3 HOH 6  106 28 HOH HOH A . 
H 3 HOH 7  107 54 HOH HOH A . 
H 3 HOH 8  108 9  HOH HOH A . 
H 3 HOH 9  109 6  HOH HOH A . 
H 3 HOH 10 110 29 HOH HOH A . 
H 3 HOH 11 111 21 HOH HOH A . 
H 3 HOH 12 112 7  HOH HOH A . 
H 3 HOH 13 113 3  HOH HOH A . 
H 3 HOH 14 114 13 HOH HOH A . 
H 3 HOH 15 115 27 HOH HOH A . 
H 3 HOH 16 116 24 HOH HOH A . 
H 3 HOH 17 117 22 HOH HOH A . 
H 3 HOH 18 118 35 HOH HOH A . 
H 3 HOH 19 119 26 HOH HOH A . 
H 3 HOH 20 120 59 HOH HOH A . 
H 3 HOH 21 121 60 HOH HOH A . 
H 3 HOH 22 122 41 HOH HOH A . 
H 3 HOH 23 123 56 HOH HOH A . 
I 3 HOH 1  201 1  HOH HOH B . 
I 3 HOH 2  202 37 HOH HOH B . 
I 3 HOH 3  203 57 HOH HOH B . 
I 3 HOH 4  204 45 HOH HOH B . 
I 3 HOH 5  205 30 HOH HOH B . 
I 3 HOH 6  206 12 HOH HOH B . 
I 3 HOH 7  207 31 HOH HOH B . 
I 3 HOH 8  208 2  HOH HOH B . 
I 3 HOH 9  209 48 HOH HOH B . 
I 3 HOH 10 210 10 HOH HOH B . 
I 3 HOH 11 211 53 HOH HOH B . 
I 3 HOH 12 212 39 HOH HOH B . 
I 3 HOH 13 213 4  HOH HOH B . 
I 3 HOH 14 214 16 HOH HOH B . 
I 3 HOH 15 215 19 HOH HOH B . 
I 3 HOH 16 216 11 HOH HOH B . 
I 3 HOH 17 217 46 HOH HOH B . 
I 3 HOH 18 218 47 HOH HOH B . 
I 3 HOH 19 219 20 HOH HOH B . 
I 3 HOH 20 220 40 HOH HOH B . 
I 3 HOH 21 221 5  HOH HOH B . 
I 3 HOH 22 222 55 HOH HOH B . 
I 3 HOH 23 223 15 HOH HOH B . 
I 3 HOH 24 224 51 HOH HOH B . 
I 3 HOH 25 225 50 HOH HOH B . 
I 3 HOH 26 226 42 HOH HOH B . 
I 3 HOH 27 227 43 HOH HOH B . 
I 3 HOH 28 228 52 HOH HOH B . 
I 3 HOH 29 229 18 HOH HOH B . 
I 3 HOH 30 230 58 HOH HOH B . 
I 3 HOH 31 231 23 HOH HOH B . 
I 3 HOH 32 232 49 HOH HOH B . 
# 
loop_
_pdbx_unobs_or_zero_occ_atoms.id 
_pdbx_unobs_or_zero_occ_atoms.PDB_model_num 
_pdbx_unobs_or_zero_occ_atoms.polymer_flag 
_pdbx_unobs_or_zero_occ_atoms.occupancy_flag 
_pdbx_unobs_or_zero_occ_atoms.auth_asym_id 
_pdbx_unobs_or_zero_occ_atoms.auth_comp_id 
_pdbx_unobs_or_zero_occ_atoms.auth_seq_id 
_pdbx_unobs_or_zero_occ_atoms.PDB_ins_code 
_pdbx_unobs_or_zero_occ_atoms.auth_atom_id 
_pdbx_unobs_or_zero_occ_atoms.label_alt_id 
_pdbx_unobs_or_zero_occ_atoms.label_asym_id 
_pdbx_unobs_or_zero_occ_atoms.label_comp_id 
_pdbx_unobs_or_zero_occ_atoms.label_seq_id 
_pdbx_unobs_or_zero_occ_atoms.label_atom_id 
1  1 Y 1 A GLN 2  ? CD  ? A GLN 2  CD  
2  1 Y 1 A GLN 2  ? OE1 ? A GLN 2  OE1 
3  1 Y 1 A GLN 2  ? NE2 ? A GLN 2  NE2 
4  1 Y 1 A ARG 7  ? CD  ? A ARG 7  CD  
5  1 Y 1 A ARG 7  ? NE  ? A ARG 7  NE  
6  1 Y 1 A ARG 7  ? CZ  ? A ARG 7  CZ  
7  1 Y 1 A ARG 7  ? NH1 ? A ARG 7  NH1 
8  1 Y 1 A ARG 7  ? NH2 ? A ARG 7  NH2 
9  1 Y 1 A ARG 31 ? CG  ? A ARG 31 CG  
10 1 Y 1 A ARG 31 ? CD  ? A ARG 31 CD  
11 1 Y 1 A ARG 31 ? NE  ? A ARG 31 NE  
12 1 Y 1 A ARG 31 ? CZ  ? A ARG 31 CZ  
13 1 Y 1 A ARG 31 ? NH1 ? A ARG 31 NH1 
14 1 Y 1 A ARG 31 ? NH2 ? A ARG 31 NH2 
15 1 Y 1 A GLU 46 ? CG  ? A GLU 46 CG  
16 1 Y 1 A GLU 46 ? CD  ? A GLU 46 CD  
17 1 Y 1 A GLU 46 ? OE1 ? A GLU 46 OE1 
18 1 Y 1 A GLU 46 ? OE2 ? A GLU 46 OE2 
19 1 Y 1 B ARG 7  ? CG  ? B ARG 7  CG  
20 1 Y 1 B ARG 7  ? CD  ? B ARG 7  CD  
21 1 Y 1 B ARG 7  ? NE  ? B ARG 7  NE  
22 1 Y 1 B ARG 7  ? CZ  ? B ARG 7  CZ  
23 1 Y 1 B ARG 7  ? NH1 ? B ARG 7  NH1 
24 1 Y 1 B ARG 7  ? NH2 ? B ARG 7  NH2 
25 1 Y 0 B ARG 10 ? CZ  ? B ARG 10 CZ  
26 1 Y 1 B ARG 31 ? CD  ? B ARG 31 CD  
27 1 Y 1 B ARG 31 ? NE  ? B ARG 31 NE  
28 1 Y 1 B ARG 31 ? CZ  ? B ARG 31 CZ  
29 1 Y 1 B ARG 31 ? NH1 ? B ARG 31 NH1 
30 1 Y 1 B ARG 31 ? NH2 ? B ARG 31 NH2 
31 1 Y 1 B GLU 46 ? CG  ? B GLU 46 CG  
32 1 Y 1 B GLU 46 ? CD  ? B GLU 46 CD  
33 1 Y 1 B GLU 46 ? OE1 ? B GLU 46 OE1 
34 1 Y 1 B GLU 46 ? OE2 ? B GLU 46 OE2 
# 
loop_
_software.citation_id 
_software.classification 
_software.compiler_name 
_software.compiler_version 
_software.contact_author 
_software.contact_author_email 
_software.date 
_software.description 
_software.dependencies 
_software.hardware 
_software.language 
_software.location 
_software.mods 
_software.name 
_software.os 
_software.os_version 
_software.type 
_software.version 
_software.pdbx_ordinal 
? refinement       ? ? ? ? ? ? ? ? ? ? ? BUSTER  ? ? ? 2.10.0 1 
? 'data reduction' ? ? ? ? ? ? ? ? ? ? ? XDS     ? ? ? .      2 
? 'data scaling'   ? ? ? ? ? ? ? ? ? ? ? Aimless ? ? ? .      3 
? phasing          ? ? ? ? ? ? ? ? ? ? ? PHASER  ? ? ? .      4 
# 
_cell.angle_alpha                  90.00 
_cell.angle_alpha_esd              ? 
_cell.angle_beta                   90.00 
_cell.angle_beta_esd               ? 
_cell.angle_gamma                  120.00 
_cell.angle_gamma_esd              ? 
_cell.entry_id                     4ZLX 
_cell.details                      ? 
_cell.formula_units_Z              ? 
_cell.length_a                     42.940 
_cell.length_a_esd                 ? 
_cell.length_b                     42.940 
_cell.length_b_esd                 ? 
_cell.length_c                     100.180 
_cell.length_c_esd                 ? 
_cell.volume                       ? 
_cell.volume_esd                   ? 
_cell.Z_PDB                        12 
_cell.reciprocal_angle_alpha       ? 
_cell.reciprocal_angle_beta        ? 
_cell.reciprocal_angle_gamma       ? 
_cell.reciprocal_angle_alpha_esd   ? 
_cell.reciprocal_angle_beta_esd    ? 
_cell.reciprocal_angle_gamma_esd   ? 
_cell.reciprocal_length_a          ? 
_cell.reciprocal_length_b          ? 
_cell.reciprocal_length_c          ? 
_cell.reciprocal_length_a_esd      ? 
_cell.reciprocal_length_b_esd      ? 
_cell.reciprocal_length_c_esd      ? 
_cell.pdbx_unique_axis             ? 
# 
_symmetry.entry_id                         4ZLX 
_symmetry.cell_setting                     ? 
_symmetry.Int_Tables_number                169 
_symmetry.space_group_name_Hall            ? 
_symmetry.space_group_name_H-M             'P 61' 
_symmetry.pdbx_full_space_group_name_H-M   ? 
# 
_exptl.absorpt_coefficient_mu     ? 
_exptl.absorpt_correction_T_max   ? 
_exptl.absorpt_correction_T_min   ? 
_exptl.absorpt_correction_type    ? 
_exptl.absorpt_process_details    ? 
_exptl.entry_id                   4ZLX 
_exptl.crystals_number            ? 
_exptl.details                    ? 
_exptl.method                     'X-RAY DIFFRACTION' 
_exptl.method_details             ? 
# 
_exptl_crystal.colour                      ? 
_exptl_crystal.density_diffrn              ? 
_exptl_crystal.density_Matthews            2.16 
_exptl_crystal.density_method              ? 
_exptl_crystal.density_percent_sol         43.07 
_exptl_crystal.description                 ? 
_exptl_crystal.F_000                       ? 
_exptl_crystal.id                          1 
_exptl_crystal.preparation                 ? 
_exptl_crystal.size_max                    ? 
_exptl_crystal.size_mid                    ? 
_exptl_crystal.size_min                    ? 
_exptl_crystal.size_rad                    ? 
_exptl_crystal.colour_lustre               ? 
_exptl_crystal.colour_modifier             ? 
_exptl_crystal.colour_primary              ? 
_exptl_crystal.density_meas                ? 
_exptl_crystal.density_meas_esd            ? 
_exptl_crystal.density_meas_gt             ? 
_exptl_crystal.density_meas_lt             ? 
_exptl_crystal.density_meas_temp           ? 
_exptl_crystal.density_meas_temp_esd       ? 
_exptl_crystal.density_meas_temp_gt        ? 
_exptl_crystal.density_meas_temp_lt        ? 
_exptl_crystal.pdbx_crystal_image_url      ? 
_exptl_crystal.pdbx_crystal_image_format   ? 
_exptl_crystal.pdbx_mosaicity              ? 
_exptl_crystal.pdbx_mosaicity_esd          ? 
# 
_exptl_crystal_grow.apparatus       ? 
_exptl_crystal_grow.atmosphere      ? 
_exptl_crystal_grow.crystal_id      1 
_exptl_crystal_grow.details         ? 
_exptl_crystal_grow.method          'VAPOR DIFFUSION, HANGING DROP' 
_exptl_crystal_grow.method_ref      ? 
_exptl_crystal_grow.pH              ? 
_exptl_crystal_grow.pressure        ? 
_exptl_crystal_grow.pressure_esd    ? 
_exptl_crystal_grow.seeding         ? 
_exptl_crystal_grow.seeding_ref     ? 
_exptl_crystal_grow.temp            293 
_exptl_crystal_grow.temp_details    ? 
_exptl_crystal_grow.temp_esd        ? 
_exptl_crystal_grow.time            ? 
_exptl_crystal_grow.pdbx_details    '200 mM Lithium Sulfate monohydrate, 20% w/v PEG3350' 
_exptl_crystal_grow.pdbx_pH_range   '6.0 - 7.0' 
# 
_diffrn.ambient_environment    ? 
_diffrn.ambient_temp           100 
_diffrn.ambient_temp_details   ? 
_diffrn.ambient_temp_esd       ? 
_diffrn.crystal_id             1 
_diffrn.crystal_support        ? 
_diffrn.crystal_treatment      ? 
_diffrn.details                ? 
_diffrn.id                     1 
_diffrn.ambient_pressure       ? 
_diffrn.ambient_pressure_esd   ? 
_diffrn.ambient_pressure_gt    ? 
_diffrn.ambient_pressure_lt    ? 
_diffrn.ambient_temp_gt        ? 
_diffrn.ambient_temp_lt        ? 
# 
_diffrn_detector.details                      ? 
_diffrn_detector.detector                     CCD 
_diffrn_detector.diffrn_id                    1 
_diffrn_detector.type                         'RIGAKU SATURN 944+' 
_diffrn_detector.area_resol_mean              ? 
_diffrn_detector.dtime                        ? 
_diffrn_detector.pdbx_frames_total            ? 
_diffrn_detector.pdbx_collection_time_total   ? 
_diffrn_detector.pdbx_collection_date         2012-04-19 
# 
_diffrn_radiation.collimation                      ? 
_diffrn_radiation.diffrn_id                        1 
_diffrn_radiation.filter_edge                      ? 
_diffrn_radiation.inhomogeneity                    ? 
_diffrn_radiation.monochromator                    ? 
_diffrn_radiation.polarisn_norm                    ? 
_diffrn_radiation.polarisn_ratio                   ? 
_diffrn_radiation.probe                            ? 
_diffrn_radiation.type                             ? 
_diffrn_radiation.xray_symbol                      ? 
_diffrn_radiation.wavelength_id                    1 
_diffrn_radiation.pdbx_monochromatic_or_laue_m_l   M 
_diffrn_radiation.pdbx_wavelength_list             ? 
_diffrn_radiation.pdbx_wavelength                  ? 
_diffrn_radiation.pdbx_diffrn_protocol             'SINGLE WAVELENGTH' 
_diffrn_radiation.pdbx_analyzer                    ? 
_diffrn_radiation.pdbx_scattering_type             x-ray 
# 
_diffrn_radiation_wavelength.id           1 
_diffrn_radiation_wavelength.wavelength   1.5418 
_diffrn_radiation_wavelength.wt           1.0 
# 
_diffrn_source.current                     ? 
_diffrn_source.details                     ? 
_diffrn_source.diffrn_id                   1 
_diffrn_source.power                       ? 
_diffrn_source.size                        ? 
_diffrn_source.source                      'ROTATING ANODE' 
_diffrn_source.target                      ? 
_diffrn_source.type                        'RIGAKU MICROMAX-007 HF' 
_diffrn_source.voltage                     ? 
_diffrn_source.take-off_angle              ? 
_diffrn_source.pdbx_wavelength_list        1.5418 
_diffrn_source.pdbx_wavelength             ? 
_diffrn_source.pdbx_synchrotron_beamline   ? 
_diffrn_source.pdbx_synchrotron_site       ? 
# 
_reflns.B_iso_Wilson_estimate            30.14 
_reflns.entry_id                         4ZLX 
_reflns.data_reduction_details           ? 
_reflns.data_reduction_method            ? 
_reflns.d_resolution_high                2.31 
_reflns.d_resolution_low                 29.9 
_reflns.details                          ? 
_reflns.limit_h_max                      ? 
_reflns.limit_h_min                      ? 
_reflns.limit_k_max                      ? 
_reflns.limit_k_min                      ? 
_reflns.limit_l_max                      ? 
_reflns.limit_l_min                      ? 
_reflns.number_all                       ? 
_reflns.number_obs                       4518 
_reflns.observed_criterion               ? 
_reflns.observed_criterion_F_max         ? 
_reflns.observed_criterion_F_min         ? 
_reflns.observed_criterion_I_max         ? 
_reflns.observed_criterion_I_min         ? 
_reflns.observed_criterion_sigma_F       ? 
_reflns.observed_criterion_sigma_I       ? 
_reflns.percent_possible_obs             97.3 
_reflns.R_free_details                   ? 
_reflns.Rmerge_F_all                     ? 
_reflns.Rmerge_F_obs                     ? 
_reflns.Friedel_coverage                 ? 
_reflns.number_gt                        ? 
_reflns.threshold_expression             ? 
_reflns.pdbx_redundancy                  11.4 
_reflns.pdbx_Rmerge_I_obs                ? 
_reflns.pdbx_Rmerge_I_all                ? 
_reflns.pdbx_Rsym_value                  ? 
_reflns.pdbx_netI_over_av_sigmaI         ? 
_reflns.pdbx_netI_over_sigmaI            57.8 
_reflns.pdbx_res_netI_over_av_sigmaI_2   ? 
_reflns.pdbx_res_netI_over_sigmaI_2      ? 
_reflns.pdbx_chi_squared                 ? 
_reflns.pdbx_scaling_rejects             ? 
_reflns.pdbx_d_res_high_opt              ? 
_reflns.pdbx_d_res_low_opt               ? 
_reflns.pdbx_d_res_opt_method            ? 
_reflns.phase_calculation_details        ? 
_reflns.pdbx_Rrim_I_all                  ? 
_reflns.pdbx_Rpim_I_all                  ? 
_reflns.pdbx_d_opt                       ? 
_reflns.pdbx_number_measured_all         ? 
_reflns.pdbx_diffrn_id                   1 
_reflns.pdbx_ordinal                     1 
_reflns.pdbx_CC_half                     ? 
_reflns.pdbx_R_split                     ? 
# 
_reflns_shell.d_res_high                  2.31 
_reflns_shell.d_res_low                   2.39 
_reflns_shell.meanI_over_sigI_all         ? 
_reflns_shell.meanI_over_sigI_obs         17.9 
_reflns_shell.number_measured_all         ? 
_reflns_shell.number_measured_obs         ? 
_reflns_shell.number_possible             ? 
_reflns_shell.number_unique_all           ? 
_reflns_shell.number_unique_obs           ? 
_reflns_shell.percent_possible_all        86.7 
_reflns_shell.percent_possible_obs        ? 
_reflns_shell.Rmerge_F_all                ? 
_reflns_shell.Rmerge_F_obs                ? 
_reflns_shell.Rmerge_I_all                ? 
_reflns_shell.Rmerge_I_obs                0.13 
_reflns_shell.meanI_over_sigI_gt          ? 
_reflns_shell.meanI_over_uI_all           ? 
_reflns_shell.meanI_over_uI_gt            ? 
_reflns_shell.number_measured_gt          ? 
_reflns_shell.number_unique_gt            ? 
_reflns_shell.percent_possible_gt         ? 
_reflns_shell.Rmerge_F_gt                 ? 
_reflns_shell.Rmerge_I_gt                 ? 
_reflns_shell.pdbx_redundancy             8.8 
_reflns_shell.pdbx_Rsym_value             ? 
_reflns_shell.pdbx_chi_squared            ? 
_reflns_shell.pdbx_netI_over_sigmaI_all   ? 
_reflns_shell.pdbx_netI_over_sigmaI_obs   ? 
_reflns_shell.pdbx_Rrim_I_all             ? 
_reflns_shell.pdbx_Rpim_I_all             ? 
_reflns_shell.pdbx_rejects                ? 
_reflns_shell.pdbx_ordinal                1 
_reflns_shell.pdbx_diffrn_id              1 
_reflns_shell.pdbx_CC_half                ? 
_reflns_shell.pdbx_R_split                ? 
# 
_refine.aniso_B[1][1]                            -0.7423 
_refine.aniso_B[1][2]                            0.0000 
_refine.aniso_B[1][3]                            0.0000 
_refine.aniso_B[2][2]                            -0.7423 
_refine.aniso_B[2][3]                            0.0000 
_refine.aniso_B[3][3]                            1.4845 
_refine.B_iso_max                                ? 
_refine.B_iso_mean                               32.74 
_refine.B_iso_min                                ? 
_refine.correlation_coeff_Fo_to_Fc               0.9335 
_refine.correlation_coeff_Fo_to_Fc_free          0.8965 
_refine.details                                  ? 
_refine.diff_density_max                         ? 
_refine.diff_density_max_esd                     ? 
_refine.diff_density_min                         ? 
_refine.diff_density_min_esd                     ? 
_refine.diff_density_rms                         ? 
_refine.diff_density_rms_esd                     ? 
_refine.entry_id                                 4ZLX 
_refine.pdbx_refine_id                           'X-RAY DIFFRACTION' 
_refine.ls_abs_structure_details                 ? 
_refine.ls_abs_structure_Flack                   ? 
_refine.ls_abs_structure_Flack_esd               ? 
_refine.ls_abs_structure_Rogers                  ? 
_refine.ls_abs_structure_Rogers_esd              ? 
_refine.ls_d_res_high                            2.31 
_refine.ls_d_res_low                             29.86 
_refine.ls_extinction_coef                       ? 
_refine.ls_extinction_coef_esd                   ? 
_refine.ls_extinction_expression                 ? 
_refine.ls_extinction_method                     ? 
_refine.ls_goodness_of_fit_all                   ? 
_refine.ls_goodness_of_fit_all_esd               ? 
_refine.ls_goodness_of_fit_obs                   ? 
_refine.ls_goodness_of_fit_obs_esd               ? 
_refine.ls_hydrogen_treatment                    ? 
_refine.ls_matrix_type                           ? 
_refine.ls_number_constraints                    ? 
_refine.ls_number_parameters                     ? 
_refine.ls_number_reflns_all                     ? 
_refine.ls_number_reflns_obs                     4497 
_refine.ls_number_reflns_R_free                  211 
_refine.ls_number_reflns_R_work                  ? 
_refine.ls_number_restraints                     ? 
_refine.ls_percent_reflns_obs                    97.53 
_refine.ls_percent_reflns_R_free                 5.0 
_refine.ls_R_factor_all                          ? 
_refine.ls_R_factor_obs                          0.1817 
_refine.ls_R_factor_R_free                       0.2452 
_refine.ls_R_factor_R_free_error                 ? 
_refine.ls_R_factor_R_free_error_details         ? 
_refine.ls_R_factor_R_work                       0.1787 
_refine.ls_R_Fsqd_factor_obs                     ? 
_refine.ls_R_I_factor_obs                        ? 
_refine.ls_redundancy_reflns_all                 ? 
_refine.ls_redundancy_reflns_obs                 ? 
_refine.ls_restrained_S_all                      ? 
_refine.ls_restrained_S_obs                      ? 
_refine.ls_shift_over_esd_max                    ? 
_refine.ls_shift_over_esd_mean                   ? 
_refine.ls_structure_factor_coef                 ? 
_refine.ls_weighting_details                     ? 
_refine.ls_weighting_scheme                      ? 
_refine.ls_wR_factor_all                         ? 
_refine.ls_wR_factor_obs                         ? 
_refine.ls_wR_factor_R_free                      ? 
_refine.ls_wR_factor_R_work                      ? 
_refine.occupancy_max                            ? 
_refine.occupancy_min                            ? 
_refine.solvent_model_details                    ? 
_refine.solvent_model_param_bsol                 ? 
_refine.solvent_model_param_ksol                 ? 
_refine.ls_R_factor_gt                           ? 
_refine.ls_goodness_of_fit_gt                    ? 
_refine.ls_goodness_of_fit_ref                   ? 
_refine.ls_shift_over_su_max                     ? 
_refine.ls_shift_over_su_max_lt                  ? 
_refine.ls_shift_over_su_mean                    ? 
_refine.ls_shift_over_su_mean_lt                 ? 
_refine.pdbx_ls_sigma_I                          ? 
_refine.pdbx_ls_sigma_F                          0.0 
_refine.pdbx_ls_sigma_Fsqd                       ? 
_refine.pdbx_data_cutoff_high_absF               ? 
_refine.pdbx_data_cutoff_high_rms_absF           ? 
_refine.pdbx_data_cutoff_low_absF                ? 
_refine.pdbx_isotropic_thermal_model             ? 
_refine.pdbx_ls_cross_valid_method               THROUGHOUT 
_refine.pdbx_method_to_determine_struct          'MOLECULAR REPLACEMENT' 
_refine.pdbx_starting_model                      3HS2 
_refine.pdbx_stereochemistry_target_values       ? 
_refine.pdbx_R_Free_selection_details            RANDOM 
_refine.pdbx_stereochem_target_val_spec_case     ? 
_refine.pdbx_overall_ESU_R                       ? 
_refine.pdbx_overall_ESU_R_Free                  ? 
_refine.pdbx_solvent_vdw_probe_radii             ? 
_refine.pdbx_solvent_ion_probe_radii             ? 
_refine.pdbx_solvent_shrinkage_radii             ? 
_refine.pdbx_real_space_R                        ? 
_refine.pdbx_density_correlation                 ? 
_refine.pdbx_pd_number_of_powder_patterns        ? 
_refine.pdbx_pd_number_of_points                 ? 
_refine.pdbx_pd_meas_number_of_points            ? 
_refine.pdbx_pd_proc_ls_prof_R_factor            ? 
_refine.pdbx_pd_proc_ls_prof_wR_factor           ? 
_refine.pdbx_pd_Marquardt_correlation_coeff      ? 
_refine.pdbx_pd_Fsqrd_R_factor                   ? 
_refine.pdbx_pd_ls_matrix_band_width             ? 
_refine.pdbx_overall_phase_error                 ? 
_refine.pdbx_overall_SU_R_free_Cruickshank_DPI   0.241 
_refine.pdbx_overall_SU_R_free_Blow_DPI          0.240 
_refine.pdbx_overall_SU_R_Blow_DPI               0.338 
_refine.pdbx_TLS_residual_ADP_flag               ? 
_refine.pdbx_diffrn_id                           1 
_refine.overall_SU_B                             ? 
_refine.overall_SU_ML                            ? 
_refine.overall_SU_R_Cruickshank_DPI             0.329 
_refine.overall_SU_R_free                        ? 
_refine.overall_FOM_free_R_set                   ? 
_refine.overall_FOM_work_R_set                   ? 
_refine.pdbx_average_fsc_overall                 ? 
_refine.pdbx_average_fsc_work                    ? 
_refine.pdbx_average_fsc_free                    ? 
# 
_refine_analyze.entry_id                        4ZLX 
_refine_analyze.pdbx_refine_id                  'X-RAY DIFFRACTION' 
_refine_analyze.Luzzati_coordinate_error_free   ? 
_refine_analyze.Luzzati_coordinate_error_obs    0.302 
_refine_analyze.Luzzati_d_res_low_free          ? 
_refine_analyze.Luzzati_d_res_low_obs           ? 
_refine_analyze.Luzzati_sigma_a_free            ? 
_refine_analyze.Luzzati_sigma_a_free_details    ? 
_refine_analyze.Luzzati_sigma_a_obs             ? 
_refine_analyze.Luzzati_sigma_a_obs_details     ? 
_refine_analyze.number_disordered_residues      ? 
_refine_analyze.occupancy_sum_hydrogen          ? 
_refine_analyze.occupancy_sum_non_hydrogen      ? 
_refine_analyze.RG_d_res_high                   ? 
_refine_analyze.RG_d_res_low                    ? 
_refine_analyze.RG_free                         ? 
_refine_analyze.RG_work                         ? 
_refine_analyze.RG_free_work_ratio              ? 
_refine_analyze.pdbx_Luzzati_d_res_high_obs     ? 
# 
_refine_hist.pdbx_refine_id                   'X-RAY DIFFRACTION' 
_refine_hist.cycle_id                         LAST 
_refine_hist.pdbx_number_atoms_protein        715 
_refine_hist.pdbx_number_atoms_nucleic_acid   0 
_refine_hist.pdbx_number_atoms_ligand         20 
_refine_hist.number_atoms_solvent             55 
_refine_hist.number_atoms_total               790 
_refine_hist.d_res_high                       2.31 
_refine_hist.d_res_low                        29.86 
# 
loop_
_refine_ls_restr.pdbx_refine_id 
_refine_ls_restr.criterion 
_refine_ls_restr.dev_ideal 
_refine_ls_restr.dev_ideal_target 
_refine_ls_restr.number 
_refine_ls_restr.rejects 
_refine_ls_restr.type 
_refine_ls_restr.weight 
_refine_ls_restr.pdbx_restraint_function 
'X-RAY DIFFRACTION' ? 0.010 ? 753  ? t_bond_d                  2.00  HARMONIC     
'X-RAY DIFFRACTION' ? 1.19  ? 1013 ? t_angle_deg               2.00  HARMONIC     
'X-RAY DIFFRACTION' ? ?     ? 265  ? t_dihedral_angle_d        2.00  SINUSOIDAL   
'X-RAY DIFFRACTION' ? ?     ? ?    ? t_incorr_chiral_ct        ?     ?            
'X-RAY DIFFRACTION' ? ?     ? ?    ? t_pseud_angle             ?     ?            
'X-RAY DIFFRACTION' ? ?     ? 23   ? t_trig_c_planes           2.00  HARMONIC     
'X-RAY DIFFRACTION' ? ?     ? 111  ? t_gen_planes              5.00  HARMONIC     
'X-RAY DIFFRACTION' ? ?     ? 753  ? t_it                      20.00 HARMONIC     
'X-RAY DIFFRACTION' ? ?     ? ?    ? t_nbd                     ?     ?            
'X-RAY DIFFRACTION' ? 3.20  ? ?    ? t_omega_torsion           ?     ?            
'X-RAY DIFFRACTION' ? 20.27 ? ?    ? t_other_torsion           ?     ?            
'X-RAY DIFFRACTION' ? ?     ? ?    ? t_improper_torsion        ?     ?            
'X-RAY DIFFRACTION' ? ?     ? 100  ? t_chiral_improper_torsion 5.00  SEMIHARMONIC 
'X-RAY DIFFRACTION' ? ?     ? ?    ? t_sum_occupancies         ?     ?            
'X-RAY DIFFRACTION' ? ?     ? ?    ? t_utility_distance        ?     ?            
'X-RAY DIFFRACTION' ? ?     ? ?    ? t_utility_angle           ?     ?            
'X-RAY DIFFRACTION' ? ?     ? ?    ? t_utility_torsion         ?     ?            
'X-RAY DIFFRACTION' ? ?     ? 935  ? t_ideal_dist_contact      4.00  SEMIHARMONIC 
# 
_refine_ls_shell.pdbx_refine_id                   'X-RAY DIFFRACTION' 
_refine_ls_shell.d_res_high                       2.31 
_refine_ls_shell.d_res_low                        2.58 
_refine_ls_shell.number_reflns_all                1232 
_refine_ls_shell.number_reflns_obs                ? 
_refine_ls_shell.number_reflns_R_free             67 
_refine_ls_shell.number_reflns_R_work             1165 
_refine_ls_shell.percent_reflns_obs               97.53 
_refine_ls_shell.percent_reflns_R_free            5.44 
_refine_ls_shell.R_factor_all                     0.1746 
_refine_ls_shell.R_factor_obs                     ? 
_refine_ls_shell.R_factor_R_free                  0.2518 
_refine_ls_shell.R_factor_R_free_error            ? 
_refine_ls_shell.R_factor_R_work                  0.1702 
_refine_ls_shell.redundancy_reflns_all            ? 
_refine_ls_shell.redundancy_reflns_obs            ? 
_refine_ls_shell.wR_factor_all                    ? 
_refine_ls_shell.wR_factor_obs                    ? 
_refine_ls_shell.wR_factor_R_free                 ? 
_refine_ls_shell.wR_factor_R_work                 ? 
_refine_ls_shell.pdbx_total_number_of_bins_used   5 
_refine_ls_shell.pdbx_phase_error                 ? 
_refine_ls_shell.pdbx_fsc_work                    ? 
_refine_ls_shell.pdbx_fsc_free                    ? 
# 
_struct.entry_id                     4ZLX 
_struct.title                        'N-terminal DNA binding domain of the antitoxin Phd from phage P1' 
_struct.pdbx_model_details           ? 
_struct.pdbx_formula_weight          ? 
_struct.pdbx_formula_weight_method   ? 
_struct.pdbx_model_type_details      ? 
_struct.pdbx_CASP_flag               ? 
# 
_struct_keywords.entry_id        4ZLX 
_struct_keywords.text            
'transcription factor, toxin-antitoxin, DNA binding, intrinsic disorder, conditional cooperativity, transcription' 
_struct_keywords.pdbx_keywords   TRANSCRIPTION 
# 
loop_
_struct_asym.id 
_struct_asym.pdbx_blank_PDB_chainid_flag 
_struct_asym.pdbx_modified 
_struct_asym.entity_id 
_struct_asym.details 
A N N 1 ? 
B N N 1 ? 
C N N 2 ? 
D N N 2 ? 
E N N 2 ? 
F N N 2 ? 
G N N 2 ? 
H N N 3 ? 
I N N 3 ? 
# 
_struct_ref.id                         1 
_struct_ref.db_name                    UNP 
_struct_ref.db_code                    PHD_BPP1 
_struct_ref.pdbx_db_accession          Q06253 
_struct_ref.pdbx_db_isoform            ? 
_struct_ref.entity_id                  1 
_struct_ref.pdbx_seq_one_letter_code   MQSINFRTARGNLSEVLNNVEAGEEVEITRRGREPAVIVSKATFE 
_struct_ref.pdbx_align_begin           1 
# 
loop_
_struct_ref_seq.align_id 
_struct_ref_seq.ref_id 
_struct_ref_seq.pdbx_PDB_id_code 
_struct_ref_seq.pdbx_strand_id 
_struct_ref_seq.seq_align_beg 
_struct_ref_seq.pdbx_seq_align_beg_ins_code 
_struct_ref_seq.seq_align_end 
_struct_ref_seq.pdbx_seq_align_end_ins_code 
_struct_ref_seq.pdbx_db_accession 
_struct_ref_seq.db_align_beg 
_struct_ref_seq.pdbx_db_align_beg_ins_code 
_struct_ref_seq.db_align_end 
_struct_ref_seq.pdbx_db_align_end_ins_code 
_struct_ref_seq.pdbx_auth_seq_align_beg 
_struct_ref_seq.pdbx_auth_seq_align_end 
1 1 4ZLX A 1 ? 45 ? Q06253 1 ? 45 ? 1 45 
2 1 4ZLX B 1 ? 45 ? Q06253 1 ? 45 ? 1 45 
# 
loop_
_struct_ref_seq_dif.align_id 
_struct_ref_seq_dif.pdbx_pdb_id_code 
_struct_ref_seq_dif.mon_id 
_struct_ref_seq_dif.pdbx_pdb_strand_id 
_struct_ref_seq_dif.seq_num 
_struct_ref_seq_dif.pdbx_pdb_ins_code 
_struct_ref_seq_dif.pdbx_seq_db_name 
_struct_ref_seq_dif.pdbx_seq_db_accession_code 
_struct_ref_seq_dif.db_mon_id 
_struct_ref_seq_dif.pdbx_seq_db_seq_num 
_struct_ref_seq_dif.details 
_struct_ref_seq_dif.pdbx_auth_seq_num 
_struct_ref_seq_dif.pdbx_ordinal 
1 4ZLX GLU A 46 ? UNP Q06253 ? ? 'expression tag' 46 1  
1 4ZLX TRP A 47 ? UNP Q06253 ? ? 'expression tag' 47 2  
1 4ZLX HIS A 48 ? UNP Q06253 ? ? 'expression tag' 48 3  
1 4ZLX HIS A 49 ? UNP Q06253 ? ? 'expression tag' 49 4  
1 4ZLX HIS A 50 ? UNP Q06253 ? ? 'expression tag' 50 5  
1 4ZLX HIS A 51 ? UNP Q06253 ? ? 'expression tag' 51 6  
1 4ZLX HIS A 52 ? UNP Q06253 ? ? 'expression tag' 52 7  
1 4ZLX HIS A 53 ? UNP Q06253 ? ? 'expression tag' 53 8  
2 4ZLX GLU B 46 ? UNP Q06253 ? ? 'expression tag' 46 9  
2 4ZLX TRP B 47 ? UNP Q06253 ? ? 'expression tag' 47 10 
2 4ZLX HIS B 48 ? UNP Q06253 ? ? 'expression tag' 48 11 
2 4ZLX HIS B 49 ? UNP Q06253 ? ? 'expression tag' 49 12 
2 4ZLX HIS B 50 ? UNP Q06253 ? ? 'expression tag' 50 13 
2 4ZLX HIS B 51 ? UNP Q06253 ? ? 'expression tag' 51 14 
2 4ZLX HIS B 52 ? UNP Q06253 ? ? 'expression tag' 52 15 
2 4ZLX HIS B 53 ? UNP Q06253 ? ? 'expression tag' 53 16 
# 
_pdbx_struct_assembly.id                   1 
_pdbx_struct_assembly.details              author_and_software_defined_assembly 
_pdbx_struct_assembly.method_details       PISA 
_pdbx_struct_assembly.oligomeric_details   dimeric 
_pdbx_struct_assembly.oligomeric_count     2 
# 
loop_
_pdbx_struct_assembly_prop.biol_id 
_pdbx_struct_assembly_prop.type 
_pdbx_struct_assembly_prop.value 
_pdbx_struct_assembly_prop.details 
1 'ABSA (A^2)' 3260 ? 
1 MORE         -15  ? 
1 'SSA (A^2)'  5070 ? 
# 
_pdbx_struct_assembly_gen.assembly_id       1 
_pdbx_struct_assembly_gen.oper_expression   1 
_pdbx_struct_assembly_gen.asym_id_list      A,B,C,D,E,F,G,H,I 
# 
_pdbx_struct_oper_list.id                   1 
_pdbx_struct_oper_list.type                 'identity operation' 
_pdbx_struct_oper_list.name                 1_555 
_pdbx_struct_oper_list.symmetry_operation   x,y,z 
_pdbx_struct_oper_list.matrix[1][1]         1.0000000000 
_pdbx_struct_oper_list.matrix[1][2]         0.0000000000 
_pdbx_struct_oper_list.matrix[1][3]         0.0000000000 
_pdbx_struct_oper_list.vector[1]            0.0000000000 
_pdbx_struct_oper_list.matrix[2][1]         0.0000000000 
_pdbx_struct_oper_list.matrix[2][2]         1.0000000000 
_pdbx_struct_oper_list.matrix[2][3]         0.0000000000 
_pdbx_struct_oper_list.vector[2]            0.0000000000 
_pdbx_struct_oper_list.matrix[3][1]         0.0000000000 
_pdbx_struct_oper_list.matrix[3][2]         0.0000000000 
_pdbx_struct_oper_list.matrix[3][3]         1.0000000000 
_pdbx_struct_oper_list.vector[3]            0.0000000000 
# 
loop_
_struct_conf.conf_type_id 
_struct_conf.id 
_struct_conf.pdbx_PDB_helix_id 
_struct_conf.beg_label_comp_id 
_struct_conf.beg_label_asym_id 
_struct_conf.beg_label_seq_id 
_struct_conf.pdbx_beg_PDB_ins_code 
_struct_conf.end_label_comp_id 
_struct_conf.end_label_asym_id 
_struct_conf.end_label_seq_id 
_struct_conf.pdbx_end_PDB_ins_code 
_struct_conf.beg_auth_comp_id 
_struct_conf.beg_auth_asym_id 
_struct_conf.beg_auth_seq_id 
_struct_conf.end_auth_comp_id 
_struct_conf.end_auth_asym_id 
_struct_conf.end_auth_seq_id 
_struct_conf.pdbx_PDB_helix_class 
_struct_conf.details 
_struct_conf.pdbx_PDB_helix_length 
HELX_P HELX_P1 AA1 PHE A 6  ? ASN A 12 ? PHE A 6  ASN A 12 1 ? 7  
HELX_P HELX_P2 AA2 ASN A 12 ? GLY A 23 ? ASN A 12 GLY A 23 1 ? 12 
HELX_P HELX_P3 AA3 LYS A 41 ? TRP A 47 ? LYS A 41 TRP A 47 1 ? 7  
HELX_P HELX_P4 AA4 PHE B 6  ? ASN B 12 ? PHE B 6  ASN B 12 1 ? 7  
HELX_P HELX_P5 AA5 ASN B 12 ? ALA B 22 ? ASN B 12 ALA B 22 1 ? 11 
HELX_P HELX_P6 AA6 LYS B 41 ? TRP B 47 ? LYS B 41 TRP B 47 1 ? 7  
# 
_struct_conf_type.id          HELX_P 
_struct_conf_type.criteria    ? 
_struct_conf_type.reference   ? 
# 
_struct_sheet.id               AA1 
_struct_sheet.type             ? 
_struct_sheet.number_strands   6 
_struct_sheet.details          ? 
# 
loop_
_struct_sheet_order.sheet_id 
_struct_sheet_order.range_id_1 
_struct_sheet_order.range_id_2 
_struct_sheet_order.offset 
_struct_sheet_order.sense 
AA1 1 2 ? parallel      
AA1 2 3 ? anti-parallel 
AA1 3 4 ? anti-parallel 
AA1 4 5 ? anti-parallel 
AA1 5 6 ? parallel      
# 
loop_
_struct_sheet_range.sheet_id 
_struct_sheet_range.id 
_struct_sheet_range.beg_label_comp_id 
_struct_sheet_range.beg_label_asym_id 
_struct_sheet_range.beg_label_seq_id 
_struct_sheet_range.pdbx_beg_PDB_ins_code 
_struct_sheet_range.end_label_comp_id 
_struct_sheet_range.end_label_asym_id 
_struct_sheet_range.end_label_seq_id 
_struct_sheet_range.pdbx_end_PDB_ins_code 
_struct_sheet_range.beg_auth_comp_id 
_struct_sheet_range.beg_auth_asym_id 
_struct_sheet_range.beg_auth_seq_id 
_struct_sheet_range.end_auth_comp_id 
_struct_sheet_range.end_auth_asym_id 
_struct_sheet_range.end_auth_seq_id 
AA1 1 GLN A 2  ? ASN A 5  ? GLN A 2  ASN A 5  
AA1 2 VAL A 26 ? ARG A 30 ? VAL A 26 ARG A 30 
AA1 3 ARG A 33 ? SER A 40 ? ARG A 33 SER A 40 
AA1 4 ARG B 33 ? SER B 40 ? ARG B 33 SER B 40 
AA1 5 VAL B 26 ? ARG B 30 ? VAL B 26 ARG B 30 
AA1 6 GLN B 2  ? ASN B 5  ? GLN B 2  ASN B 5  
# 
loop_
_pdbx_struct_sheet_hbond.sheet_id 
_pdbx_struct_sheet_hbond.range_id_1 
_pdbx_struct_sheet_hbond.range_id_2 
_pdbx_struct_sheet_hbond.range_1_label_atom_id 
_pdbx_struct_sheet_hbond.range_1_label_comp_id 
_pdbx_struct_sheet_hbond.range_1_label_asym_id 
_pdbx_struct_sheet_hbond.range_1_label_seq_id 
_pdbx_struct_sheet_hbond.range_1_PDB_ins_code 
_pdbx_struct_sheet_hbond.range_1_auth_atom_id 
_pdbx_struct_sheet_hbond.range_1_auth_comp_id 
_pdbx_struct_sheet_hbond.range_1_auth_asym_id 
_pdbx_struct_sheet_hbond.range_1_auth_seq_id 
_pdbx_struct_sheet_hbond.range_2_label_atom_id 
_pdbx_struct_sheet_hbond.range_2_label_comp_id 
_pdbx_struct_sheet_hbond.range_2_label_asym_id 
_pdbx_struct_sheet_hbond.range_2_label_seq_id 
_pdbx_struct_sheet_hbond.range_2_PDB_ins_code 
_pdbx_struct_sheet_hbond.range_2_auth_atom_id 
_pdbx_struct_sheet_hbond.range_2_auth_comp_id 
_pdbx_struct_sheet_hbond.range_2_auth_asym_id 
_pdbx_struct_sheet_hbond.range_2_auth_seq_id 
AA1 1 2 N GLN A 2  ? N GLN A 2  O GLU A 27 ? O GLU A 27 
AA1 2 3 N ILE A 28 ? N ILE A 28 O ALA A 36 ? O ALA A 36 
AA1 3 4 N VAL A 37 ? N VAL A 37 O VAL B 39 ? O VAL B 39 
AA1 4 5 O ILE B 38 ? O ILE B 38 N VAL B 26 ? N VAL B 26 
AA1 5 6 O GLU B 27 ? O GLU B 27 N ILE B 4  ? N ILE B 4  
# 
loop_
_struct_site.id 
_struct_site.pdbx_evidence_code 
_struct_site.pdbx_auth_asym_id 
_struct_site.pdbx_auth_comp_id 
_struct_site.pdbx_auth_seq_id 
_struct_site.pdbx_auth_ins_code 
_struct_site.pdbx_num_residues 
_struct_site.details 
AC1 Software B ACT 101 ? 6 'binding site for residue ACT B 101' 
AC2 Software B ACT 102 ? 4 'binding site for residue ACT B 102' 
AC3 Software B ACT 103 ? 5 'binding site for residue ACT B 103' 
AC4 Software B ACT 104 ? 4 'binding site for residue ACT B 104' 
AC5 Software B ACT 105 ? 3 'binding site for residue ACT B 105' 
# 
loop_
_struct_site_gen.id 
_struct_site_gen.site_id 
_struct_site_gen.pdbx_num_res 
_struct_site_gen.label_comp_id 
_struct_site_gen.label_asym_id 
_struct_site_gen.label_seq_id 
_struct_site_gen.pdbx_auth_ins_code 
_struct_site_gen.auth_comp_id 
_struct_site_gen.auth_asym_id 
_struct_site_gen.auth_seq_id 
_struct_site_gen.label_atom_id 
_struct_site_gen.label_alt_id 
_struct_site_gen.symmetry 
_struct_site_gen.details 
1  AC1 6 ILE A 4  ? ILE A 4   . ? 5_554 ? 
2  AC1 6 THR A 8  ? THR A 8   . ? 5_554 ? 
3  AC1 6 ILE B 4  ? ILE B 4   . ? 1_555 ? 
4  AC1 6 ASN B 19 ? ASN B 19  . ? 1_555 ? 
5  AC1 6 VAL B 26 ? VAL B 26  . ? 1_555 ? 
6  AC1 6 HOH I .  ? HOH B 202 . ? 1_555 ? 
7  AC2 4 ARG A 10 ? ARG A 10  . ? 1_555 ? 
8  AC2 4 GLY B 11 ? GLY B 11  . ? 1_555 ? 
9  AC2 4 LEU B 13 ? LEU B 13  . ? 1_555 ? 
10 AC2 4 SER B 14 ? SER B 14  . ? 1_555 ? 
11 AC3 5 ARG A 7  ? ARG A 7   . ? 5_554 ? 
12 AC3 5 ARG A 10 ? ARG A 10  . ? 5_554 ? 
13 AC3 5 ARG B 7  ? ARG B 7   . ? 1_555 ? 
14 AC3 5 ASN B 12 ? ASN B 12  . ? 1_555 ? 
15 AC3 5 HOH I .  ? HOH B 203 . ? 1_555 ? 
16 AC4 4 SER B 40 ? SER B 40  . ? 1_555 ? 
17 AC4 4 ALA B 42 ? ALA B 42  . ? 1_555 ? 
18 AC4 4 THR B 43 ? THR B 43  . ? 1_555 ? 
19 AC4 4 HOH I .  ? HOH B 201 . ? 1_555 ? 
20 AC5 3 GLU B 21 ? GLU B 21  . ? 5_444 ? 
21 AC5 3 ALA B 22 ? ALA B 22  . ? 5_444 ? 
22 AC5 3 ARG B 33 ? ARG B 33  . ? 1_555 ? 
# 
loop_
_pdbx_refine_tls.id 
_pdbx_refine_tls.pdbx_refine_id 
_pdbx_refine_tls.details 
_pdbx_refine_tls.method 
_pdbx_refine_tls.origin_x 
_pdbx_refine_tls.origin_y 
_pdbx_refine_tls.origin_z 
_pdbx_refine_tls.T[1][1] 
_pdbx_refine_tls.T[1][1]_esd 
_pdbx_refine_tls.T[1][2] 
_pdbx_refine_tls.T[1][2]_esd 
_pdbx_refine_tls.T[1][3] 
_pdbx_refine_tls.T[1][3]_esd 
_pdbx_refine_tls.T[2][2] 
_pdbx_refine_tls.T[2][2]_esd 
_pdbx_refine_tls.T[2][3] 
_pdbx_refine_tls.T[2][3]_esd 
_pdbx_refine_tls.T[3][3] 
_pdbx_refine_tls.T[3][3]_esd 
_pdbx_refine_tls.L[1][1] 
_pdbx_refine_tls.L[1][1]_esd 
_pdbx_refine_tls.L[1][2] 
_pdbx_refine_tls.L[1][2]_esd 
_pdbx_refine_tls.L[1][3] 
_pdbx_refine_tls.L[1][3]_esd 
_pdbx_refine_tls.L[2][2] 
_pdbx_refine_tls.L[2][2]_esd 
_pdbx_refine_tls.L[2][3] 
_pdbx_refine_tls.L[2][3]_esd 
_pdbx_refine_tls.L[3][3] 
_pdbx_refine_tls.L[3][3]_esd 
_pdbx_refine_tls.S[1][1] 
_pdbx_refine_tls.S[1][1]_esd 
_pdbx_refine_tls.S[1][2] 
_pdbx_refine_tls.S[1][2]_esd 
_pdbx_refine_tls.S[1][3] 
_pdbx_refine_tls.S[1][3]_esd 
_pdbx_refine_tls.S[2][1] 
_pdbx_refine_tls.S[2][1]_esd 
_pdbx_refine_tls.S[2][2] 
_pdbx_refine_tls.S[2][2]_esd 
_pdbx_refine_tls.S[2][3] 
_pdbx_refine_tls.S[2][3]_esd 
_pdbx_refine_tls.S[3][1] 
_pdbx_refine_tls.S[3][1]_esd 
_pdbx_refine_tls.S[3][2] 
_pdbx_refine_tls.S[3][2]_esd 
_pdbx_refine_tls.S[3][3] 
_pdbx_refine_tls.S[3][3]_esd 
1 'X-RAY DIFFRACTION' ? refined -0.7470 4.0759  0.6995  0.0754  ? -0.0886 ? 0.0720 ? -0.1350 ? 0.0013 ? -0.1466 ? 1.7752 ? -0.5925 ? -0.8782 ? 5.2246 ? 2.1156 ? 7.0552 ? 0.0521  ? -0.2933 ? 0.3176  ? -0.5522 ? 0.1463 ? -0.0909 ? -0.9539 ? 0.2951 ? -0.1985 ? 
2 'X-RAY DIFFRACTION' ? refined 0.8510  -3.9987 -0.9513 -0.0161 ? -0.0539 ? 0.0371 ? -0.0265 ? 0.0106 ? -0.0057 ? 2.4913 ? 0.3941  ? -1.0195 ? 1.5638 ? 3.5040 ? 8.0154 ? -0.0835 ? -0.1942 ? -0.3382 ? -0.1346 ? 0.3248 ? -0.2442 ? -0.0630 ? 0.8391 ? -0.2414 ? 
# 
loop_
_pdbx_refine_tls_group.id 
_pdbx_refine_tls_group.pdbx_refine_id 
_pdbx_refine_tls_group.refine_tls_id 
_pdbx_refine_tls_group.beg_label_asym_id 
_pdbx_refine_tls_group.beg_label_seq_id 
_pdbx_refine_tls_group.beg_auth_asym_id 
_pdbx_refine_tls_group.beg_auth_seq_id 
_pdbx_refine_tls_group.end_label_asym_id 
_pdbx_refine_tls_group.end_label_seq_id 
_pdbx_refine_tls_group.end_auth_asym_id 
_pdbx_refine_tls_group.end_auth_seq_id 
_pdbx_refine_tls_group.selection 
_pdbx_refine_tls_group.selection_details 
1 'X-RAY DIFFRACTION' 1 ? ? ? ? ? ? ? ? ? '{ A|* }' 
2 'X-RAY DIFFRACTION' 2 ? ? ? ? ? ? ? ? ? '{ B|* }' 
# 
loop_
_pdbx_unobs_or_zero_occ_residues.id 
_pdbx_unobs_or_zero_occ_residues.PDB_model_num 
_pdbx_unobs_or_zero_occ_residues.polymer_flag 
_pdbx_unobs_or_zero_occ_residues.occupancy_flag 
_pdbx_unobs_or_zero_occ_residues.auth_asym_id 
_pdbx_unobs_or_zero_occ_residues.auth_comp_id 
_pdbx_unobs_or_zero_occ_residues.auth_seq_id 
_pdbx_unobs_or_zero_occ_residues.PDB_ins_code 
_pdbx_unobs_or_zero_occ_residues.label_asym_id 
_pdbx_unobs_or_zero_occ_residues.label_comp_id 
_pdbx_unobs_or_zero_occ_residues.label_seq_id 
1  1 Y 1 A HIS 48 ? A HIS 48 
2  1 Y 1 A HIS 49 ? A HIS 49 
3  1 Y 1 A HIS 50 ? A HIS 50 
4  1 Y 1 A HIS 51 ? A HIS 51 
5  1 Y 1 A HIS 52 ? A HIS 52 
6  1 Y 1 A HIS 53 ? A HIS 53 
7  1 Y 1 B HIS 48 ? B HIS 48 
8  1 Y 1 B HIS 49 ? B HIS 49 
9  1 Y 1 B HIS 50 ? B HIS 50 
10 1 Y 1 B HIS 51 ? B HIS 51 
11 1 Y 1 B HIS 52 ? B HIS 52 
12 1 Y 1 B HIS 53 ? B HIS 53 
# 
loop_
_chem_comp_atom.comp_id 
_chem_comp_atom.atom_id 
_chem_comp_atom.type_symbol 
_chem_comp_atom.pdbx_aromatic_flag 
_chem_comp_atom.pdbx_stereo_config 
_chem_comp_atom.pdbx_ordinal 
ACT C    C N N 1   
ACT O    O N N 2   
ACT OXT  O N N 3   
ACT CH3  C N N 4   
ACT H1   H N N 5   
ACT H2   H N N 6   
ACT H3   H N N 7   
ALA N    N N N 8   
ALA CA   C N S 9   
ALA C    C N N 10  
ALA O    O N N 11  
ALA CB   C N N 12  
ALA OXT  O N N 13  
ALA H    H N N 14  
ALA H2   H N N 15  
ALA HA   H N N 16  
ALA HB1  H N N 17  
ALA HB2  H N N 18  
ALA HB3  H N N 19  
ALA HXT  H N N 20  
ARG N    N N N 21  
ARG CA   C N S 22  
ARG C    C N N 23  
ARG O    O N N 24  
ARG CB   C N N 25  
ARG CG   C N N 26  
ARG CD   C N N 27  
ARG NE   N N N 28  
ARG CZ   C N N 29  
ARG NH1  N N N 30  
ARG NH2  N N N 31  
ARG OXT  O N N 32  
ARG H    H N N 33  
ARG H2   H N N 34  
ARG HA   H N N 35  
ARG HB2  H N N 36  
ARG HB3  H N N 37  
ARG HG2  H N N 38  
ARG HG3  H N N 39  
ARG HD2  H N N 40  
ARG HD3  H N N 41  
ARG HE   H N N 42  
ARG HH11 H N N 43  
ARG HH12 H N N 44  
ARG HH21 H N N 45  
ARG HH22 H N N 46  
ARG HXT  H N N 47  
ASN N    N N N 48  
ASN CA   C N S 49  
ASN C    C N N 50  
ASN O    O N N 51  
ASN CB   C N N 52  
ASN CG   C N N 53  
ASN OD1  O N N 54  
ASN ND2  N N N 55  
ASN OXT  O N N 56  
ASN H    H N N 57  
ASN H2   H N N 58  
ASN HA   H N N 59  
ASN HB2  H N N 60  
ASN HB3  H N N 61  
ASN HD21 H N N 62  
ASN HD22 H N N 63  
ASN HXT  H N N 64  
GLN N    N N N 65  
GLN CA   C N S 66  
GLN C    C N N 67  
GLN O    O N N 68  
GLN CB   C N N 69  
GLN CG   C N N 70  
GLN CD   C N N 71  
GLN OE1  O N N 72  
GLN NE2  N N N 73  
GLN OXT  O N N 74  
GLN H    H N N 75  
GLN H2   H N N 76  
GLN HA   H N N 77  
GLN HB2  H N N 78  
GLN HB3  H N N 79  
GLN HG2  H N N 80  
GLN HG3  H N N 81  
GLN HE21 H N N 82  
GLN HE22 H N N 83  
GLN HXT  H N N 84  
GLU N    N N N 85  
GLU CA   C N S 86  
GLU C    C N N 87  
GLU O    O N N 88  
GLU CB   C N N 89  
GLU CG   C N N 90  
GLU CD   C N N 91  
GLU OE1  O N N 92  
GLU OE2  O N N 93  
GLU OXT  O N N 94  
GLU H    H N N 95  
GLU H2   H N N 96  
GLU HA   H N N 97  
GLU HB2  H N N 98  
GLU HB3  H N N 99  
GLU HG2  H N N 100 
GLU HG3  H N N 101 
GLU HE2  H N N 102 
GLU HXT  H N N 103 
GLY N    N N N 104 
GLY CA   C N N 105 
GLY C    C N N 106 
GLY O    O N N 107 
GLY OXT  O N N 108 
GLY H    H N N 109 
GLY H2   H N N 110 
GLY HA2  H N N 111 
GLY HA3  H N N 112 
GLY HXT  H N N 113 
HIS N    N N N 114 
HIS CA   C N S 115 
HIS C    C N N 116 
HIS O    O N N 117 
HIS CB   C N N 118 
HIS CG   C Y N 119 
HIS ND1  N Y N 120 
HIS CD2  C Y N 121 
HIS CE1  C Y N 122 
HIS NE2  N Y N 123 
HIS OXT  O N N 124 
HIS H    H N N 125 
HIS H2   H N N 126 
HIS HA   H N N 127 
HIS HB2  H N N 128 
HIS HB3  H N N 129 
HIS HD1  H N N 130 
HIS HD2  H N N 131 
HIS HE1  H N N 132 
HIS HE2  H N N 133 
HIS HXT  H N N 134 
HOH O    O N N 135 
HOH H1   H N N 136 
HOH H2   H N N 137 
ILE N    N N N 138 
ILE CA   C N S 139 
ILE C    C N N 140 
ILE O    O N N 141 
ILE CB   C N S 142 
ILE CG1  C N N 143 
ILE CG2  C N N 144 
ILE CD1  C N N 145 
ILE OXT  O N N 146 
ILE H    H N N 147 
ILE H2   H N N 148 
ILE HA   H N N 149 
ILE HB   H N N 150 
ILE HG12 H N N 151 
ILE HG13 H N N 152 
ILE HG21 H N N 153 
ILE HG22 H N N 154 
ILE HG23 H N N 155 
ILE HD11 H N N 156 
ILE HD12 H N N 157 
ILE HD13 H N N 158 
ILE HXT  H N N 159 
LEU N    N N N 160 
LEU CA   C N S 161 
LEU C    C N N 162 
LEU O    O N N 163 
LEU CB   C N N 164 
LEU CG   C N N 165 
LEU CD1  C N N 166 
LEU CD2  C N N 167 
LEU OXT  O N N 168 
LEU H    H N N 169 
LEU H2   H N N 170 
LEU HA   H N N 171 
LEU HB2  H N N 172 
LEU HB3  H N N 173 
LEU HG   H N N 174 
LEU HD11 H N N 175 
LEU HD12 H N N 176 
LEU HD13 H N N 177 
LEU HD21 H N N 178 
LEU HD22 H N N 179 
LEU HD23 H N N 180 
LEU HXT  H N N 181 
LYS N    N N N 182 
LYS CA   C N S 183 
LYS C    C N N 184 
LYS O    O N N 185 
LYS CB   C N N 186 
LYS CG   C N N 187 
LYS CD   C N N 188 
LYS CE   C N N 189 
LYS NZ   N N N 190 
LYS OXT  O N N 191 
LYS H    H N N 192 
LYS H2   H N N 193 
LYS HA   H N N 194 
LYS HB2  H N N 195 
LYS HB3  H N N 196 
LYS HG2  H N N 197 
LYS HG3  H N N 198 
LYS HD2  H N N 199 
LYS HD3  H N N 200 
LYS HE2  H N N 201 
LYS HE3  H N N 202 
LYS HZ1  H N N 203 
LYS HZ2  H N N 204 
LYS HZ3  H N N 205 
LYS HXT  H N N 206 
MET N    N N N 207 
MET CA   C N S 208 
MET C    C N N 209 
MET O    O N N 210 
MET CB   C N N 211 
MET CG   C N N 212 
MET SD   S N N 213 
MET CE   C N N 214 
MET OXT  O N N 215 
MET H    H N N 216 
MET H2   H N N 217 
MET HA   H N N 218 
MET HB2  H N N 219 
MET HB3  H N N 220 
MET HG2  H N N 221 
MET HG3  H N N 222 
MET HE1  H N N 223 
MET HE2  H N N 224 
MET HE3  H N N 225 
MET HXT  H N N 226 
PHE N    N N N 227 
PHE CA   C N S 228 
PHE C    C N N 229 
PHE O    O N N 230 
PHE CB   C N N 231 
PHE CG   C Y N 232 
PHE CD1  C Y N 233 
PHE CD2  C Y N 234 
PHE CE1  C Y N 235 
PHE CE2  C Y N 236 
PHE CZ   C Y N 237 
PHE OXT  O N N 238 
PHE H    H N N 239 
PHE H2   H N N 240 
PHE HA   H N N 241 
PHE HB2  H N N 242 
PHE HB3  H N N 243 
PHE HD1  H N N 244 
PHE HD2  H N N 245 
PHE HE1  H N N 246 
PHE HE2  H N N 247 
PHE HZ   H N N 248 
PHE HXT  H N N 249 
PRO N    N N N 250 
PRO CA   C N S 251 
PRO C    C N N 252 
PRO O    O N N 253 
PRO CB   C N N 254 
PRO CG   C N N 255 
PRO CD   C N N 256 
PRO OXT  O N N 257 
PRO H    H N N 258 
PRO HA   H N N 259 
PRO HB2  H N N 260 
PRO HB3  H N N 261 
PRO HG2  H N N 262 
PRO HG3  H N N 263 
PRO HD2  H N N 264 
PRO HD3  H N N 265 
PRO HXT  H N N 266 
SER N    N N N 267 
SER CA   C N S 268 
SER C    C N N 269 
SER O    O N N 270 
SER CB   C N N 271 
SER OG   O N N 272 
SER OXT  O N N 273 
SER H    H N N 274 
SER H2   H N N 275 
SER HA   H N N 276 
SER HB2  H N N 277 
SER HB3  H N N 278 
SER HG   H N N 279 
SER HXT  H N N 280 
THR N    N N N 281 
THR CA   C N S 282 
THR C    C N N 283 
THR O    O N N 284 
THR CB   C N R 285 
THR OG1  O N N 286 
THR CG2  C N N 287 
THR OXT  O N N 288 
THR H    H N N 289 
THR H2   H N N 290 
THR HA   H N N 291 
THR HB   H N N 292 
THR HG1  H N N 293 
THR HG21 H N N 294 
THR HG22 H N N 295 
THR HG23 H N N 296 
THR HXT  H N N 297 
TRP N    N N N 298 
TRP CA   C N S 299 
TRP C    C N N 300 
TRP O    O N N 301 
TRP CB   C N N 302 
TRP CG   C Y N 303 
TRP CD1  C Y N 304 
TRP CD2  C Y N 305 
TRP NE1  N Y N 306 
TRP CE2  C Y N 307 
TRP CE3  C Y N 308 
TRP CZ2  C Y N 309 
TRP CZ3  C Y N 310 
TRP CH2  C Y N 311 
TRP OXT  O N N 312 
TRP H    H N N 313 
TRP H2   H N N 314 
TRP HA   H N N 315 
TRP HB2  H N N 316 
TRP HB3  H N N 317 
TRP HD1  H N N 318 
TRP HE1  H N N 319 
TRP HE3  H N N 320 
TRP HZ2  H N N 321 
TRP HZ3  H N N 322 
TRP HH2  H N N 323 
TRP HXT  H N N 324 
VAL N    N N N 325 
VAL CA   C N S 326 
VAL C    C N N 327 
VAL O    O N N 328 
VAL CB   C N N 329 
VAL CG1  C N N 330 
VAL CG2  C N N 331 
VAL OXT  O N N 332 
VAL H    H N N 333 
VAL H2   H N N 334 
VAL HA   H N N 335 
VAL HB   H N N 336 
VAL HG11 H N N 337 
VAL HG12 H N N 338 
VAL HG13 H N N 339 
VAL HG21 H N N 340 
VAL HG22 H N N 341 
VAL HG23 H N N 342 
VAL HXT  H N N 343 
# 
loop_
_chem_comp_bond.comp_id 
_chem_comp_bond.atom_id_1 
_chem_comp_bond.atom_id_2 
_chem_comp_bond.value_order 
_chem_comp_bond.pdbx_aromatic_flag 
_chem_comp_bond.pdbx_stereo_config 
_chem_comp_bond.pdbx_ordinal 
ACT C   O    doub N N 1   
ACT C   OXT  sing N N 2   
ACT C   CH3  sing N N 3   
ACT CH3 H1   sing N N 4   
ACT CH3 H2   sing N N 5   
ACT CH3 H3   sing N N 6   
ALA N   CA   sing N N 7   
ALA N   H    sing N N 8   
ALA N   H2   sing N N 9   
ALA CA  C    sing N N 10  
ALA CA  CB   sing N N 11  
ALA CA  HA   sing N N 12  
ALA C   O    doub N N 13  
ALA C   OXT  sing N N 14  
ALA CB  HB1  sing N N 15  
ALA CB  HB2  sing N N 16  
ALA CB  HB3  sing N N 17  
ALA OXT HXT  sing N N 18  
ARG N   CA   sing N N 19  
ARG N   H    sing N N 20  
ARG N   H2   sing N N 21  
ARG CA  C    sing N N 22  
ARG CA  CB   sing N N 23  
ARG CA  HA   sing N N 24  
ARG C   O    doub N N 25  
ARG C   OXT  sing N N 26  
ARG CB  CG   sing N N 27  
ARG CB  HB2  sing N N 28  
ARG CB  HB3  sing N N 29  
ARG CG  CD   sing N N 30  
ARG CG  HG2  sing N N 31  
ARG CG  HG3  sing N N 32  
ARG CD  NE   sing N N 33  
ARG CD  HD2  sing N N 34  
ARG CD  HD3  sing N N 35  
ARG NE  CZ   sing N N 36  
ARG NE  HE   sing N N 37  
ARG CZ  NH1  sing N N 38  
ARG CZ  NH2  doub N N 39  
ARG NH1 HH11 sing N N 40  
ARG NH1 HH12 sing N N 41  
ARG NH2 HH21 sing N N 42  
ARG NH2 HH22 sing N N 43  
ARG OXT HXT  sing N N 44  
ASN N   CA   sing N N 45  
ASN N   H    sing N N 46  
ASN N   H2   sing N N 47  
ASN CA  C    sing N N 48  
ASN CA  CB   sing N N 49  
ASN CA  HA   sing N N 50  
ASN C   O    doub N N 51  
ASN C   OXT  sing N N 52  
ASN CB  CG   sing N N 53  
ASN CB  HB2  sing N N 54  
ASN CB  HB3  sing N N 55  
ASN CG  OD1  doub N N 56  
ASN CG  ND2  sing N N 57  
ASN ND2 HD21 sing N N 58  
ASN ND2 HD22 sing N N 59  
ASN OXT HXT  sing N N 60  
GLN N   CA   sing N N 61  
GLN N   H    sing N N 62  
GLN N   H2   sing N N 63  
GLN CA  C    sing N N 64  
GLN CA  CB   sing N N 65  
GLN CA  HA   sing N N 66  
GLN C   O    doub N N 67  
GLN C   OXT  sing N N 68  
GLN CB  CG   sing N N 69  
GLN CB  HB2  sing N N 70  
GLN CB  HB3  sing N N 71  
GLN CG  CD   sing N N 72  
GLN CG  HG2  sing N N 73  
GLN CG  HG3  sing N N 74  
GLN CD  OE1  doub N N 75  
GLN CD  NE2  sing N N 76  
GLN NE2 HE21 sing N N 77  
GLN NE2 HE22 sing N N 78  
GLN OXT HXT  sing N N 79  
GLU N   CA   sing N N 80  
GLU N   H    sing N N 81  
GLU N   H2   sing N N 82  
GLU CA  C    sing N N 83  
GLU CA  CB   sing N N 84  
GLU CA  HA   sing N N 85  
GLU C   O    doub N N 86  
GLU C   OXT  sing N N 87  
GLU CB  CG   sing N N 88  
GLU CB  HB2  sing N N 89  
GLU CB  HB3  sing N N 90  
GLU CG  CD   sing N N 91  
GLU CG  HG2  sing N N 92  
GLU CG  HG3  sing N N 93  
GLU CD  OE1  doub N N 94  
GLU CD  OE2  sing N N 95  
GLU OE2 HE2  sing N N 96  
GLU OXT HXT  sing N N 97  
GLY N   CA   sing N N 98  
GLY N   H    sing N N 99  
GLY N   H2   sing N N 100 
GLY CA  C    sing N N 101 
GLY CA  HA2  sing N N 102 
GLY CA  HA3  sing N N 103 
GLY C   O    doub N N 104 
GLY C   OXT  sing N N 105 
GLY OXT HXT  sing N N 106 
HIS N   CA   sing N N 107 
HIS N   H    sing N N 108 
HIS N   H2   sing N N 109 
HIS CA  C    sing N N 110 
HIS CA  CB   sing N N 111 
HIS CA  HA   sing N N 112 
HIS C   O    doub N N 113 
HIS C   OXT  sing N N 114 
HIS CB  CG   sing N N 115 
HIS CB  HB2  sing N N 116 
HIS CB  HB3  sing N N 117 
HIS CG  ND1  sing Y N 118 
HIS CG  CD2  doub Y N 119 
HIS ND1 CE1  doub Y N 120 
HIS ND1 HD1  sing N N 121 
HIS CD2 NE2  sing Y N 122 
HIS CD2 HD2  sing N N 123 
HIS CE1 NE2  sing Y N 124 
HIS CE1 HE1  sing N N 125 
HIS NE2 HE2  sing N N 126 
HIS OXT HXT  sing N N 127 
HOH O   H1   sing N N 128 
HOH O   H2   sing N N 129 
ILE N   CA   sing N N 130 
ILE N   H    sing N N 131 
ILE N   H2   sing N N 132 
ILE CA  C    sing N N 133 
ILE CA  CB   sing N N 134 
ILE CA  HA   sing N N 135 
ILE C   O    doub N N 136 
ILE C   OXT  sing N N 137 
ILE CB  CG1  sing N N 138 
ILE CB  CG2  sing N N 139 
ILE CB  HB   sing N N 140 
ILE CG1 CD1  sing N N 141 
ILE CG1 HG12 sing N N 142 
ILE CG1 HG13 sing N N 143 
ILE CG2 HG21 sing N N 144 
ILE CG2 HG22 sing N N 145 
ILE CG2 HG23 sing N N 146 
ILE CD1 HD11 sing N N 147 
ILE CD1 HD12 sing N N 148 
ILE CD1 HD13 sing N N 149 
ILE OXT HXT  sing N N 150 
LEU N   CA   sing N N 151 
LEU N   H    sing N N 152 
LEU N   H2   sing N N 153 
LEU CA  C    sing N N 154 
LEU CA  CB   sing N N 155 
LEU CA  HA   sing N N 156 
LEU C   O    doub N N 157 
LEU C   OXT  sing N N 158 
LEU CB  CG   sing N N 159 
LEU CB  HB2  sing N N 160 
LEU CB  HB3  sing N N 161 
LEU CG  CD1  sing N N 162 
LEU CG  CD2  sing N N 163 
LEU CG  HG   sing N N 164 
LEU CD1 HD11 sing N N 165 
LEU CD1 HD12 sing N N 166 
LEU CD1 HD13 sing N N 167 
LEU CD2 HD21 sing N N 168 
LEU CD2 HD22 sing N N 169 
LEU CD2 HD23 sing N N 170 
LEU OXT HXT  sing N N 171 
LYS N   CA   sing N N 172 
LYS N   H    sing N N 173 
LYS N   H2   sing N N 174 
LYS CA  C    sing N N 175 
LYS CA  CB   sing N N 176 
LYS CA  HA   sing N N 177 
LYS C   O    doub N N 178 
LYS C   OXT  sing N N 179 
LYS CB  CG   sing N N 180 
LYS CB  HB2  sing N N 181 
LYS CB  HB3  sing N N 182 
LYS CG  CD   sing N N 183 
LYS CG  HG2  sing N N 184 
LYS CG  HG3  sing N N 185 
LYS CD  CE   sing N N 186 
LYS CD  HD2  sing N N 187 
LYS CD  HD3  sing N N 188 
LYS CE  NZ   sing N N 189 
LYS CE  HE2  sing N N 190 
LYS CE  HE3  sing N N 191 
LYS NZ  HZ1  sing N N 192 
LYS NZ  HZ2  sing N N 193 
LYS NZ  HZ3  sing N N 194 
LYS OXT HXT  sing N N 195 
MET N   CA   sing N N 196 
MET N   H    sing N N 197 
MET N   H2   sing N N 198 
MET CA  C    sing N N 199 
MET CA  CB   sing N N 200 
MET CA  HA   sing N N 201 
MET C   O    doub N N 202 
MET C   OXT  sing N N 203 
MET CB  CG   sing N N 204 
MET CB  HB2  sing N N 205 
MET CB  HB3  sing N N 206 
MET CG  SD   sing N N 207 
MET CG  HG2  sing N N 208 
MET CG  HG3  sing N N 209 
MET SD  CE   sing N N 210 
MET CE  HE1  sing N N 211 
MET CE  HE2  sing N N 212 
MET CE  HE3  sing N N 213 
MET OXT HXT  sing N N 214 
PHE N   CA   sing N N 215 
PHE N   H    sing N N 216 
PHE N   H2   sing N N 217 
PHE CA  C    sing N N 218 
PHE CA  CB   sing N N 219 
PHE CA  HA   sing N N 220 
PHE C   O    doub N N 221 
PHE C   OXT  sing N N 222 
PHE CB  CG   sing N N 223 
PHE CB  HB2  sing N N 224 
PHE CB  HB3  sing N N 225 
PHE CG  CD1  doub Y N 226 
PHE CG  CD2  sing Y N 227 
PHE CD1 CE1  sing Y N 228 
PHE CD1 HD1  sing N N 229 
PHE CD2 CE2  doub Y N 230 
PHE CD2 HD2  sing N N 231 
PHE CE1 CZ   doub Y N 232 
PHE CE1 HE1  sing N N 233 
PHE CE2 CZ   sing Y N 234 
PHE CE2 HE2  sing N N 235 
PHE CZ  HZ   sing N N 236 
PHE OXT HXT  sing N N 237 
PRO N   CA   sing N N 238 
PRO N   CD   sing N N 239 
PRO N   H    sing N N 240 
PRO CA  C    sing N N 241 
PRO CA  CB   sing N N 242 
PRO CA  HA   sing N N 243 
PRO C   O    doub N N 244 
PRO C   OXT  sing N N 245 
PRO CB  CG   sing N N 246 
PRO CB  HB2  sing N N 247 
PRO CB  HB3  sing N N 248 
PRO CG  CD   sing N N 249 
PRO CG  HG2  sing N N 250 
PRO CG  HG3  sing N N 251 
PRO CD  HD2  sing N N 252 
PRO CD  HD3  sing N N 253 
PRO OXT HXT  sing N N 254 
SER N   CA   sing N N 255 
SER N   H    sing N N 256 
SER N   H2   sing N N 257 
SER CA  C    sing N N 258 
SER CA  CB   sing N N 259 
SER CA  HA   sing N N 260 
SER C   O    doub N N 261 
SER C   OXT  sing N N 262 
SER CB  OG   sing N N 263 
SER CB  HB2  sing N N 264 
SER CB  HB3  sing N N 265 
SER OG  HG   sing N N 266 
SER OXT HXT  sing N N 267 
THR N   CA   sing N N 268 
THR N   H    sing N N 269 
THR N   H2   sing N N 270 
THR CA  C    sing N N 271 
THR CA  CB   sing N N 272 
THR CA  HA   sing N N 273 
THR C   O    doub N N 274 
THR C   OXT  sing N N 275 
THR CB  OG1  sing N N 276 
THR CB  CG2  sing N N 277 
THR CB  HB   sing N N 278 
THR OG1 HG1  sing N N 279 
THR CG2 HG21 sing N N 280 
THR CG2 HG22 sing N N 281 
THR CG2 HG23 sing N N 282 
THR OXT HXT  sing N N 283 
TRP N   CA   sing N N 284 
TRP N   H    sing N N 285 
TRP N   H2   sing N N 286 
TRP CA  C    sing N N 287 
TRP CA  CB   sing N N 288 
TRP CA  HA   sing N N 289 
TRP C   O    doub N N 290 
TRP C   OXT  sing N N 291 
TRP CB  CG   sing N N 292 
TRP CB  HB2  sing N N 293 
TRP CB  HB3  sing N N 294 
TRP CG  CD1  doub Y N 295 
TRP CG  CD2  sing Y N 296 
TRP CD1 NE1  sing Y N 297 
TRP CD1 HD1  sing N N 298 
TRP CD2 CE2  doub Y N 299 
TRP CD2 CE3  sing Y N 300 
TRP NE1 CE2  sing Y N 301 
TRP NE1 HE1  sing N N 302 
TRP CE2 CZ2  sing Y N 303 
TRP CE3 CZ3  doub Y N 304 
TRP CE3 HE3  sing N N 305 
TRP CZ2 CH2  doub Y N 306 
TRP CZ2 HZ2  sing N N 307 
TRP CZ3 CH2  sing Y N 308 
TRP CZ3 HZ3  sing N N 309 
TRP CH2 HH2  sing N N 310 
TRP OXT HXT  sing N N 311 
VAL N   CA   sing N N 312 
VAL N   H    sing N N 313 
VAL N   H2   sing N N 314 
VAL CA  C    sing N N 315 
VAL CA  CB   sing N N 316 
VAL CA  HA   sing N N 317 
VAL C   O    doub N N 318 
VAL C   OXT  sing N N 319 
VAL CB  CG1  sing N N 320 
VAL CB  CG2  sing N N 321 
VAL CB  HB   sing N N 322 
VAL CG1 HG11 sing N N 323 
VAL CG1 HG12 sing N N 324 
VAL CG1 HG13 sing N N 325 
VAL CG2 HG21 sing N N 326 
VAL CG2 HG22 sing N N 327 
VAL CG2 HG23 sing N N 328 
VAL OXT HXT  sing N N 329 
# 
_pdbx_initial_refinement_model.id               1 
_pdbx_initial_refinement_model.entity_id_list   ? 
_pdbx_initial_refinement_model.type             'experimental model' 
_pdbx_initial_refinement_model.source_name      PDB 
_pdbx_initial_refinement_model.accession_code   3HS2 
_pdbx_initial_refinement_model.details          ? 
# 
_atom_sites.entry_id                    4ZLX 
_atom_sites.fract_transf_matrix[1][1]   -0.01547051 
_atom_sites.fract_transf_matrix[1][2]   -0.01085011 
_atom_sites.fract_transf_matrix[1][3]   -0.01913281 
_atom_sites.fract_transf_matrix[2][1]   -0.01498636 
_atom_sites.fract_transf_matrix[2][2]   -0.02164181 
_atom_sites.fract_transf_matrix[2][3]   0.00549246 
_atom_sites.fract_transf_matrix[3][1]   -0.00755001 
_atom_sites.fract_transf_matrix[3][2]   0.00592480 
_atom_sites.fract_transf_matrix[3][3]   0.00274490 
_atom_sites.fract_transf_vector[1]      -0.471392 
_atom_sites.fract_transf_vector[2]      0.008238 
_atom_sites.fract_transf_vector[3]      0.076532 
# 
loop_
_atom_type.symbol 
C 
H 
N 
O 
S 
# 
loop_
_atom_site.group_PDB 
_atom_site.id 
_atom_site.type_symbol 
_atom_site.label_atom_id 
_atom_site.label_alt_id 
_atom_site.label_comp_id 
_atom_site.label_asym_id 
_atom_site.label_entity_id 
_atom_site.label_seq_id 
_atom_site.pdbx_PDB_ins_code 
_atom_site.Cartn_x 
_atom_site.Cartn_y 
_atom_site.Cartn_z 
_atom_site.occupancy 
_atom_site.B_iso_or_equiv 
_atom_site.pdbx_formal_charge 
_atom_site.auth_seq_id 
_atom_site.auth_comp_id 
_atom_site.auth_asym_id 
_atom_site.auth_atom_id 
_atom_site.pdbx_PDB_model_num 
ATOM   1   N N   . MET A 1 1  ? 0.565   11.176  8.087   1.00 55.27 ? 1   MET A N   1 
ATOM   2   C CA  . MET A 1 1  ? -0.485  10.277  7.625   1.00 52.36 ? 1   MET A CA  1 
ATOM   3   C C   . MET A 1 1  ? -1.517  10.942  6.689   1.00 53.51 ? 1   MET A C   1 
ATOM   4   O O   . MET A 1 1  ? -2.489  11.554  7.135   1.00 54.00 ? 1   MET A O   1 
ATOM   5   C CB  . MET A 1 1  ? -1.155  9.544   8.802   1.00 54.01 ? 1   MET A CB  1 
ATOM   6   C CG  . MET A 1 1  ? -2.186  8.501   8.381   1.00 55.93 ? 1   MET A CG  1 
ATOM   7   S SD  . MET A 1 1  ? -1.494  6.927   7.821   1.00 58.18 ? 1   MET A SD  1 
ATOM   8   C CE  . MET A 1 1  ? -2.653  5.843   8.537   1.00 53.70 ? 1   MET A CE  1 
ATOM   9   N N   . GLN A 1 2  ? -1.303  10.771  5.383   1.00 46.65 ? 2   GLN A N   1 
ATOM   10  C CA  . GLN A 1 2  ? -2.207  11.243  4.339   1.00 44.38 ? 2   GLN A CA  1 
ATOM   11  C C   . GLN A 1 2  ? -3.249  10.150  4.068   1.00 39.54 ? 2   GLN A C   1 
ATOM   12  O O   . GLN A 1 2  ? -2.992  8.966   4.313   1.00 35.19 ? 2   GLN A O   1 
ATOM   13  C CB  . GLN A 1 2  ? -1.427  11.578  3.061   1.00 46.37 ? 2   GLN A CB  1 
ATOM   14  C CG  . GLN A 1 2  ? -0.601  12.856  3.183   1.00 60.06 ? 2   GLN A CG  1 
ATOM   15  N N   . SER A 1 3  ? -4.436  10.562  3.612   1.00 33.56 ? 3   SER A N   1 
ATOM   16  C CA  . SER A 1 3  ? -5.526  9.661   3.271   1.00 30.31 ? 3   SER A CA  1 
ATOM   17  C C   . SER A 1 3  ? -6.061  9.964   1.861   1.00 32.67 ? 3   SER A C   1 
ATOM   18  O O   . SER A 1 3  ? -6.277  11.129  1.502   1.00 35.82 ? 3   SER A O   1 
ATOM   19  C CB  . SER A 1 3  ? -6.638  9.725   4.314   1.00 32.02 ? 3   SER A CB  1 
ATOM   20  O OG  . SER A 1 3  ? -7.682  8.818   4.000   1.00 37.53 ? 3   SER A OG  1 
ATOM   21  N N   . ILE A 1 4  ? -6.228  8.914   1.057   1.00 24.73 ? 4   ILE A N   1 
ATOM   22  C CA  . ILE A 1 4  ? -6.761  9.002   -0.308  1.00 25.44 ? 4   ILE A CA  1 
ATOM   23  C C   . ILE A 1 4  ? -7.794  7.903   -0.521  1.00 27.87 ? 4   ILE A C   1 
ATOM   24  O O   . ILE A 1 4  ? -7.785  6.919   0.215   1.00 26.16 ? 4   ILE A O   1 
ATOM   25  C CB  . ILE A 1 4  ? -5.678  9.037   -1.433  1.00 27.33 ? 4   ILE A CB  1 
ATOM   26  C CG1 . ILE A 1 4  ? -4.777  7.781   -1.401  1.00 24.11 ? 4   ILE A CG1 1 
ATOM   27  C CG2 . ILE A 1 4  ? -4.888  10.375  -1.436  1.00 27.68 ? 4   ILE A CG2 1 
ATOM   28  C CD1 . ILE A 1 4  ? -3.765  7.679   -2.449  1.00 28.14 ? 4   ILE A CD1 1 
ATOM   29  N N   . ASN A 1 5  ? -8.673  8.065   -1.508  1.00 24.79 ? 5   ASN A N   1 
ATOM   30  C CA  . ASN A 1 5  ? -9.685  7.046   -1.809  1.00 23.72 ? 5   ASN A CA  1 
ATOM   31  C C   . ASN A 1 5  ? -9.118  6.012   -2.807  1.00 24.89 ? 5   ASN A C   1 
ATOM   32  O O   . ASN A 1 5  ? -8.009  6.190   -3.328  1.00 24.09 ? 5   ASN A O   1 
ATOM   33  C CB  . ASN A 1 5  ? -11.005 7.691   -2.296  1.00 24.22 ? 5   ASN A CB  1 
ATOM   34  C CG  . ASN A 1 5  ? -10.880 8.584   -3.512  1.00 34.26 ? 5   ASN A CG  1 
ATOM   35  O OD1 . ASN A 1 5  ? -9.982  8.429   -4.338  1.00 29.44 ? 5   ASN A OD1 1 
ATOM   36  N ND2 . ASN A 1 5  ? -11.821 9.502   -3.686  1.00 23.21 ? 5   ASN A ND2 1 
ATOM   37  N N   . PHE A 1 6  ? -9.859  4.923   -3.049  1.00 19.77 ? 6   PHE A N   1 
ATOM   38  C CA  . PHE A 1 6  ? -9.417  3.859   -3.945  1.00 17.28 ? 6   PHE A CA  1 
ATOM   39  C C   . PHE A 1 6  ? -9.136  4.324   -5.379  1.00 23.57 ? 6   PHE A C   1 
ATOM   40  O O   . PHE A 1 6  ? -8.125  3.906   -5.958  1.00 22.97 ? 6   PHE A O   1 
ATOM   41  C CB  . PHE A 1 6  ? -10.425 2.704   -3.937  1.00 18.33 ? 6   PHE A CB  1 
ATOM   42  C CG  . PHE A 1 6  ? -10.142 1.633   -4.957  1.00 18.30 ? 6   PHE A CG  1 
ATOM   43  C CD1 . PHE A 1 6  ? -9.167  0.665   -4.721  1.00 19.94 ? 6   PHE A CD1 1 
ATOM   44  C CD2 . PHE A 1 6  ? -10.870 1.567   -6.139  1.00 21.79 ? 6   PHE A CD2 1 
ATOM   45  C CE1 . PHE A 1 6  ? -8.909  -0.341  -5.669  1.00 19.99 ? 6   PHE A CE1 1 
ATOM   46  C CE2 . PHE A 1 6  ? -10.607 0.568   -7.091  1.00 24.76 ? 6   PHE A CE2 1 
ATOM   47  C CZ  . PHE A 1 6  ? -9.636  -0.379  -6.849  1.00 20.42 ? 6   PHE A CZ  1 
ATOM   48  N N   . ARG A 1 7  ? -10.049 5.126   -5.970  1.00 23.03 ? 7   ARG A N   1 
ATOM   49  C CA  . ARG A 1 7  ? -9.921  5.618   -7.359  1.00 25.41 ? 7   ARG A CA  1 
ATOM   50  C C   . ARG A 1 7  ? -8.681  6.531   -7.502  1.00 29.59 ? 7   ARG A C   1 
ATOM   51  O O   . ARG A 1 7  ? -7.968  6.407   -8.492  1.00 29.83 ? 7   ARG A O   1 
ATOM   52  C CB  . ARG A 1 7  ? -11.211 6.317   -7.847  1.00 31.18 ? 7   ARG A CB  1 
ATOM   53  C CG  . ARG A 1 7  ? -12.526 5.627   -7.424  1.00 47.71 ? 7   ARG A CG  1 
ATOM   54  N N   . THR A 1 8  ? -8.368  7.362   -6.467  1.00 25.91 ? 8   THR A N   1 
ATOM   55  C CA  . THR A 1 8  ? -7.149  8.190   -6.442  1.00 25.73 ? 8   THR A CA  1 
ATOM   56  C C   . THR A 1 8  ? -5.914  7.283   -6.358  1.00 27.37 ? 8   THR A C   1 
ATOM   57  O O   . THR A 1 8  ? -4.967  7.532   -7.097  1.00 26.61 ? 8   THR A O   1 
ATOM   58  C CB  . THR A 1 8  ? -7.163  9.221   -5.295  1.00 27.17 ? 8   THR A CB  1 
ATOM   59  O OG1 . THR A 1 8  ? -8.298  10.063  -5.461  1.00 33.11 ? 8   THR A OG1 1 
ATOM   60  C CG2 . THR A 1 8  ? -5.914  10.088  -5.266  1.00 26.52 ? 8   THR A CG2 1 
ATOM   61  N N   . ALA A 1 9  ? -5.910  6.262   -5.440  1.00 21.44 ? 9   ALA A N   1 
ATOM   62  C CA  . ALA A 1 9  ? -4.787  5.318   -5.327  1.00 20.06 ? 9   ALA A CA  1 
ATOM   63  C C   . ALA A 1 9  ? -4.550  4.602   -6.677  1.00 26.23 ? 9   ALA A C   1 
ATOM   64  O O   . ALA A 1 9  ? -3.430  4.607   -7.174  1.00 27.15 ? 9   ALA A O   1 
ATOM   65  C CB  . ALA A 1 9  ? -5.063  4.285   -4.237  1.00 18.04 ? 9   ALA A CB  1 
ATOM   66  N N   . ARG A 1 10 ? -5.611  4.048   -7.289  1.00 23.62 ? 10  ARG A N   1 
ATOM   67  C CA  . ARG A 1 10 ? -5.534  3.331   -8.571  1.00 24.61 ? 10  ARG A CA  1 
ATOM   68  C C   . ARG A 1 10 ? -5.028  4.177   -9.751  1.00 30.30 ? 10  ARG A C   1 
ATOM   69  O O   . ARG A 1 10 ? -4.109  3.749   -10.457 1.00 30.07 ? 10  ARG A O   1 
ATOM   70  C CB  . ARG A 1 10 ? -6.901  2.707   -8.893  1.00 28.15 ? 10  ARG A CB  1 
ATOM   71  C CG  . ARG A 1 10 ? -6.876  1.510   -9.829  1.00 37.68 ? 10  ARG A CG  1 
ATOM   72  C CD  . ARG A 1 10 ? -7.699  1.794   -11.071 1.00 53.64 ? 10  ARG A CD  1 
ATOM   73  N NE  . ARG A 1 10 ? -9.147  1.790   -10.831 1.00 65.92 ? 10  ARG A NE  1 
ATOM   74  C CZ  . ARG A 1 10 ? -9.914  2.876   -10.777 1.00 84.20 ? 10  ARG A CZ  1 
ATOM   75  N NH1 . ARG A 1 10 ? -9.378  4.086   -10.915 1.00 76.10 ? 10  ARG A NH1 1 
ATOM   76  N NH2 . ARG A 1 10 ? -11.219 2.765   -10.573 1.00 71.09 ? 10  ARG A NH2 1 
ATOM   77  N N   . GLY A 1 11 ? -5.648  5.341   -9.971  1.00 28.50 ? 11  GLY A N   1 
ATOM   78  C CA  . GLY A 1 11 ? -5.304  6.241   -11.073 1.00 30.03 ? 11  GLY A CA  1 
ATOM   79  C C   . GLY A 1 11 ? -3.973  6.954   -10.897 1.00 32.87 ? 11  GLY A C   1 
ATOM   80  O O   . GLY A 1 11 ? -3.359  7.352   -11.882 1.00 33.29 ? 11  GLY A O   1 
ATOM   81  N N   . ASN A 1 12 ? -3.492  7.088   -9.636  1.00 28.95 ? 12  ASN A N   1 
ATOM   82  C CA  . ASN A 1 12 ? -2.234  7.780   -9.340  1.00 30.11 ? 12  ASN A CA  1 
ATOM   83  C C   . ASN A 1 12 ? -1.189  6.989   -8.558  1.00 31.38 ? 12  ASN A C   1 
ATOM   84  O O   . ASN A 1 12 ? -0.346  7.597   -7.874  1.00 30.42 ? 12  ASN A O   1 
ATOM   85  C CB  . ASN A 1 12 ? -2.526  9.107   -8.664  1.00 34.01 ? 12  ASN A CB  1 
ATOM   86  C CG  . ASN A 1 12 ? -2.381  10.235  -9.604  1.00 69.28 ? 12  ASN A CG  1 
ATOM   87  O OD1 . ASN A 1 12 ? -1.273  10.648  -9.940  1.00 74.28 ? 12  ASN A OD1 1 
ATOM   88  N ND2 . ASN A 1 12 ? -3.503  10.698  -10.108 1.00 66.91 ? 12  ASN A ND2 1 
ATOM   89  N N   . LEU A 1 13 ? -1.193  5.646   -8.706  1.00 26.76 ? 13  LEU A N   1 
ATOM   90  C CA  . LEU A 1 13 ? -0.277  4.760   -7.967  1.00 24.86 ? 13  LEU A CA  1 
ATOM   91  C C   . LEU A 1 13 ? 1.212   5.098   -8.004  1.00 29.20 ? 13  LEU A C   1 
ATOM   92  O O   . LEU A 1 13 ? 1.862   5.066   -6.964  1.00 27.57 ? 13  LEU A O   1 
ATOM   93  C CB  . LEU A 1 13 ? -0.526  3.284   -8.290  1.00 22.88 ? 13  LEU A CB  1 
ATOM   94  C CG  . LEU A 1 13 ? -0.040  2.292   -7.238  1.00 24.51 ? 13  LEU A CG  1 
ATOM   95  C CD1 . LEU A 1 13 ? -0.637  2.615   -5.829  1.00 22.44 ? 13  LEU A CD1 1 
ATOM   96  C CD2 . LEU A 1 13 ? -0.294  0.841   -7.693  1.00 21.66 ? 13  LEU A CD2 1 
ATOM   97  N N   . SER A 1 14 ? 1.743   5.396   -9.186  1.00 28.68 ? 14  SER A N   1 
ATOM   98  C CA  . SER A 1 14 ? 3.148   5.762   -9.378  1.00 30.90 ? 14  SER A CA  1 
ATOM   99  C C   . SER A 1 14 ? 3.546   6.947   -8.484  1.00 35.11 ? 14  SER A C   1 
ATOM   100 O O   . SER A 1 14 ? 4.560   6.875   -7.794  1.00 34.25 ? 14  SER A O   1 
ATOM   101 C CB  . SER A 1 14 ? 3.402   6.100   -10.843 1.00 37.33 ? 14  SER A CB  1 
ATOM   102 O OG  . SER A 1 14 ? 4.780   5.963   -11.142 1.00 49.10 ? 14  SER A OG  1 
ATOM   103 N N   . GLU A 1 15 ? 2.728   8.015   -8.468  1.00 32.80 ? 15  GLU A N   1 
ATOM   104 C CA  . GLU A 1 15 ? 2.991   9.187   -7.636  1.00 33.56 ? 15  GLU A CA  1 
ATOM   105 C C   . GLU A 1 15 ? 2.788   8.876   -6.159  1.00 33.42 ? 15  GLU A C   1 
ATOM   106 O O   . GLU A 1 15 ? 3.590   9.307   -5.329  1.00 32.67 ? 15  GLU A O   1 
ATOM   107 C CB  . GLU A 1 15 ? 2.182   10.416  -8.086  1.00 37.29 ? 15  GLU A CB  1 
ATOM   108 C CG  . GLU A 1 15 ? 2.745   11.094  -9.329  1.00 49.75 ? 15  GLU A CG  1 
ATOM   109 C CD  . GLU A 1 15 ? 4.161   11.649  -9.262  1.00 71.52 ? 15  GLU A CD  1 
ATOM   110 O OE1 . GLU A 1 15 ? 4.712   11.774  -8.141  1.00 51.74 ? 15  GLU A OE1 1 
ATOM   111 O OE2 . GLU A 1 15 ? 4.713   11.981  -10.338 1.00 70.68 ? 15  GLU A OE2 1 
ATOM   112 N N   . VAL A 1 16 ? 1.747   8.091   -5.841  1.00 27.25 ? 16  VAL A N   1 
ATOM   113 C CA  . VAL A 1 16 ? 1.464   7.647   -4.480  1.00 24.37 ? 16  VAL A CA  1 
ATOM   114 C C   . VAL A 1 16 ? 2.706   6.927   -3.912  1.00 28.99 ? 16  VAL A C   1 
ATOM   115 O O   . VAL A 1 16 ? 3.181   7.287   -2.835  1.00 30.40 ? 16  VAL A O   1 
ATOM   116 C CB  . VAL A 1 16 ? 0.162   6.790   -4.418  1.00 25.25 ? 16  VAL A CB  1 
ATOM   117 C CG1 . VAL A 1 16 ? 0.011   6.071   -3.080  1.00 21.96 ? 16  VAL A CG1 1 
ATOM   118 C CG2 . VAL A 1 16 ? -1.054  7.660   -4.697  1.00 26.68 ? 16  VAL A CG2 1 
ATOM   119 N N   . LEU A 1 17 ? 3.267   5.981   -4.677  1.00 24.30 ? 17  LEU A N   1 
ATOM   120 C CA  . LEU A 1 17 ? 4.464   5.235   -4.292  1.00 24.31 ? 17  LEU A CA  1 
ATOM   121 C C   . LEU A 1 17 ? 5.710   6.117   -4.213  1.00 31.78 ? 17  LEU A C   1 
ATOM   122 O O   . LEU A 1 17 ? 6.651   5.779   -3.487  1.00 33.61 ? 17  LEU A O   1 
ATOM   123 C CB  . LEU A 1 17 ? 4.691   4.026   -5.232  1.00 23.58 ? 17  LEU A CB  1 
ATOM   124 C CG  . LEU A 1 17 ? 3.600   2.924   -5.261  1.00 24.83 ? 17  LEU A CG  1 
ATOM   125 C CD1 . LEU A 1 17 ? 4.061   1.717   -6.131  1.00 24.58 ? 17  LEU A CD1 1 
ATOM   126 C CD2 . LEU A 1 17 ? 3.236   2.443   -3.876  1.00 20.81 ? 17  LEU A CD2 1 
ATOM   127 N N   . ASN A 1 18 ? 5.736   7.233   -4.964  1.00 28.88 ? 18  ASN A N   1 
ATOM   128 C CA  . ASN A 1 18 ? 6.830   8.187   -4.863  1.00 32.03 ? 18  ASN A CA  1 
ATOM   129 C C   . ASN A 1 18 ? 6.756   8.895   -3.525  1.00 35.86 ? 18  ASN A C   1 
ATOM   130 O O   . ASN A 1 18 ? 7.789   9.024   -2.876  1.00 36.53 ? 18  ASN A O   1 
ATOM   131 C CB  . ASN A 1 18 ? 6.830   9.193   -6.015  1.00 35.57 ? 18  ASN A CB  1 
ATOM   132 C CG  . ASN A 1 18 ? 7.293   8.592   -7.322  1.00 48.95 ? 18  ASN A CG  1 
ATOM   133 O OD1 . ASN A 1 18 ? 7.980   7.565   -7.373  1.00 35.39 ? 18  ASN A OD1 1 
ATOM   134 N ND2 . ASN A 1 18 ? 6.918   9.219   -8.409  1.00 44.99 ? 18  ASN A ND2 1 
ATOM   135 N N   . ASN A 1 19 ? 5.526   9.282   -3.074  1.00 32.61 ? 19  ASN A N   1 
ATOM   136 C CA  . ASN A 1 19 ? 5.305   9.964   -1.783  1.00 33.70 ? 19  ASN A CA  1 
ATOM   137 C C   . ASN A 1 19 ? 5.732   9.058   -0.639  1.00 36.50 ? 19  ASN A C   1 
ATOM   138 O O   . ASN A 1 19 ? 6.438   9.512   0.260   1.00 40.90 ? 19  ASN A O   1 
ATOM   139 C CB  . ASN A 1 19 ? 3.841   10.403  -1.598  1.00 33.33 ? 19  ASN A CB  1 
ATOM   140 C CG  . ASN A 1 19 ? 3.282   11.293  -2.683  1.00 50.01 ? 19  ASN A CG  1 
ATOM   141 O OD1 . ASN A 1 19 ? 3.979   12.099  -3.291  1.00 39.26 ? 19  ASN A OD1 1 
ATOM   142 N ND2 . ASN A 1 19 ? 1.985   11.185  -2.925  1.00 47.73 ? 19  ASN A ND2 1 
ATOM   143 N N   . VAL A 1 20 ? 5.382   7.763   -0.731  1.00 26.49 ? 20  VAL A N   1 
ATOM   144 C CA  . VAL A 1 20 ? 5.725   6.726   0.240   1.00 23.56 ? 20  VAL A CA  1 
ATOM   145 C C   . VAL A 1 20 ? 7.253   6.534   0.367   1.00 30.61 ? 20  VAL A C   1 
ATOM   146 O O   . VAL A 1 20 ? 7.782   6.489   1.479   1.00 30.40 ? 20  VAL A O   1 
ATOM   147 C CB  . VAL A 1 20 ? 4.956   5.428   -0.110  1.00 23.53 ? 20  VAL A CB  1 
ATOM   148 C CG1 . VAL A 1 20 ? 5.592   4.184   0.499   1.00 22.22 ? 20  VAL A CG1 1 
ATOM   149 C CG2 . VAL A 1 20 ? 3.499   5.545   0.301   1.00 21.29 ? 20  VAL A CG2 1 
ATOM   150 N N   . GLU A 1 21 ? 7.950   6.435   -0.769  1.00 28.39 ? 21  GLU A N   1 
ATOM   151 C CA  . GLU A 1 21 ? 9.393   6.261   -0.826  1.00 32.17 ? 21  GLU A CA  1 
ATOM   152 C C   . GLU A 1 21 ? 10.171  7.352   -0.010  1.00 42.98 ? 21  GLU A C   1 
ATOM   153 O O   . GLU A 1 21 ? 11.131  7.041   0.720   1.00 42.84 ? 21  GLU A O   1 
ATOM   154 C CB  . GLU A 1 21 ? 9.802   6.310   -2.293  1.00 34.79 ? 21  GLU A CB  1 
ATOM   155 C CG  . GLU A 1 21 ? 11.280  6.463   -2.473  1.00 42.82 ? 21  GLU A CG  1 
ATOM   156 C CD  . GLU A 1 21 ? 11.814  6.006   -3.802  1.00 36.24 ? 21  GLU A CD  1 
ATOM   157 O OE1 . GLU A 1 21 ? 12.919  6.460   -4.150  1.00 38.43 ? 21  GLU A OE1 1 
ATOM   158 O OE2 . GLU A 1 21 ? 11.182  5.152   -4.457  1.00 30.31 ? 21  GLU A OE2 1 
ATOM   159 N N   . ALA A 1 22 ? 9.725   8.613   -0.160  1.00 43.19 ? 22  ALA A N   1 
ATOM   160 C CA  . ALA A 1 22 ? 10.258  9.804   0.482   1.00 48.60 ? 22  ALA A CA  1 
ATOM   161 C C   . ALA A 1 22 ? 10.159  9.746   2.031   1.00 53.59 ? 22  ALA A C   1 
ATOM   162 O O   . ALA A 1 22 ? 11.061  10.245  2.716   1.00 55.41 ? 22  ALA A O   1 
ATOM   163 C CB  . ALA A 1 22 ? 9.523   11.025  -0.047  1.00 50.80 ? 22  ALA A CB  1 
ATOM   164 N N   . GLY A 1 23 ? 9.080   9.132   2.543   1.00 47.67 ? 23  GLY A N   1 
ATOM   165 C CA  . GLY A 1 23 ? 8.831   8.964   3.972   1.00 47.51 ? 23  GLY A CA  1 
ATOM   166 C C   . GLY A 1 23 ? 7.374   8.979   4.404   1.00 48.63 ? 23  GLY A C   1 
ATOM   167 O O   . GLY A 1 23 ? 7.056   8.541   5.517   1.00 47.58 ? 23  GLY A O   1 
ATOM   168 N N   . GLU A 1 24 ? 6.487   9.493   3.533   1.00 43.59 ? 24  GLU A N   1 
ATOM   169 C CA  . GLU A 1 24 ? 5.041   9.604   3.758   1.00 41.07 ? 24  GLU A CA  1 
ATOM   170 C C   . GLU A 1 24 ? 4.345   8.225   3.933   1.00 37.66 ? 24  GLU A C   1 
ATOM   171 O O   . GLU A 1 24 ? 4.767   7.236   3.332   1.00 34.55 ? 24  GLU A O   1 
ATOM   172 C CB  . GLU A 1 24 ? 4.412   10.413  2.600   1.00 43.57 ? 24  GLU A CB  1 
ATOM   173 C CG  . GLU A 1 24 ? 2.949   10.790  2.766   1.00 57.54 ? 24  GLU A CG  1 
ATOM   174 C CD  . GLU A 1 24 ? 2.391   11.652  1.650   1.00 89.27 ? 24  GLU A CD  1 
ATOM   175 O OE1 . GLU A 1 24 ? 2.792   12.836  1.551   1.00 88.49 ? 24  GLU A OE1 1 
ATOM   176 O OE2 . GLU A 1 24 ? 1.520   11.157  0.899   1.00 86.21 ? 24  GLU A OE2 1 
ATOM   177 N N   . GLU A 1 25 ? 3.310   8.177   4.797   1.00 32.11 ? 25  GLU A N   1 
ATOM   178 C CA  . GLU A 1 25 ? 2.457   6.996   5.074   1.00 28.33 ? 25  GLU A CA  1 
ATOM   179 C C   . GLU A 1 25 ? 1.064   7.341   4.562   1.00 31.14 ? 25  GLU A C   1 
ATOM   180 O O   . GLU A 1 25 ? 0.468   8.349   4.966   1.00 31.81 ? 25  GLU A O   1 
ATOM   181 C CB  . GLU A 1 25 ? 2.435   6.629   6.559   1.00 29.00 ? 25  GLU A CB  1 
ATOM   182 C CG  . GLU A 1 25 ? 3.809   6.244   7.089   1.00 40.64 ? 25  GLU A CG  1 
ATOM   183 C CD  . GLU A 1 25 ? 3.879   5.927   8.571   1.00 55.17 ? 25  GLU A CD  1 
ATOM   184 O OE1 . GLU A 1 25 ? 3.447   6.773   9.384   1.00 41.89 ? 25  GLU A OE1 1 
ATOM   185 O OE2 . GLU A 1 25 ? 4.401   4.847   8.921   1.00 48.51 ? 25  GLU A OE2 1 
ATOM   186 N N   . VAL A 1 26 ? 0.594   6.554   3.599   1.00 25.70 ? 26  VAL A N   1 
ATOM   187 C CA  . VAL A 1 26 ? -0.649  6.809   2.888   1.00 24.28 ? 26  VAL A CA  1 
ATOM   188 C C   . VAL A 1 26 ? -1.697  5.752   3.203   1.00 24.69 ? 26  VAL A C   1 
ATOM   189 O O   . VAL A 1 26 ? -1.528  4.573   2.890   1.00 22.44 ? 26  VAL A O   1 
ATOM   190 C CB  . VAL A 1 26 ? -0.398  6.914   1.350   1.00 28.04 ? 26  VAL A CB  1 
ATOM   191 C CG1 . VAL A 1 26 ? -1.668  7.292   0.606   1.00 27.72 ? 26  VAL A CG1 1 
ATOM   192 C CG2 . VAL A 1 26 ? 0.727   7.893   1.026   1.00 30.51 ? 26  VAL A CG2 1 
ATOM   193 N N   . GLU A 1 27 ? -2.812  6.206   3.732   1.00 20.22 ? 27  GLU A N   1 
ATOM   194 C CA  . GLU A 1 27 ? -3.953  5.361   4.000   1.00 18.40 ? 27  GLU A CA  1 
ATOM   195 C C   . GLU A 1 27 ? -4.888  5.381   2.762   1.00 21.76 ? 27  GLU A C   1 
ATOM   196 O O   . GLU A 1 27 ? -5.131  6.446   2.184   1.00 22.42 ? 27  GLU A O   1 
ATOM   197 C CB  . GLU A 1 27 ? -4.642  5.887   5.250   1.00 20.61 ? 27  GLU A CB  1 
ATOM   198 C CG  . GLU A 1 27 ? -5.860  5.106   5.670   1.00 28.62 ? 27  GLU A CG  1 
ATOM   199 C CD  . GLU A 1 27 ? -6.528  5.689   6.890   1.00 29.31 ? 27  GLU A CD  1 
ATOM   200 O OE1 . GLU A 1 27 ? -7.533  6.409   6.731   1.00 29.99 ? 27  GLU A OE1 1 
ATOM   201 O OE2 . GLU A 1 27 ? -5.978  5.518   7.996   1.00 38.81 ? 27  GLU A OE2 1 
ATOM   202 N N   . ILE A 1 28 ? -5.348  4.197   2.324   1.00 16.35 ? 28  ILE A N   1 
ATOM   203 C CA  . ILE A 1 28 ? -6.240  4.060   1.177   1.00 16.25 ? 28  ILE A CA  1 
ATOM   204 C C   . ILE A 1 28 ? -7.616  3.662   1.673   1.00 21.87 ? 28  ILE A C   1 
ATOM   205 O O   . ILE A 1 28 ? -7.809  2.531   2.132   1.00 21.06 ? 28  ILE A O   1 
ATOM   206 C CB  . ILE A 1 28 ? -5.727  3.090   0.059   1.00 18.13 ? 28  ILE A CB  1 
ATOM   207 C CG1 . ILE A 1 28 ? -4.336  3.470   -0.463  1.00 18.73 ? 28  ILE A CG1 1 
ATOM   208 C CG2 . ILE A 1 28 ? -6.753  3.002   -1.096  1.00 18.60 ? 28  ILE A CG2 1 
ATOM   209 C CD1 . ILE A 1 28 ? -3.778  2.389   -1.369  1.00 27.09 ? 28  ILE A CD1 1 
ATOM   210 N N   . THR A 1 29 ? -8.587  4.574   1.536   1.00 20.25 ? 29  THR A N   1 
ATOM   211 C CA  . THR A 1 29 ? -9.956  4.317   1.972   1.00 21.27 ? 29  THR A CA  1 
ATOM   212 C C   . THR A 1 29 ? -10.792 3.677   0.868   1.00 26.55 ? 29  THR A C   1 
ATOM   213 O O   . THR A 1 29 ? -10.484 3.810   -0.314  1.00 24.77 ? 29  THR A O   1 
ATOM   214 C CB  . THR A 1 29 ? -10.612 5.589   2.535   1.00 26.30 ? 29  THR A CB  1 
ATOM   215 O OG1 . THR A 1 29 ? -10.756 6.566   1.489   1.00 23.13 ? 29  THR A OG1 1 
ATOM   216 C CG2 . THR A 1 29 ? -9.857  6.160   3.738   1.00 23.41 ? 29  THR A CG2 1 
ATOM   217 N N   . ARG A 1 30 ? -11.846 2.979   1.279   1.00 26.11 ? 30  ARG A N   1 
ATOM   218 C CA  . ARG A 1 30 ? -12.827 2.331   0.421   1.00 28.73 ? 30  ARG A CA  1 
ATOM   219 C C   . ARG A 1 30 ? -14.109 2.372   1.192   1.00 37.45 ? 30  ARG A C   1 
ATOM   220 O O   . ARG A 1 30 ? -14.111 2.072   2.399   1.00 37.88 ? 30  ARG A O   1 
ATOM   221 C CB  . ARG A 1 30 ? -12.462 0.864   0.125   1.00 26.93 ? 30  ARG A CB  1 
ATOM   222 C CG  . ARG A 1 30 ? -11.410 0.693   -0.950  1.00 33.93 ? 30  ARG A CG  1 
ATOM   223 C CD  . ARG A 1 30 ? -11.416 -0.705  -1.536  1.00 38.12 ? 30  ARG A CD  1 
ATOM   224 N NE  . ARG A 1 30 ? -10.867 -1.691  -0.606  1.00 31.03 ? 30  ARG A NE  1 
ATOM   225 C CZ  . ARG A 1 30 ? -10.918 -3.003  -0.797  1.00 36.56 ? 30  ARG A CZ  1 
ATOM   226 N NH1 . ARG A 1 30 ? -11.494 -3.501  -1.886  1.00 18.33 ? 30  ARG A NH1 1 
ATOM   227 N NH2 . ARG A 1 30 ? -10.415 -3.832  0.111   1.00 15.17 ? 30  ARG A NH2 1 
ATOM   228 N N   . ARG A 1 31 ? -15.196 2.765   0.514   1.00 37.33 ? 31  ARG A N   1 
ATOM   229 C CA  . ARG A 1 31 ? -16.528 2.859   1.099   1.00 40.84 ? 31  ARG A CA  1 
ATOM   230 C C   . ARG A 1 31 ? -16.922 1.533   1.735   1.00 43.71 ? 31  ARG A C   1 
ATOM   231 O O   . ARG A 1 31 ? -16.807 0.484   1.091   1.00 43.19 ? 31  ARG A O   1 
ATOM   232 C CB  . ARG A 1 31 ? -17.552 3.288   0.033   1.00 46.70 ? 31  ARG A CB  1 
ATOM   233 N N   . GLY A 1 32 ? -17.287 1.594   3.019   1.00 40.24 ? 32  GLY A N   1 
ATOM   234 C CA  . GLY A 1 32 ? -17.709 0.454   3.834   1.00 39.84 ? 32  GLY A CA  1 
ATOM   235 C C   . GLY A 1 32 ? -16.703 -0.668  4.011   1.00 38.75 ? 32  GLY A C   1 
ATOM   236 O O   . GLY A 1 32 ? -17.102 -1.796  4.324   1.00 41.05 ? 32  GLY A O   1 
ATOM   237 N N   . ARG A 1 33 ? -15.390 -0.361  3.848   1.00 27.88 ? 33  ARG A N   1 
ATOM   238 C CA  . ARG A 1 33 ? -14.296 -1.329  3.938   1.00 23.32 ? 33  ARG A CA  1 
ATOM   239 C C   . ARG A 1 33 ? -13.156 -0.800  4.784   1.00 23.57 ? 33  ARG A C   1 
ATOM   240 O O   . ARG A 1 33 ? -13.001 0.413   4.914   1.00 24.35 ? 33  ARG A O   1 
ATOM   241 C CB  . ARG A 1 33 ? -13.780 -1.711  2.532   1.00 20.99 ? 33  ARG A CB  1 
ATOM   242 C CG  . ARG A 1 33 ? -14.628 -2.743  1.793   1.00 27.31 ? 33  ARG A CG  1 
ATOM   243 C CD  . ARG A 1 33 ? -14.130 -4.135  2.124   1.00 38.02 ? 33  ARG A CD  1 
ATOM   244 N NE  . ARG A 1 33 ? -14.389 -5.091  1.050   1.00 57.67 ? 33  ARG A NE  1 
ATOM   245 C CZ  . ARG A 1 33 ? -13.653 -6.173  0.808   1.00 70.86 ? 33  ARG A CZ  1 
ATOM   246 N NH1 . ARG A 1 33 ? -12.581 -6.436  1.547   1.00 40.69 ? 33  ARG A NH1 1 
ATOM   247 N NH2 . ARG A 1 33 ? -13.969 -6.988  -0.188  1.00 73.36 ? 33  ARG A NH2 1 
ATOM   248 N N   . GLU A 1 34 ? -12.362 -1.697  5.368   1.00 17.19 ? 34  GLU A N   1 
ATOM   249 C CA  . GLU A 1 34 ? -11.233 -1.298  6.218   1.00 15.50 ? 34  GLU A CA  1 
ATOM   250 C C   . GLU A 1 34 ? -10.191 -0.557  5.366   1.00 18.16 ? 34  GLU A C   1 
ATOM   251 O O   . GLU A 1 34 ? -9.884  -1.014  4.270   1.00 16.48 ? 34  GLU A O   1 
ATOM   252 C CB  . GLU A 1 34 ? -10.586 -2.524  6.907   1.00 15.11 ? 34  GLU A CB  1 
ATOM   253 C CG  . GLU A 1 34 ? -9.302  -2.231  7.676   1.00 10.33 ? 34  GLU A CG  1 
ATOM   254 C CD  . GLU A 1 34 ? -8.544  -3.416  8.249   1.00 22.90 ? 34  GLU A CD  1 
ATOM   255 O OE1 . GLU A 1 34 ? -8.740  -4.558  7.777   1.00 15.88 ? 34  GLU A OE1 1 
ATOM   256 O OE2 . GLU A 1 34 ? -7.726  -3.192  9.168   1.00 17.89 ? 34  GLU A OE2 1 
ATOM   257 N N   . PRO A 1 35 ? -9.626  0.567   5.854   1.00 14.43 ? 35  PRO A N   1 
ATOM   258 C CA  . PRO A 1 35 ? -8.572  1.233   5.079   1.00 12.02 ? 35  PRO A CA  1 
ATOM   259 C C   . PRO A 1 35 ? -7.295  0.395   5.039   1.00 15.15 ? 35  PRO A C   1 
ATOM   260 O O   . PRO A 1 35 ? -7.037  -0.399  5.940   1.00 15.44 ? 35  PRO A O   1 
ATOM   261 C CB  . PRO A 1 35 ? -8.330  2.537   5.860   1.00 13.49 ? 35  PRO A CB  1 
ATOM   262 C CG  . PRO A 1 35 ? -9.518  2.699   6.798   1.00 19.11 ? 35  PRO A CG  1 
ATOM   263 C CD  . PRO A 1 35 ? -9.878  1.273   7.135   1.00 15.50 ? 35  PRO A CD  1 
ATOM   264 N N   . ALA A 1 36 ? -6.509  0.559   3.977   1.00 12.13 ? 36  ALA A N   1 
ATOM   265 C CA  . ALA A 1 36 ? -5.187  -0.063  3.806   1.00 11.31 ? 36  ALA A CA  1 
ATOM   266 C C   . ALA A 1 36 ? -4.166  1.038   4.048   1.00 16.62 ? 36  ALA A C   1 
ATOM   267 O O   . ALA A 1 36 ? -4.476  2.210   3.840   1.00 16.09 ? 36  ALA A O   1 
ATOM   268 C CB  . ALA A 1 36 ? -5.038  -0.607  2.397   1.00 11.31 ? 36  ALA A CB  1 
ATOM   269 N N   . VAL A 1 37 ? -2.987  0.695   4.587   1.00 13.35 ? 37  VAL A N   1 
ATOM   270 C CA  . VAL A 1 37 ? -1.933  1.695   4.803   1.00 11.41 ? 37  VAL A CA  1 
ATOM   271 C C   . VAL A 1 37 ? -0.702  1.260   4.000   1.00 16.46 ? 37  VAL A C   1 
ATOM   272 O O   . VAL A 1 37 ? -0.308  0.097   4.092   1.00 17.16 ? 37  VAL A O   1 
ATOM   273 C CB  . VAL A 1 37 ? -1.593  1.961   6.299   1.00 12.71 ? 37  VAL A CB  1 
ATOM   274 C CG1 . VAL A 1 37 ? -0.549  3.070   6.429   1.00 12.00 ? 37  VAL A CG1 1 
ATOM   275 C CG2 . VAL A 1 37 ? -2.854  2.308   7.128   1.00 12.71 ? 37  VAL A CG2 1 
ATOM   276 N N   . ILE A 1 38 ? -0.155  2.171   3.165   1.00 12.92 ? 38  ILE A N   1 
ATOM   277 C CA  . ILE A 1 38 ? 1.050   1.979   2.367   1.00 13.36 ? 38  ILE A CA  1 
ATOM   278 C C   . ILE A 1 38 ? 2.145   2.735   3.088   1.00 18.81 ? 38  ILE A C   1 
ATOM   279 O O   . ILE A 1 38 ? 1.995   3.929   3.407   1.00 20.53 ? 38  ILE A O   1 
ATOM   280 C CB  . ILE A 1 38 ? 0.970   2.429   0.890   1.00 17.20 ? 38  ILE A CB  1 
ATOM   281 C CG1 . ILE A 1 38 ? -0.367  2.014   0.229   1.00 17.89 ? 38  ILE A CG1 1 
ATOM   282 C CG2 . ILE A 1 38 ? 2.210   1.889   0.114   1.00 18.37 ? 38  ILE A CG2 1 
ATOM   283 C CD1 . ILE A 1 38 ? -0.383  2.108   -1.343  1.00 27.89 ? 38  ILE A CD1 1 
ATOM   284 N N   . VAL A 1 39 ? 3.241   2.016   3.325   1.00 13.08 ? 39  VAL A N   1 
ATOM   285 C CA  . VAL A 1 39 ? 4.442   2.515   3.985   1.00 14.15 ? 39  VAL A CA  1 
ATOM   286 C C   . VAL A 1 39 ? 5.663   1.985   3.230   1.00 19.07 ? 39  VAL A C   1 
ATOM   287 O O   . VAL A 1 39 ? 5.580   0.963   2.548   1.00 17.29 ? 39  VAL A O   1 
ATOM   288 C CB  . VAL A 1 39 ? 4.513   2.065   5.454   1.00 17.18 ? 39  VAL A CB  1 
ATOM   289 C CG1 . VAL A 1 39 ? 3.337   2.628   6.239   1.00 18.38 ? 39  VAL A CG1 1 
ATOM   290 C CG2 . VAL A 1 39 ? 4.545   0.548   5.543   1.00 17.04 ? 39  VAL A CG2 1 
ATOM   291 N N   . SER A 1 40 ? 6.790   2.680   3.347   1.00 18.51 ? 40  SER A N   1 
ATOM   292 C CA  . SER A 1 40 ? 8.028   2.290   2.657   1.00 20.72 ? 40  SER A CA  1 
ATOM   293 C C   . SER A 1 40 ? 8.549   0.966   3.238   1.00 24.76 ? 40  SER A C   1 
ATOM   294 O O   . SER A 1 40 ? 8.134   0.595   4.337   1.00 23.50 ? 40  SER A O   1 
ATOM   295 C CB  . SER A 1 40 ? 9.084   3.388   2.811   1.00 26.97 ? 40  SER A CB  1 
ATOM   296 O OG  . SER A 1 40 ? 9.481   3.542   4.161   1.00 29.49 ? 40  SER A OG  1 
ATOM   297 N N   . LYS A 1 41 ? 9.408   0.236   2.496   1.00 22.76 ? 41  LYS A N   1 
ATOM   298 C CA  . LYS A 1 41 ? 10.013  -1.008  3.009   1.00 23.25 ? 41  LYS A CA  1 
ATOM   299 C C   . LYS A 1 41 ? 10.851  -0.698  4.286   1.00 29.31 ? 41  LYS A C   1 
ATOM   300 O O   . LYS A 1 41 ? 10.827  -1.480  5.243   1.00 29.41 ? 41  LYS A O   1 
ATOM   301 C CB  . LYS A 1 41 ? 10.867  -1.693  1.913   1.00 26.38 ? 41  LYS A CB  1 
ATOM   302 C CG  . LYS A 1 41 ? 11.616  -2.961  2.329   1.00 40.29 ? 41  LYS A CG  1 
ATOM   303 C CD  . LYS A 1 41 ? 10.710  -4.165  2.567   1.00 48.27 ? 41  LYS A CD  1 
ATOM   304 C CE  . LYS A 1 41 ? 11.492  -5.444  2.787   1.00 61.71 ? 41  LYS A CE  1 
ATOM   305 N NZ  . LYS A 1 41 ? 12.091  -5.973  1.528   1.00 65.85 ? 41  LYS A NZ  1 
ATOM   306 N N   . ALA A 1 42 ? 11.556  0.463   4.296   1.00 27.30 ? 42  ALA A N   1 
ATOM   307 C CA  . ALA A 1 42 ? 12.365  0.942   5.430   1.00 29.63 ? 42  ALA A CA  1 
ATOM   308 C C   . ALA A 1 42 ? 11.518  1.154   6.694   1.00 31.94 ? 42  ALA A C   1 
ATOM   309 O O   . ALA A 1 42 ? 11.952  0.778   7.791   1.00 32.78 ? 42  ALA A O   1 
ATOM   310 C CB  . ALA A 1 42 ? 13.077  2.231   5.061   1.00 32.65 ? 42  ALA A CB  1 
ATOM   311 N N   . THR A 1 43 ? 10.312  1.738   6.537   1.00 26.15 ? 43  THR A N   1 
ATOM   312 C CA  . THR A 1 43 ? 9.372   1.971   7.642   1.00 25.75 ? 43  THR A CA  1 
ATOM   313 C C   . THR A 1 43 ? 8.858   0.605   8.106   1.00 31.65 ? 43  THR A C   1 
ATOM   314 O O   . THR A 1 43 ? 8.755   0.336   9.308   1.00 31.71 ? 43  THR A O   1 
ATOM   315 C CB  . THR A 1 43 ? 8.217   2.863   7.174   1.00 26.07 ? 43  THR A CB  1 
ATOM   316 O OG1 . THR A 1 43 ? 8.697   4.181   6.967   1.00 27.63 ? 43  THR A OG1 1 
ATOM   317 C CG2 . THR A 1 43 ? 7.045   2.882   8.145   1.00 20.02 ? 43  THR A CG2 1 
ATOM   318 N N   . PHE A 1 44 ? 8.543   -0.248  7.139   1.00 28.99 ? 44  PHE A N   1 
ATOM   319 C CA  . PHE A 1 44 ? 8.071   -1.584  7.430   1.00 28.98 ? 44  PHE A CA  1 
ATOM   320 C C   . PHE A 1 44 ? 9.075   -2.341  8.310   1.00 32.65 ? 44  PHE A C   1 
ATOM   321 O O   . PHE A 1 44 ? 8.681   -2.881  9.337   1.00 31.32 ? 44  PHE A O   1 
ATOM   322 C CB  . PHE A 1 44 ? 7.743   -2.366  6.138   1.00 29.28 ? 44  PHE A CB  1 
ATOM   323 C CG  . PHE A 1 44 ? 7.287   -3.766  6.469   1.00 31.59 ? 44  PHE A CG  1 
ATOM   324 C CD1 . PHE A 1 44 ? 6.023   -3.995  7.007   1.00 33.00 ? 44  PHE A CD1 1 
ATOM   325 C CD2 . PHE A 1 44 ? 8.147   -4.851  6.317   1.00 36.40 ? 44  PHE A CD2 1 
ATOM   326 C CE1 . PHE A 1 44 ? 5.615   -5.287  7.353   1.00 33.93 ? 44  PHE A CE1 1 
ATOM   327 C CE2 . PHE A 1 44 ? 7.741   -6.142  6.679   1.00 39.05 ? 44  PHE A CE2 1 
ATOM   328 C CZ  . PHE A 1 44 ? 6.477   -6.351  7.186   1.00 34.79 ? 44  PHE A CZ  1 
ATOM   329 N N   . GLU A 1 45 ? 10.360  -2.366  7.914   1.00 31.38 ? 45  GLU A N   1 
ATOM   330 C CA  . GLU A 1 45 ? 11.386  -3.099  8.659   1.00 34.30 ? 45  GLU A CA  1 
ATOM   331 C C   . GLU A 1 45 ? 11.767  -2.495  10.000  1.00 41.96 ? 45  GLU A C   1 
ATOM   332 O O   . GLU A 1 45 ? 12.179  -3.241  10.898  1.00 44.76 ? 45  GLU A O   1 
ATOM   333 C CB  . GLU A 1 45 ? 12.587  -3.457  7.785   1.00 38.01 ? 45  GLU A CB  1 
ATOM   334 C CG  . GLU A 1 45 ? 12.196  -4.394  6.655   1.00 45.71 ? 45  GLU A CG  1 
ATOM   335 C CD  . GLU A 1 45 ? 13.355  -5.000  5.898   1.00 77.65 ? 45  GLU A CD  1 
ATOM   336 O OE1 . GLU A 1 45 ? 14.040  -4.251  5.165   1.00 85.35 ? 45  GLU A OE1 1 
ATOM   337 O OE2 . GLU A 1 45 ? 13.573  -6.227  6.026   1.00 73.56 ? 45  GLU A OE2 1 
ATOM   338 N N   . GLU A 1 46 ? 11.568  -1.162  10.174  1.00 36.92 ? 46  GLU A N   1 
ATOM   339 C CA  . GLU A 1 46 ? 11.877  -0.501  11.447  1.00 38.53 ? 46  GLU A CA  1 
ATOM   340 C C   . GLU A 1 46 ? 10.858  -0.943  12.479  1.00 44.06 ? 46  GLU A C   1 
ATOM   341 O O   . GLU A 1 46 ? 11.192  -1.060  13.657  1.00 46.99 ? 46  GLU A O   1 
ATOM   342 C CB  . GLU A 1 46 ? 11.903  1.024   11.301  1.00 39.51 ? 46  GLU A CB  1 
ATOM   343 N N   . TRP A 1 47 ? 9.622   -1.237  12.017  1.00 38.52 ? 47  TRP A N   1 
ATOM   344 C CA  . TRP A 1 47 ? 8.496   -1.700  12.834  1.00 75.96 ? 47  TRP A CA  1 
ATOM   345 C C   . TRP A 1 47 ? 7.467   -2.476  12.023  1.00 95.95 ? 47  TRP A C   1 
ATOM   346 O O   . TRP A 1 47 ? 7.294   -3.674  12.224  1.00 62.69 ? 47  TRP A O   1 
ATOM   347 C CB  . TRP A 1 47 ? 7.820   -0.531  13.555  1.00 74.53 ? 47  TRP A CB  1 
ATOM   348 C CG  . TRP A 1 47 ? 7.364   0.595   12.673  1.00 73.52 ? 47  TRP A CG  1 
ATOM   349 C CD1 . TRP A 1 47 ? 6.298   0.589   11.826  0.50 73.17 ? 47  TRP A CD1 1 
ATOM   350 C CD2 . TRP A 1 47 ? 7.872   1.935   12.668  0.50 75.16 ? 47  TRP A CD2 1 
ATOM   351 N NE1 . TRP A 1 47 ? 6.129   1.831   11.264  0.50 72.26 ? 47  TRP A NE1 1 
ATOM   352 C CE2 . TRP A 1 47 ? 7.089   2.676   11.756  0.50 76.75 ? 47  TRP A CE2 1 
ATOM   353 C CE3 . TRP A 1 47 ? 8.932   2.581   13.329  0.50 80.22 ? 47  TRP A CE3 1 
ATOM   354 C CZ2 . TRP A 1 47 ? 7.331   4.029   11.486  0.50 77.39 ? 47  TRP A CZ2 1 
ATOM   355 C CZ3 . TRP A 1 47 ? 9.177   3.917   13.052  0.50 82.94 ? 47  TRP A CZ3 1 
ATOM   356 C CH2 . TRP A 1 47 ? 8.388   4.625   12.136  0.50 81.20 ? 47  TRP A CH2 1 
ATOM   357 N N   . MET B 1 1  ? 4.893   -12.621 3.775   1.00 57.43 ? 1   MET B N   1 
ATOM   358 C CA  . MET B 1 1  ? 4.731   -11.410 2.970   1.00 53.34 ? 1   MET B CA  1 
ATOM   359 C C   . MET B 1 1  ? 4.778   -11.714 1.478   1.00 53.04 ? 1   MET B C   1 
ATOM   360 O O   . MET B 1 1  ? 5.767   -12.246 0.970   1.00 54.90 ? 1   MET B O   1 
ATOM   361 C CB  . MET B 1 1  ? 5.763   -10.335 3.357   1.00 56.34 ? 1   MET B CB  1 
ATOM   362 C CG  . MET B 1 1  ? 5.585   -9.024  2.613   1.00 57.48 ? 1   MET B CG  1 
ATOM   363 S SD  . MET B 1 1  ? 6.635   -7.705  3.243   1.00 62.72 ? 1   MET B SD  1 
ATOM   364 C CE  . MET B 1 1  ? 8.190   -8.114  2.457   1.00 62.75 ? 1   MET B CE  1 
ATOM   365 N N   . GLN B 1 2  ? 3.697   -11.351 0.785   1.00 43.49 ? 2   GLN B N   1 
ATOM   366 C CA  . GLN B 1 2  ? 3.551   -11.534 -0.650  1.00 40.24 ? 2   GLN B CA  1 
ATOM   367 C C   . GLN B 1 2  ? 4.274   -10.389 -1.371  1.00 38.78 ? 2   GLN B C   1 
ATOM   368 O O   . GLN B 1 2  ? 4.621   -9.375  -0.759  1.00 38.54 ? 2   GLN B O   1 
ATOM   369 C CB  . GLN B 1 2  ? 2.060   -11.578 -1.040  1.00 39.26 ? 2   GLN B CB  1 
ATOM   370 C CG  . GLN B 1 2  ? 1.199   -12.482 -0.168  1.00 49.30 ? 2   GLN B CG  1 
ATOM   371 C CD  . GLN B 1 2  ? 1.238   -13.903 -0.628  1.00 73.13 ? 2   GLN B CD  1 
ATOM   372 O OE1 . GLN B 1 2  ? 2.145   -14.666 -0.282  1.00 71.77 ? 2   GLN B OE1 1 
ATOM   373 N NE2 . GLN B 1 2  ? 0.255   -14.282 -1.426  1.00 67.24 ? 2   GLN B NE2 1 
ATOM   374 N N   . SER B 1 3  ? 4.501   -10.560 -2.668  1.00 31.64 ? 3   SER B N   1 
ATOM   375 C CA  . SER B 1 3  ? 5.191   -9.609  -3.521  1.00 28.86 ? 3   SER B CA  1 
ATOM   376 C C   . SER B 1 3  ? 4.582   -9.615  -4.930  1.00 28.60 ? 3   SER B C   1 
ATOM   377 O O   . SER B 1 3  ? 4.436   -10.669 -5.535  1.00 28.60 ? 3   SER B O   1 
ATOM   378 C CB  . SER B 1 3  ? 6.680   -9.941  -3.570  1.00 32.38 ? 3   SER B CB  1 
ATOM   379 O OG  . SER B 1 3  ? 7.370   -9.137  -4.507  1.00 38.30 ? 3   SER B OG  1 
ATOM   380 N N   . ILE B 1 4  ? 4.288   -8.414  -5.425  1.00 23.02 ? 4   ILE B N   1 
ATOM   381 C CA  . ILE B 1 4  ? 3.753   -8.192  -6.766  1.00 21.90 ? 4   ILE B CA  1 
ATOM   382 C C   . ILE B 1 4  ? 4.427   -6.958  -7.380  1.00 24.62 ? 4   ILE B C   1 
ATOM   383 O O   . ILE B 1 4  ? 4.795   -6.028  -6.663  1.00 24.35 ? 4   ILE B O   1 
ATOM   384 C CB  . ILE B 1 4  ? 2.229   -7.986  -6.743  1.00 23.82 ? 4   ILE B CB  1 
ATOM   385 C CG1 . ILE B 1 4  ? 1.869   -6.772  -5.884  1.00 23.34 ? 4   ILE B CG1 1 
ATOM   386 C CG2 . ILE B 1 4  ? 1.529   -9.234  -6.228  1.00 27.60 ? 4   ILE B CG2 1 
ATOM   387 C CD1 . ILE B 1 4  ? 0.457   -6.271  -6.097  1.00 37.21 ? 4   ILE B CD1 1 
ATOM   388 N N   . ASN B 1 5  ? 4.583   -6.949  -8.702  1.00 20.19 ? 5   ASN B N   1 
ATOM   389 C CA  . ASN B 1 5  ? 5.193   -5.837  -9.405  1.00 21.19 ? 5   ASN B CA  1 
ATOM   390 C C   . ASN B 1 5  ? 4.139   -4.725  -9.542  1.00 24.32 ? 5   ASN B C   1 
ATOM   391 O O   . ASN B 1 5  ? 2.948   -4.983  -9.377  1.00 23.92 ? 5   ASN B O   1 
ATOM   392 C CB  . ASN B 1 5  ? 5.793   -6.298  -10.759 1.00 19.85 ? 5   ASN B CB  1 
ATOM   393 C CG  . ASN B 1 5  ? 4.800   -7.015  -11.656 1.00 32.43 ? 5   ASN B CG  1 
ATOM   394 O OD1 . ASN B 1 5  ? 3.773   -6.463  -12.031 1.00 17.60 ? 5   ASN B OD1 1 
ATOM   395 N ND2 . ASN B 1 5  ? 5.092   -8.255  -12.051 1.00 25.71 ? 5   ASN B ND2 1 
ATOM   396 N N   . PHE B 1 6  ? 4.589   -3.498  -9.784  1.00 21.75 ? 6   PHE B N   1 
ATOM   397 C CA  . PHE B 1 6  ? 3.780   -2.290  -9.904  1.00 21.90 ? 6   PHE B CA  1 
ATOM   398 C C   . PHE B 1 6  ? 2.624   -2.428  -10.914 1.00 24.77 ? 6   PHE B C   1 
ATOM   399 O O   . PHE B 1 6  ? 1.495   -2.038  -10.627 1.00 21.95 ? 6   PHE B O   1 
ATOM   400 C CB  . PHE B 1 6  ? 4.705   -1.089  -10.263 1.00 26.55 ? 6   PHE B CB  1 
ATOM   401 C CG  . PHE B 1 6  ? 3.937   0.160   -10.630 1.00 28.63 ? 6   PHE B CG  1 
ATOM   402 C CD1 . PHE B 1 6  ? 3.402   0.982   -9.643  1.00 29.51 ? 6   PHE B CD1 1 
ATOM   403 C CD2 . PHE B 1 6  ? 3.659   0.460   -11.961 1.00 31.31 ? 6   PHE B CD2 1 
ATOM   404 C CE1 . PHE B 1 6  ? 2.591   2.062   -9.977  1.00 30.85 ? 6   PHE B CE1 1 
ATOM   405 C CE2 . PHE B 1 6  ? 2.888   1.573   -12.296 1.00 34.86 ? 6   PHE B CE2 1 
ATOM   406 C CZ  . PHE B 1 6  ? 2.354   2.363   -11.299 1.00 32.41 ? 6   PHE B CZ  1 
ATOM   407 N N   . ARG B 1 7  ? 2.939   -2.944  -12.103 1.00 24.34 ? 7   ARG B N   1 
ATOM   408 C CA  . ARG B 1 7  ? 2.046   -3.140  -13.245 1.00 24.47 ? 7   ARG B CA  1 
ATOM   409 C C   . ARG B 1 7  ? 0.867   -4.030  -12.861 1.00 26.47 ? 7   ARG B C   1 
ATOM   410 O O   . ARG B 1 7  ? -0.288  -3.659  -13.075 1.00 25.32 ? 7   ARG B O   1 
ATOM   411 C CB  . ARG B 1 7  ? 2.817   -3.669  -14.502 1.00 28.88 ? 7   ARG B CB  1 
ATOM   412 N N   . THR B 1 8  ? 1.159   -5.167  -12.235 1.00 22.62 ? 8   THR B N   1 
ATOM   413 C CA  . THR B 1 8  ? 0.122   -6.060  -11.745 1.00 22.46 ? 8   THR B CA  1 
ATOM   414 C C   . THR B 1 8  ? -0.724  -5.375  -10.657 1.00 25.39 ? 8   THR B C   1 
ATOM   415 O O   . THR B 1 8  ? -1.946  -5.408  -10.776 1.00 26.69 ? 8   THR B O   1 
ATOM   416 C CB  . THR B 1 8  ? 0.719   -7.409  -11.319 1.00 30.71 ? 8   THR B CB  1 
ATOM   417 O OG1 . THR B 1 8  ? 1.490   -7.913  -12.412 1.00 28.00 ? 8   THR B OG1 1 
ATOM   418 C CG2 . THR B 1 8  ? -0.344  -8.414  -10.950 1.00 31.96 ? 8   THR B CG2 1 
ATOM   419 N N   . ALA B 1 9  ? -0.084  -4.732  -9.639  1.00 19.29 ? 9   ALA B N   1 
ATOM   420 C CA  . ALA B 1 9  ? -0.772  -4.049  -8.537  1.00 19.18 ? 9   ALA B CA  1 
ATOM   421 C C   . ALA B 1 9  ? -1.734  -2.971  -9.022  1.00 24.20 ? 9   ALA B C   1 
ATOM   422 O O   . ALA B 1 9  ? -2.874  -2.926  -8.552  1.00 22.43 ? 9   ALA B O   1 
ATOM   423 C CB  . ALA B 1 9  ? 0.236   -3.427  -7.588  1.00 20.55 ? 9   ALA B CB  1 
ATOM   424 N N   . ARG B 1 10 ? -1.268  -2.106  -9.958  1.00 22.92 ? 10  ARG B N   1 
ATOM   425 C CA  . ARG B 1 10 ? -2.051  -1.029  -10.562 1.00 23.67 ? 10  ARG B CA  1 
ATOM   426 C C   . ARG B 1 10 ? -3.329  -1.576  -11.203 1.00 25.43 ? 10  ARG B C   1 
ATOM   427 O O   . ARG B 1 10 ? -4.416  -1.051  -10.961 1.00 26.34 ? 10  ARG B O   1 
ATOM   428 C CB  . ARG B 1 10 ? -1.217  -0.259  -11.609 1.00 27.31 ? 10  ARG B CB  1 
ATOM   429 C CG  . ARG B 1 10 ? -1.776  1.136   -11.920 1.00 42.83 ? 10  ARG B CG  1 
ATOM   430 C CD  . ARG B 1 10 ? -1.736  1.476   -13.406 1.00 48.50 ? 10  ARG B CD  1 
ATOM   431 N NE  . ARG B 1 10 ? -2.285  2.810   -13.671 1.00 59.86 ? 10  ARG B NE  1 
ATOM   432 C CZ  . ARG B 1 10 ? -2.358  3.378   -14.874 0.00 84.93 ? 10  ARG B CZ  1 
ATOM   433 N NH1 . ARG B 1 10 ? -2.868  4.595   -15.010 1.00 83.21 ? 10  ARG B NH1 1 
ATOM   434 N NH2 . ARG B 1 10 ? -1.923  2.731   -15.951 1.00 73.75 ? 10  ARG B NH2 1 
ATOM   435 N N   . GLY B 1 11 ? -3.192  -2.604  -12.020 1.00 19.44 ? 11  GLY B N   1 
ATOM   436 C CA  . GLY B 1 11 ? -4.329  -3.221  -12.664 1.00 19.68 ? 11  GLY B CA  1 
ATOM   437 C C   . GLY B 1 11 ? -5.277  -3.964  -11.738 1.00 21.96 ? 11  GLY B C   1 
ATOM   438 O O   . GLY B 1 11 ? -6.464  -4.098  -12.033 1.00 22.14 ? 11  GLY B O   1 
ATOM   439 N N   . ASN B 1 12 ? -4.745  -4.480  -10.632 1.00 16.03 ? 12  ASN B N   1 
ATOM   440 C CA  . ASN B 1 12 ? -5.520  -5.329  -9.727  1.00 15.81 ? 12  ASN B CA  1 
ATOM   441 C C   . ASN B 1 12 ? -5.503  -4.840  -8.279  1.00 18.32 ? 12  ASN B C   1 
ATOM   442 O O   . ASN B 1 12 ? -5.410  -5.647  -7.353  1.00 16.96 ? 12  ASN B O   1 
ATOM   443 C CB  . ASN B 1 12 ? -5.026  -6.776  -9.796  1.00 15.69 ? 12  ASN B CB  1 
ATOM   444 C CG  . ASN B 1 12 ? -4.935  -7.293  -11.219 1.00 32.17 ? 12  ASN B CG  1 
ATOM   445 O OD1 . ASN B 1 12 ? -5.840  -7.973  -11.703 1.00 26.94 ? 12  ASN B OD1 1 
ATOM   446 N ND2 . ASN B 1 12 ? -3.840  -6.971  -11.897 1.00 17.05 ? 12  ASN B ND2 1 
ATOM   447 N N   . LEU B 1 13 ? -5.575  -3.528  -8.077  1.00 15.93 ? 13  LEU B N   1 
ATOM   448 C CA  . LEU B 1 13 ? -5.508  -2.972  -6.722  1.00 15.91 ? 13  LEU B CA  1 
ATOM   449 C C   . LEU B 1 13 ? -6.595  -3.425  -5.774  1.00 20.07 ? 13  LEU B C   1 
ATOM   450 O O   . LEU B 1 13 ? -6.335  -3.593  -4.593  1.00 19.58 ? 13  LEU B O   1 
ATOM   451 C CB  . LEU B 1 13 ? -5.345  -1.452  -6.714  1.00 16.21 ? 13  LEU B CB  1 
ATOM   452 C CG  . LEU B 1 13 ? -4.834  -0.843  -5.408  1.00 17.49 ? 13  LEU B CG  1 
ATOM   453 C CD1 . LEU B 1 13 ? -3.402  -1.340  -5.064  1.00 14.50 ? 13  LEU B CD1 1 
ATOM   454 C CD2 . LEU B 1 13 ? -4.953  0.653   -5.457  1.00 18.66 ? 13  LEU B CD2 1 
ATOM   455 N N   . SER B 1 14 ? -7.793  -3.627  -6.298  1.00 18.51 ? 14  SER B N   1 
ATOM   456 C CA  . SER B 1 14 ? -8.965  -4.076  -5.569  1.00 19.32 ? 14  SER B CA  1 
ATOM   457 C C   . SER B 1 14 ? -8.702  -5.462  -4.925  1.00 21.96 ? 14  SER B C   1 
ATOM   458 O O   . SER B 1 14 ? -8.934  -5.633  -3.729  1.00 21.55 ? 14  SER B O   1 
ATOM   459 C CB  . SER B 1 14 ? -10.156 -4.136  -6.515  1.00 24.44 ? 14  SER B CB  1 
ATOM   460 O OG  . SER B 1 14 ? -11.360 -4.032  -5.786  1.00 39.68 ? 14  SER B OG  1 
ATOM   461 N N   . GLU B 1 15 ? -8.175  -6.415  -5.713  1.00 16.06 ? 15  GLU B N   1 
ATOM   462 C CA  . GLU B 1 15 ? -7.826  -7.762  -5.267  1.00 15.77 ? 15  GLU B CA  1 
ATOM   463 C C   . GLU B 1 15 ? -6.689  -7.696  -4.223  1.00 17.75 ? 15  GLU B C   1 
ATOM   464 O O   . GLU B 1 15 ? -6.728  -8.415  -3.228  1.00 16.53 ? 15  GLU B O   1 
ATOM   465 C CB  . GLU B 1 15 ? -7.444  -8.613  -6.502  1.00 17.85 ? 15  GLU B CB  1 
ATOM   466 C CG  . GLU B 1 15 ? -6.676  -9.890  -6.214  1.00 25.73 ? 15  GLU B CG  1 
ATOM   467 C CD  . GLU B 1 15 ? -5.718  -10.321 -7.308  1.00 38.93 ? 15  GLU B CD  1 
ATOM   468 O OE1 . GLU B 1 15 ? -5.702  -11.529 -7.629  1.00 23.03 ? 15  GLU B OE1 1 
ATOM   469 O OE2 . GLU B 1 15 ? -4.957  -9.471  -7.820  1.00 33.08 ? 15  GLU B OE2 1 
ATOM   470 N N   . VAL B 1 16 ? -5.694  -6.815  -4.454  1.00 14.06 ? 16  VAL B N   1 
ATOM   471 C CA  . VAL B 1 16 ? -4.559  -6.564  -3.564  1.00 13.37 ? 16  VAL B CA  1 
ATOM   472 C C   . VAL B 1 16 ? -5.100  -6.075  -2.224  1.00 17.44 ? 16  VAL B C   1 
ATOM   473 O O   . VAL B 1 16 ? -4.686  -6.581  -1.183  1.00 18.00 ? 16  VAL B O   1 
ATOM   474 C CB  . VAL B 1 16 ? -3.567  -5.546  -4.204  1.00 16.39 ? 16  VAL B CB  1 
ATOM   475 C CG1 . VAL B 1 16 ? -2.571  -4.981  -3.190  1.00 15.35 ? 16  VAL B CG1 1 
ATOM   476 C CG2 . VAL B 1 16 ? -2.836  -6.161  -5.398  1.00 16.84 ? 16  VAL B CG2 1 
ATOM   477 N N   . LEU B 1 17 ? -6.050  -5.129  -2.247  1.00 13.61 ? 17  LEU B N   1 
ATOM   478 C CA  . LEU B 1 17 ? -6.578  -4.583  -1.005  1.00 14.10 ? 17  LEU B CA  1 
ATOM   479 C C   . LEU B 1 17 ? -7.453  -5.558  -0.234  1.00 19.55 ? 17  LEU B C   1 
ATOM   480 O O   . LEU B 1 17 ? -7.419  -5.541  0.986   1.00 20.86 ? 17  LEU B O   1 
ATOM   481 C CB  . LEU B 1 17 ? -7.219  -3.197  -1.176  1.00 13.68 ? 17  LEU B CB  1 
ATOM   482 C CG  . LEU B 1 17 ? -6.330  -2.098  -1.814  1.00 17.79 ? 17  LEU B CG  1 
ATOM   483 C CD1 . LEU B 1 17 ? -7.078  -0.804  -1.914  1.00 17.50 ? 17  LEU B CD1 1 
ATOM   484 C CD2 . LEU B 1 17 ? -4.971  -1.922  -1.091  1.00 15.33 ? 17  LEU B CD2 1 
ATOM   485 N N   . ASN B 1 18 ? -8.186  -6.432  -0.935  1.00 14.92 ? 18  ASN B N   1 
ATOM   486 C CA  . ASN B 1 18 ? -8.991  -7.460  -0.302  1.00 15.37 ? 18  ASN B CA  1 
ATOM   487 C C   . ASN B 1 18 ? -8.048  -8.471  0.317   1.00 19.05 ? 18  ASN B C   1 
ATOM   488 O O   . ASN B 1 18 ? -8.307  -8.913  1.430   1.00 21.53 ? 18  ASN B O   1 
ATOM   489 C CB  . ASN B 1 18 ? -9.920  -8.143  -1.316  1.00 14.87 ? 18  ASN B CB  1 
ATOM   490 C CG  . ASN B 1 18 ? -10.966 -7.242  -1.890  1.00 24.54 ? 18  ASN B CG  1 
ATOM   491 O OD1 . ASN B 1 18 ? -11.317 -6.227  -1.317  1.00 24.45 ? 18  ASN B OD1 1 
ATOM   492 N ND2 . ASN B 1 18 ? -11.517 -7.606  -3.023  1.00 21.06 ? 18  ASN B ND2 1 
ATOM   493 N N   . ASN B 1 19 ? -6.924  -8.797  -0.367  1.00 12.92 ? 19  ASN B N   1 
ATOM   494 C CA  . ASN B 1 19 ? -5.955  -9.752  0.180   1.00 14.49 ? 19  ASN B CA  1 
ATOM   495 C C   . ASN B 1 19 ? -5.282  -9.209  1.419   1.00 20.37 ? 19  ASN B C   1 
ATOM   496 O O   . ASN B 1 19 ? -5.165  -9.939  2.404   1.00 23.11 ? 19  ASN B O   1 
ATOM   497 C CB  . ASN B 1 19 ? -4.946  -10.230 -0.877  1.00 18.43 ? 19  ASN B CB  1 
ATOM   498 C CG  . ASN B 1 19 ? -5.527  -11.230 -1.854  1.00 38.56 ? 19  ASN B CG  1 
ATOM   499 O OD1 . ASN B 1 19 ? -6.491  -11.955 -1.565  1.00 39.30 ? 19  ASN B OD1 1 
ATOM   500 N ND2 . ASN B 1 19 ? -4.936  -11.318 -3.029  1.00 30.70 ? 19  ASN B ND2 1 
ATOM   501 N N   . VAL B 1 20 ? -4.965  -7.896  1.412   1.00 15.47 ? 20  VAL B N   1 
ATOM   502 C CA  . VAL B 1 20 ? -4.403  -7.151  2.546   1.00 15.61 ? 20  VAL B CA  1 
ATOM   503 C C   . VAL B 1 20 ? -5.368  -7.203  3.754   1.00 20.17 ? 20  VAL B C   1 
ATOM   504 O O   . VAL B 1 20 ? -4.938  -7.503  4.870   1.00 20.68 ? 20  VAL B O   1 
ATOM   505 C CB  . VAL B 1 20 ? -3.960  -5.703  2.148   1.00 17.60 ? 20  VAL B CB  1 
ATOM   506 C CG1 . VAL B 1 20 ? -3.718  -4.816  3.363   1.00 16.56 ? 20  VAL B CG1 1 
ATOM   507 C CG2 . VAL B 1 20 ? -2.713  -5.736  1.271   1.00 17.15 ? 20  VAL B CG2 1 
ATOM   508 N N   . GLU B 1 21 ? -6.666  -6.944  3.517   1.00 16.97 ? 21  GLU B N   1 
ATOM   509 C CA  . GLU B 1 21 ? -7.684  -7.042  4.562   1.00 16.87 ? 21  GLU B CA  1 
ATOM   510 C C   . GLU B 1 21 ? -7.818  -8.484  5.080   1.00 22.64 ? 21  GLU B C   1 
ATOM   511 O O   . GLU B 1 21 ? -7.989  -8.668  6.284   1.00 22.82 ? 21  GLU B O   1 
ATOM   512 C CB  . GLU B 1 21 ? -9.037  -6.530  4.083   1.00 17.25 ? 21  GLU B CB  1 
ATOM   513 C CG  . GLU B 1 21 ? -10.019 -6.450  5.238   1.00 17.06 ? 21  GLU B CG  1 
ATOM   514 C CD  . GLU B 1 21 ? -11.363 -5.850  4.925   1.00 24.07 ? 21  GLU B CD  1 
ATOM   515 O OE1 . GLU B 1 21 ? -11.470 -5.062  3.957   1.00 19.36 ? 21  GLU B OE1 1 
ATOM   516 O OE2 . GLU B 1 21 ? -12.304 -6.124  5.701   1.00 17.02 ? 21  GLU B OE2 1 
ATOM   517 N N   . ALA B 1 22 ? -7.714  -9.494  4.186   1.00 19.54 ? 22  ALA B N   1 
ATOM   518 C CA  . ALA B 1 22 ? -7.769  -10.918 4.573   1.00 21.58 ? 22  ALA B CA  1 
ATOM   519 C C   . ALA B 1 22 ? -6.571  -11.368 5.444   1.00 27.15 ? 22  ALA B C   1 
ATOM   520 O O   . ALA B 1 22 ? -6.601  -12.456 5.988   1.00 29.47 ? 22  ALA B O   1 
ATOM   521 C CB  . ALA B 1 22 ? -7.924  -11.813 3.347   1.00 22.51 ? 22  ALA B CB  1 
ATOM   522 N N   . GLY B 1 23 ? -5.577  -10.504 5.641   1.00 24.79 ? 23  GLY B N   1 
ATOM   523 C CA  . GLY B 1 23 ? -4.467  -10.810 6.538   1.00 26.80 ? 23  GLY B CA  1 
ATOM   524 C C   . GLY B 1 23 ? -3.084  -10.815 5.940   1.00 32.64 ? 23  GLY B C   1 
ATOM   525 O O   . GLY B 1 23 ? -2.114  -11.016 6.671   1.00 35.63 ? 23  GLY B O   1 
ATOM   526 N N   . GLU B 1 24 ? -2.974  -10.583 4.622   1.00 26.86 ? 24  GLU B N   1 
ATOM   527 C CA  . GLU B 1 24 ? -1.697  -10.567 3.926   1.00 26.81 ? 24  GLU B CA  1 
ATOM   528 C C   . GLU B 1 24 ? -1.025  -9.202  4.000   1.00 25.19 ? 24  GLU B C   1 
ATOM   529 O O   . GLU B 1 24 ? -1.694  -8.179  4.036   1.00 22.48 ? 24  GLU B O   1 
ATOM   530 C CB  . GLU B 1 24 ? -1.917  -10.907 2.446   1.00 28.28 ? 24  GLU B CB  1 
ATOM   531 C CG  . GLU B 1 24 ? -1.939  -12.387 2.100   1.00 46.77 ? 24  GLU B CG  1 
ATOM   532 C CD  . GLU B 1 24 ? -2.436  -12.675 0.692   1.00 74.57 ? 24  GLU B CD  1 
ATOM   533 O OE1 . GLU B 1 24 ? -2.083  -11.913 -0.238  1.00 73.37 ? 24  GLU B OE1 1 
ATOM   534 O OE2 . GLU B 1 24 ? -3.199  -13.654 0.522   1.00 70.42 ? 24  GLU B OE2 1 
ATOM   535 N N   . GLU B 1 25 ? 0.298   -9.190  4.003   1.00 21.57 ? 25  GLU B N   1 
ATOM   536 C CA  . GLU B 1 25 ? 1.088   -7.956  3.903   1.00 20.50 ? 25  GLU B CA  1 
ATOM   537 C C   . GLU B 1 25 ? 1.687   -8.099  2.506   1.00 23.85 ? 25  GLU B C   1 
ATOM   538 O O   . GLU B 1 25 ? 2.262   -9.136  2.186   1.00 26.35 ? 25  GLU B O   1 
ATOM   539 C CB  . GLU B 1 25 ? 2.165   -7.855  4.986   1.00 23.24 ? 25  GLU B CB  1 
ATOM   540 C CG  . GLU B 1 25 ? 1.614   -7.616  6.375   1.00 27.51 ? 25  GLU B CG  1 
ATOM   541 C CD  . GLU B 1 25 ? 2.631   -7.728  7.490   1.00 45.42 ? 25  GLU B CD  1 
ATOM   542 O OE1 . GLU B 1 25 ? 3.770   -8.176  7.227   1.00 45.64 ? 25  GLU B OE1 1 
ATOM   543 O OE2 . GLU B 1 25 ? 2.267   -7.416  8.645   1.00 38.11 ? 25  GLU B OE2 1 
ATOM   544 N N   . VAL B 1 26 ? 1.414   -7.140  1.639   1.00 18.15 ? 26  VAL B N   1 
ATOM   545 C CA  . VAL B 1 26 ? 1.808   -7.205  0.238   1.00 17.05 ? 26  VAL B CA  1 
ATOM   546 C C   . VAL B 1 26 ? 2.884   -6.179  -0.080  1.00 22.56 ? 26  VAL B C   1 
ATOM   547 O O   . VAL B 1 26 ? 2.745   -5.007  0.228   1.00 20.48 ? 26  VAL B O   1 
ATOM   548 C CB  . VAL B 1 26 ? 0.567   -7.032  -0.678  1.00 18.29 ? 26  VAL B CB  1 
ATOM   549 C CG1 . VAL B 1 26 ? 0.947   -7.145  -2.147  1.00 18.37 ? 26  VAL B CG1 1 
ATOM   550 C CG2 . VAL B 1 26 ? -0.558  -8.019  -0.318  1.00 17.74 ? 26  VAL B CG2 1 
ATOM   551 N N   . GLU B 1 27 ? 3.943   -6.631  -0.737  1.00 22.58 ? 27  GLU B N   1 
ATOM   552 C CA  . GLU B 1 27 ? 5.029   -5.780  -1.176  1.00 22.57 ? 27  GLU B CA  1 
ATOM   553 C C   . GLU B 1 27 ? 4.866   -5.452  -2.652  1.00 24.49 ? 27  GLU B C   1 
ATOM   554 O O   . GLU B 1 27 ? 4.793   -6.365  -3.472  1.00 23.52 ? 27  GLU B O   1 
ATOM   555 C CB  . GLU B 1 27 ? 6.354   -6.501  -0.922  1.00 26.28 ? 27  GLU B CB  1 
ATOM   556 C CG  . GLU B 1 27 ? 7.553   -5.699  -1.338  1.00 32.43 ? 27  GLU B CG  1 
ATOM   557 C CD  . GLU B 1 27 ? 8.844   -6.301  -0.841  1.00 51.56 ? 27  GLU B CD  1 
ATOM   558 O OE1 . GLU B 1 27 ? 9.368   -5.795  0.173   1.00 63.87 ? 27  GLU B OE1 1 
ATOM   559 O OE2 . GLU B 1 27 ? 9.312   -7.300  -1.432  1.00 38.83 ? 27  GLU B OE2 1 
ATOM   560 N N   . ILE B 1 28 ? 4.808   -4.156  -2.989  1.00 21.86 ? 28  ILE B N   1 
ATOM   561 C CA  . ILE B 1 28 ? 4.742   -3.695  -4.376  1.00 22.13 ? 28  ILE B CA  1 
ATOM   562 C C   . ILE B 1 28 ? 6.148   -3.353  -4.834  1.00 29.70 ? 28  ILE B C   1 
ATOM   563 O O   . ILE B 1 28 ? 6.803   -2.499  -4.227  1.00 31.77 ? 28  ILE B O   1 
ATOM   564 C CB  . ILE B 1 28 ? 3.751   -2.530  -4.645  1.00 23.69 ? 28  ILE B CB  1 
ATOM   565 C CG1 . ILE B 1 28 ? 2.327   -2.852  -4.137  1.00 22.03 ? 28  ILE B CG1 1 
ATOM   566 C CG2 . ILE B 1 28 ? 3.751   -2.146  -6.147  1.00 22.00 ? 28  ILE B CG2 1 
ATOM   567 C CD1 . ILE B 1 28 ? 1.419   -1.678  -4.287  1.00 34.07 ? 28  ILE B CD1 1 
ATOM   568 N N   . THR B 1 29 ? 6.609   -3.998  -5.913  1.00 25.39 ? 29  THR B N   1 
ATOM   569 C CA  . THR B 1 29 ? 7.945   -3.748  -6.426  1.00 27.35 ? 29  THR B CA  1 
ATOM   570 C C   . THR B 1 29 ? 7.957   -2.920  -7.715  1.00 33.22 ? 29  THR B C   1 
ATOM   571 O O   . THR B 1 29 ? 6.972   -2.893  -8.464  1.00 33.84 ? 29  THR B O   1 
ATOM   572 C CB  . THR B 1 29 ? 8.719   -5.056  -6.611  1.00 30.62 ? 29  THR B CB  1 
ATOM   573 O OG1 . THR B 1 29 ? 7.985   -5.872  -7.510  1.00 32.09 ? 29  THR B OG1 1 
ATOM   574 C CG2 . THR B 1 29 ? 8.981   -5.799  -5.307  1.00 25.85 ? 29  THR B CG2 1 
ATOM   575 N N   . ARG B 1 30 ? 9.051   -2.201  -7.899  1.00 29.90 ? 30  ARG B N   1 
ATOM   576 C CA  . ARG B 1 30 ? 9.278   -1.390  -9.070  1.00 32.95 ? 30  ARG B CA  1 
ATOM   577 C C   . ARG B 1 30 ? 10.759  -1.573  -9.300  1.00 38.93 ? 30  ARG B C   1 
ATOM   578 O O   . ARG B 1 30 ? 11.540  -1.510  -8.350  1.00 38.82 ? 30  ARG B O   1 
ATOM   579 C CB  . ARG B 1 30 ? 8.955   0.075   -8.789  1.00 33.52 ? 30  ARG B CB  1 
ATOM   580 C CG  . ARG B 1 30 ? 7.468   0.383   -8.731  1.00 44.56 ? 30  ARG B CG  1 
ATOM   581 C CD  . ARG B 1 30 ? 7.196   1.849   -9.022  1.00 50.77 ? 30  ARG B CD  1 
ATOM   582 N NE  . ARG B 1 30 ? 7.586   2.709   -7.908  1.00 56.14 ? 30  ARG B NE  1 
ATOM   583 C CZ  . ARG B 1 30 ? 7.309   4.007   -7.834  1.00 63.50 ? 30  ARG B CZ  1 
ATOM   584 N NH1 . ARG B 1 30 ? 6.639   4.601   -8.813  1.00 43.59 ? 30  ARG B NH1 1 
ATOM   585 N NH2 . ARG B 1 30 ? 7.703   4.713   -6.782  1.00 43.59 ? 30  ARG B NH2 1 
ATOM   586 N N   . ARG B 1 31 ? 11.172  -1.793  -10.538 1.00 39.13 ? 31  ARG B N   1 
ATOM   587 C CA  . ARG B 1 31 ? 12.597  -1.958  -10.768 1.00 43.22 ? 31  ARG B CA  1 
ATOM   588 C C   . ARG B 1 31 ? 13.350  -0.665  -10.535 1.00 51.10 ? 31  ARG B C   1 
ATOM   589 O O   . ARG B 1 31 ? 12.931  0.384   -10.998 1.00 54.40 ? 31  ARG B O   1 
ATOM   590 C CB  . ARG B 1 31 ? 12.888  -2.552  -12.157 1.00 40.85 ? 31  ARG B CB  1 
ATOM   591 C CG  . ARG B 1 31 ? 12.550  -1.663  -13.334 1.00 57.23 ? 31  ARG B CG  1 
ATOM   592 N N   . GLY B 1 32 ? 14.450  -0.777  -9.787  1.00 47.55 ? 32  GLY B N   1 
ATOM   593 C CA  . GLY B 1 32 ? 15.350  0.319   -9.444  1.00 48.16 ? 32  GLY B CA  1 
ATOM   594 C C   . GLY B 1 32 ? 14.903  1.255   -8.338  1.00 46.81 ? 32  GLY B C   1 
ATOM   595 O O   . GLY B 1 32 ? 15.565  2.216   -7.985  1.00 50.53 ? 32  GLY B O   1 
ATOM   596 N N   . ARG B 1 33 ? 13.760  0.930   -7.787  1.00 37.47 ? 33  ARG B N   1 
ATOM   597 C CA  . ARG B 1 33 ? 13.054  1.678   -6.761  1.00 35.74 ? 33  ARG B CA  1 
ATOM   598 C C   . ARG B 1 33 ? 12.764  0.839   -5.535  1.00 36.27 ? 33  ARG B C   1 
ATOM   599 O O   . ARG B 1 33 ? 12.664  -0.387  -5.601  1.00 34.57 ? 33  ARG B O   1 
ATOM   600 C CB  . ARG B 1 33 ? 11.750  2.251   -7.322  1.00 33.35 ? 33  ARG B CB  1 
ATOM   601 C CG  . ARG B 1 33 ? 11.939  3.165   -8.521  1.00 48.20 ? 33  ARG B CG  1 
ATOM   602 C CD  . ARG B 1 33 ? 12.699  4.425   -8.141  1.00 61.23 ? 33  ARG B CD  1 
ATOM   603 N NE  . ARG B 1 33 ? 11.807  5.481   -7.670  1.00 61.32 ? 33  ARG B NE  1 
ATOM   604 C CZ  . ARG B 1 33 ? 11.409  6.510   -8.412  1.00 78.40 ? 33  ARG B CZ  1 
ATOM   605 N NH1 . ARG B 1 33 ? 11.825  6.624   -9.665  1.00 52.87 ? 33  ARG B NH1 1 
ATOM   606 N NH2 . ARG B 1 33 ? 10.597  7.423   -7.900  1.00 82.79 ? 33  ARG B NH2 1 
ATOM   607 N N   . GLU B 1 34 ? 12.637  1.526   -4.409  1.00 31.48 ? 34  GLU B N   1 
ATOM   608 C CA  . GLU B 1 34 ? 12.382  0.885   -3.137  1.00 29.85 ? 34  GLU B CA  1 
ATOM   609 C C   . GLU B 1 34 ? 10.989  0.224   -3.175  1.00 31.26 ? 34  GLU B C   1 
ATOM   610 O O   . GLU B 1 34 ? 10.030  0.857   -3.658  1.00 29.41 ? 34  GLU B O   1 
ATOM   611 C CB  . GLU B 1 34 ? 12.415  1.932   -2.011  1.00 30.95 ? 34  GLU B CB  1 
ATOM   612 C CG  . GLU B 1 34 ? 12.336  1.372   -0.596  1.00 34.58 ? 34  GLU B CG  1 
ATOM   613 C CD  . GLU B 1 34 ? 12.081  2.392   0.502   1.00 46.15 ? 34  GLU B CD  1 
ATOM   614 O OE1 . GLU B 1 34 ? 11.916  1.973   1.669   1.00 35.48 ? 34  GLU B OE1 1 
ATOM   615 O OE2 . GLU B 1 34 ? 12.017  3.605   0.197   1.00 37.80 ? 34  GLU B OE2 1 
ATOM   616 N N   . PRO B 1 35 ? 10.845  -1.011  -2.645  1.00 26.34 ? 35  PRO B N   1 
ATOM   617 C CA  . PRO B 1 35 ? 9.510   -1.608  -2.576  1.00 24.32 ? 35  PRO B CA  1 
ATOM   618 C C   . PRO B 1 35 ? 8.669   -0.922  -1.503  1.00 27.05 ? 35  PRO B C   1 
ATOM   619 O O   . PRO B 1 35 ? 9.209   -0.428  -0.500  1.00 28.24 ? 35  PRO B O   1 
ATOM   620 C CB  . PRO B 1 35 ? 9.790   -3.069  -2.188  1.00 26.44 ? 35  PRO B CB  1 
ATOM   621 C CG  . PRO B 1 35 ? 11.281  -3.245  -2.304  1.00 33.58 ? 35  PRO B CG  1 
ATOM   622 C CD  . PRO B 1 35 ? 11.843  -1.903  -2.031  1.00 30.13 ? 35  PRO B CD  1 
ATOM   623 N N   . ALA B 1 36 ? 7.350   -0.864  -1.735  1.00 20.88 ? 36  ALA B N   1 
ATOM   624 C CA  . ALA B 1 36 ? 6.367   -0.310  -0.796  1.00 18.66 ? 36  ALA B CA  1 
ATOM   625 C C   . ALA B 1 36 ? 5.619   -1.482  -0.187  1.00 23.30 ? 36  ALA B C   1 
ATOM   626 O O   . ALA B 1 36 ? 5.390   -2.488  -0.863  1.00 23.47 ? 36  ALA B O   1 
ATOM   627 C CB  . ALA B 1 36 ? 5.397   0.600   -1.522  1.00 17.59 ? 36  ALA B CB  1 
ATOM   628 N N   . VAL B 1 37 ? 5.253   -1.384  1.090   1.00 19.47 ? 37  VAL B N   1 
ATOM   629 C CA  . VAL B 1 37 ? 4.521   -2.477  1.731   1.00 17.89 ? 37  VAL B CA  1 
ATOM   630 C C   . VAL B 1 37 ? 3.118   -1.982  2.095   1.00 20.59 ? 37  VAL B C   1 
ATOM   631 O O   . VAL B 1 37 ? 2.973   -0.913  2.703   1.00 20.87 ? 37  VAL B O   1 
ATOM   632 C CB  . VAL B 1 37 ? 5.273   -3.099  2.952   1.00 22.17 ? 37  VAL B CB  1 
ATOM   633 C CG1 . VAL B 1 37 ? 4.531   -4.332  3.501   1.00 20.39 ? 37  VAL B CG1 1 
ATOM   634 C CG2 . VAL B 1 37 ? 6.725   -3.443  2.593   1.00 24.39 ? 37  VAL B CG2 1 
ATOM   635 N N   . ILE B 1 38 ? 2.099   -2.768  1.728   1.00 14.56 ? 38  ILE B N   1 
ATOM   636 C CA  . ILE B 1 38 ? 0.713   -2.444  2.048   1.00 13.06 ? 38  ILE B CA  1 
ATOM   637 C C   . ILE B 1 38 ? 0.249   -3.353  3.166   1.00 16.26 ? 38  ILE B C   1 
ATOM   638 O O   . ILE B 1 38 ? 0.256   -4.579  3.016   1.00 16.60 ? 38  ILE B O   1 
ATOM   639 C CB  . ILE B 1 38 ? -0.266  -2.505  0.832   1.00 14.52 ? 38  ILE B CB  1 
ATOM   640 C CG1 . ILE B 1 38 ? 0.302   -1.779  -0.406  1.00 13.99 ? 38  ILE B CG1 1 
ATOM   641 C CG2 . ILE B 1 38 ? -1.668  -1.969  1.247   1.00 12.64 ? 38  ILE B CG2 1 
ATOM   642 C CD1 . ILE B 1 38 ? -0.472  -1.996  -1.589  1.00 24.62 ? 38  ILE B CD1 1 
ATOM   643 N N   . VAL B 1 39 ? -0.179  -2.733  4.272   1.00 12.23 ? 39  VAL B N   1 
ATOM   644 C CA  . VAL B 1 39 ? -0.712  -3.407  5.452   1.00 11.83 ? 39  VAL B CA  1 
ATOM   645 C C   . VAL B 1 39 ? -2.126  -2.928  5.730   1.00 15.75 ? 39  VAL B C   1 
ATOM   646 O O   . VAL B 1 39 ? -2.543  -1.890  5.228   1.00 15.14 ? 39  VAL B O   1 
ATOM   647 C CB  . VAL B 1 39 ? 0.195   -3.283  6.714   1.00 15.99 ? 39  VAL B CB  1 
ATOM   648 C CG1 . VAL B 1 39 ? 1.584   -3.863  6.447   1.00 16.79 ? 39  VAL B CG1 1 
ATOM   649 C CG2 . VAL B 1 39 ? 0.273   -1.831  7.213   1.00 15.50 ? 39  VAL B CG2 1 
ATOM   650 N N   . SER B 1 40 ? -2.866  -3.700  6.522   1.00 14.54 ? 40  SER B N   1 
ATOM   651 C CA  . SER B 1 40 ? -4.202  -3.333  6.917   1.00 14.09 ? 40  SER B CA  1 
ATOM   652 C C   . SER B 1 40 ? -4.052  -2.242  7.962   1.00 20.31 ? 40  SER B C   1 
ATOM   653 O O   . SER B 1 40 ? -3.031  -2.184  8.656   1.00 21.75 ? 40  SER B O   1 
ATOM   654 C CB  . SER B 1 40 ? -4.931  -4.538  7.516   1.00 17.10 ? 40  SER B CB  1 
ATOM   655 O OG  . SER B 1 40 ? -4.263  -5.040  8.665   1.00 19.21 ? 40  SER B OG  1 
ATOM   656 N N   . LYS B 1 41 ? -5.069  -1.402  8.092   1.00 16.90 ? 41  LYS B N   1 
ATOM   657 C CA  . LYS B 1 41 ? -5.109  -0.371  9.110   1.00 17.56 ? 41  LYS B CA  1 
ATOM   658 C C   . LYS B 1 41 ? -4.983  -1.012  10.537  1.00 18.38 ? 41  LYS B C   1 
ATOM   659 O O   . LYS B 1 41 ? -4.336  -0.436  11.399  1.00 17.67 ? 41  LYS B O   1 
ATOM   660 C CB  . LYS B 1 41 ? -6.423  0.410   8.947   1.00 21.35 ? 41  LYS B CB  1 
ATOM   661 C CG  . LYS B 1 41 ? -6.723  1.416   10.031  1.00 27.24 ? 41  LYS B CG  1 
ATOM   662 C CD  . LYS B 1 41 ? -6.125  2.729   9.748   1.00 28.79 ? 41  LYS B CD  1 
ATOM   663 C CE  . LYS B 1 41 ? -6.763  3.779   10.604  1.00 31.23 ? 41  LYS B CE  1 
ATOM   664 N NZ  . LYS B 1 41 ? -5.856  4.934   10.704  1.00 48.82 ? 41  LYS B NZ  1 
ATOM   665 N N   . ALA B 1 42 ? -5.544  -2.209  10.754  1.00 15.18 ? 42  ALA B N   1 
ATOM   666 C CA  . ALA B 1 42 ? -5.423  -2.916  12.045  1.00 16.46 ? 42  ALA B CA  1 
ATOM   667 C C   . ALA B 1 42 ? -3.943  -3.289  12.354  1.00 20.77 ? 42  ALA B C   1 
ATOM   668 O O   . ALA B 1 42 ? -3.485  -3.018  13.464  1.00 19.73 ? 42  ALA B O   1 
ATOM   669 C CB  . ALA B 1 42 ? -6.316  -4.149  12.079  1.00 17.61 ? 42  ALA B CB  1 
ATOM   670 N N   . THR B 1 43 ? -3.187  -3.815  11.344  1.00 17.54 ? 43  THR B N   1 
ATOM   671 C CA  . THR B 1 43 ? -1.749  -4.139  11.462  1.00 19.10 ? 43  THR B CA  1 
ATOM   672 C C   . THR B 1 43 ? -0.961  -2.858  11.733  1.00 25.82 ? 43  THR B C   1 
ATOM   673 O O   . THR B 1 43 ? -0.121  -2.836  12.633  1.00 26.98 ? 43  THR B O   1 
ATOM   674 C CB  . THR B 1 43 ? -1.246  -4.856  10.195  1.00 23.76 ? 43  THR B CB  1 
ATOM   675 O OG1 . THR B 1 43 ? -2.001  -6.050  10.050  1.00 26.78 ? 43  THR B OG1 1 
ATOM   676 C CG2 . THR B 1 43 ? 0.281   -5.186  10.230  1.00 18.68 ? 43  THR B CG2 1 
ATOM   677 N N   . PHE B 1 44 ? -1.261  -1.779  10.972  1.00 23.34 ? 44  PHE B N   1 
ATOM   678 C CA  . PHE B 1 44 ? -0.620  -0.486  11.170  1.00 23.83 ? 44  PHE B CA  1 
ATOM   679 C C   . PHE B 1 44 ? -0.849  0.075   12.597  1.00 27.80 ? 44  PHE B C   1 
ATOM   680 O O   . PHE B 1 44 ? 0.077   0.622   13.198  1.00 27.17 ? 44  PHE B O   1 
ATOM   681 C CB  . PHE B 1 44 ? -1.105  0.506   10.115  1.00 24.69 ? 44  PHE B CB  1 
ATOM   682 C CG  . PHE B 1 44 ? -0.510  1.878   10.281  1.00 27.44 ? 44  PHE B CG  1 
ATOM   683 C CD1 . PHE B 1 44 ? 0.798   2.138   9.886   1.00 31.79 ? 44  PHE B CD1 1 
ATOM   684 C CD2 . PHE B 1 44 ? -1.246  2.906   10.850  1.00 30.20 ? 44  PHE B CD2 1 
ATOM   685 C CE1 . PHE B 1 44 ? 1.356   3.405   10.057  1.00 34.10 ? 44  PHE B CE1 1 
ATOM   686 C CE2 . PHE B 1 44 ? -0.687  4.178   11.009  1.00 34.13 ? 44  PHE B CE2 1 
ATOM   687 C CZ  . PHE B 1 44 ? 0.608   4.416   10.612  1.00 33.12 ? 44  PHE B CZ  1 
ATOM   688 N N   . GLU B 1 45 ? -2.089  -0.023  13.123  1.00 24.80 ? 45  GLU B N   1 
ATOM   689 C CA  . GLU B 1 45 ? -2.378  0.503   14.460  1.00 24.15 ? 45  GLU B CA  1 
ATOM   690 C C   . GLU B 1 45 ? -1.688  -0.308  15.569  1.00 29.53 ? 45  GLU B C   1 
ATOM   691 O O   . GLU B 1 45 ? -1.236  0.272   16.561  1.00 29.94 ? 45  GLU B O   1 
ATOM   692 C CB  . GLU B 1 45 ? -3.884  0.690   14.683  1.00 24.40 ? 45  GLU B CB  1 
ATOM   693 C CG  . GLU B 1 45 ? -4.515  1.764   13.794  1.00 27.45 ? 45  GLU B CG  1 
ATOM   694 C CD  . GLU B 1 45 ? -3.999  3.192   13.915  1.00 36.11 ? 45  GLU B CD  1 
ATOM   695 O OE1 . GLU B 1 45 ? -3.512  3.567   15.002  1.00 32.42 ? 45  GLU B OE1 1 
ATOM   696 O OE2 . GLU B 1 45 ? -4.110  3.950   12.926  1.00 27.09 ? 45  GLU B OE2 1 
ATOM   697 N N   . GLU B 1 46 ? -1.520  -1.634  15.342  1.00 26.75 ? 46  GLU B N   1 
ATOM   698 C CA  . GLU B 1 46 ? -0.836  -2.572  16.244  1.00 28.57 ? 46  GLU B CA  1 
ATOM   699 C C   . GLU B 1 46 ? 0.656   -2.230  16.430  1.00 35.61 ? 46  GLU B C   1 
ATOM   700 O O   . GLU B 1 46 ? 1.223   -2.612  17.443  1.00 38.92 ? 46  GLU B O   1 
ATOM   701 C CB  . GLU B 1 46 ? -0.978  -4.002  15.720  1.00 20.00 ? 46  GLU B CB  1 
ATOM   702 N N   . TRP B 1 47 ? 1.294   -1.523  15.462  1.00 31.67 ? 47  TRP B N   1 
ATOM   703 C CA  . TRP B 1 47 ? 2.709   -1.124  15.553  1.00 48.31 ? 47  TRP B CA  1 
ATOM   704 C C   . TRP B 1 47 ? 2.964   -0.108  16.681  1.00 88.18 ? 47  TRP B C   1 
ATOM   705 O O   . TRP B 1 47 ? 2.607   1.068   16.576  1.00 54.23 ? 47  TRP B O   1 
ATOM   706 C CB  . TRP B 1 47 ? 3.229   -0.583  14.207  1.00 45.92 ? 47  TRP B CB  1 
ATOM   707 C CG  . TRP B 1 47 ? 3.401   -1.608  13.126  1.00 46.70 ? 47  TRP B CG  1 
ATOM   708 C CD1 . TRP B 1 47 ? 3.532   -2.958  13.278  1.00 50.96 ? 47  TRP B CD1 1 
ATOM   709 C CD2 . TRP B 1 47 ? 3.499   -1.351  11.715  1.00 45.54 ? 47  TRP B CD2 1 
ATOM   710 N NE1 . TRP B 1 47 ? 3.690   -3.561  12.049  1.00 50.17 ? 47  TRP B NE1 1 
ATOM   711 C CE2 . TRP B 1 47 ? 3.697   -2.595  11.075  1.00 49.80 ? 47  TRP B CE2 1 
ATOM   712 C CE3 . TRP B 1 47 ? 3.428   -0.187  10.924  1.00 45.37 ? 47  TRP B CE3 1 
ATOM   713 C CZ2 . TRP B 1 47 ? 3.846   -2.704  9.688   1.00 48.03 ? 47  TRP B CZ2 1 
ATOM   714 C CZ3 . TRP B 1 47 ? 3.595   -0.298  9.553   1.00 45.62 ? 47  TRP B CZ3 1 
ATOM   715 C CH2 . TRP B 1 47 ? 3.776   -1.546  8.948   1.00 46.48 ? 47  TRP B CH2 1 
HETATM 716 C C   . ACT C 2 .  ? -1.701  -10.478 -4.463  1.00 41.61 ? 101 ACT B C   1 
HETATM 717 O O   . ACT C 2 .  ? -1.429  -11.350 -5.307  1.00 52.74 ? 101 ACT B O   1 
HETATM 718 O OXT . ACT C 2 .  ? -2.778  -9.845  -4.415  1.00 40.38 ? 101 ACT B OXT 1 
HETATM 719 C CH3 . ACT C 2 .  ? -0.619  -10.177 -3.426  1.00 40.26 ? 101 ACT B CH3 1 
HETATM 720 C C   . ACT D 2 .  ? -9.745  -2.819  -9.832  1.00 51.99 ? 102 ACT B C   1 
HETATM 721 O O   . ACT D 2 .  ? -8.540  -2.964  -9.553  1.00 35.66 ? 102 ACT B O   1 
HETATM 722 O OXT . ACT D 2 .  ? -10.618 -3.706  -9.704  1.00 56.11 ? 102 ACT B OXT 1 
HETATM 723 C CH3 . ACT D 2 .  ? -10.211 -1.447  -10.379 1.00 52.14 ? 102 ACT B CH3 1 
HETATM 724 C C   . ACT E 2 .  ? -1.870  -6.868  -15.214 0.40 11.26 ? 103 ACT B C   1 
HETATM 725 O O   . ACT E 2 .  ? -1.222  -7.927  -15.151 0.40 14.24 ? 103 ACT B O   1 
HETATM 726 O OXT . ACT E 2 .  ? -3.046  -6.753  -14.854 0.40 3.00  ? 103 ACT B OXT 1 
HETATM 727 C CH3 . ACT E 2 .  ? -1.176  -5.611  -15.787 0.40 13.53 ? 103 ACT B CH3 1 
HETATM 728 C C   . ACT F 2 .  ? -5.771  -7.497  10.526  1.00 52.91 ? 104 ACT B C   1 
HETATM 729 O O   . ACT F 2 .  ? -4.936  -7.571  9.592   1.00 45.12 ? 104 ACT B O   1 
HETATM 730 O OXT . ACT F 2 .  ? -6.877  -6.952  10.440  1.00 55.60 ? 104 ACT B OXT 1 
HETATM 731 C CH3 . ACT F 2 .  ? -5.451  -8.112  11.910  1.00 53.12 ? 104 ACT B CH3 1 
HETATM 732 C C   . ACT G 2 .  ? 15.077  -2.944  -5.425  1.00 62.85 ? 105 ACT B C   1 
HETATM 733 O O   . ACT G 2 .  ? 15.043  -3.181  -6.666  1.00 64.29 ? 105 ACT B O   1 
HETATM 734 O OXT . ACT G 2 .  ? 14.966  -1.811  -4.916  1.00 57.86 ? 105 ACT B OXT 1 
HETATM 735 C CH3 . ACT G 2 .  ? 15.265  -4.140  -4.454  1.00 61.70 ? 105 ACT B CH3 1 
HETATM 736 H H1  . ACT G 2 .  ? 14.845  -5.049  -4.883  1.00 61.62 ? 105 ACT B H1  1 
HETATM 737 H H2  . ACT G 2 .  ? 14.770  -3.975  -3.499  1.00 61.46 ? 105 ACT B H2  1 
HETATM 738 H H3  . ACT G 2 .  ? 16.316  -4.339  -4.248  1.00 61.74 ? 105 ACT B H3  1 
HETATM 739 O O   . HOH H 3 .  ? -10.004 -3.114  2.857   1.00 19.22 ? 101 HOH A O   1 
HETATM 740 O O   . HOH H 3 .  ? -10.312 9.108   2.028   1.00 36.89 ? 102 HOH A O   1 
HETATM 741 O O   . HOH H 3 .  ? -13.154 6.398   0.402   1.00 32.71 ? 103 HOH A O   1 
HETATM 742 O O   . HOH H 3 .  ? -12.079 2.846   4.455   1.00 28.56 ? 104 HOH A O   1 
HETATM 743 O O   . HOH H 3 .  ? 6.350   3.887   -11.670 1.00 34.00 ? 105 HOH A O   1 
HETATM 744 O O   . HOH H 3 .  ? -0.526  10.410  -2.287  1.00 33.75 ? 106 HOH A O   1 
HETATM 745 O O   . HOH H 3 .  ? 7.117   -6.065  10.949  1.00 42.50 ? 107 HOH A O   1 
HETATM 746 O O   . HOH H 3 .  ? 7.470   3.340   -2.523  0.91 16.46 ? 108 HOH A O   1 
HETATM 747 O O   . HOH H 3 .  ? 9.078   3.380   -4.738  1.00 30.84 ? 109 HOH A O   1 
HETATM 748 O O   . HOH H 3 .  ? -9.379  -0.095  1.699   1.00 34.23 ? 110 HOH A O   1 
HETATM 749 O O   . HOH H 3 .  ? -7.005  -3.194  5.154   0.80 5.09  ? 111 HOH A O   1 
HETATM 750 O O   . HOH H 3 .  ? -5.591  13.162  4.241   1.00 31.19 ? 112 HOH A O   1 
HETATM 751 O O   . HOH H 3 .  ? 11.424  5.546   5.074   1.00 13.75 ? 113 HOH A O   1 
HETATM 752 O O   . HOH H 3 .  ? 6.903   5.333   4.602   1.00 25.13 ? 114 HOH A O   1 
HETATM 753 O O   . HOH H 3 .  ? 1.033   8.608   -10.905 1.00 40.14 ? 115 HOH A O   1 
HETATM 754 O O   . HOH H 3 .  ? 0.054   10.312  -12.786 1.00 46.93 ? 116 HOH A O   1 
HETATM 755 O O   . HOH H 3 .  ? 3.638   10.036  7.350   1.00 41.24 ? 117 HOH A O   1 
HETATM 756 O O   . HOH H 3 .  ? -15.513 4.158   4.371   1.00 36.05 ? 118 HOH A O   1 
HETATM 757 O O   . HOH H 3 .  ? 0.278   5.299   -12.034 1.00 27.18 ? 119 HOH A O   1 
HETATM 758 O O   . HOH H 3 .  ? 16.102  -5.437  2.876   1.00 54.61 ? 120 HOH A O   1 
HETATM 759 O O   . HOH H 3 .  ? -14.701 2.060   -2.776  1.00 30.01 ? 121 HOH A O   1 
HETATM 760 O O   . HOH H 3 .  ? 14.696  -5.092  13.083  1.00 47.63 ? 122 HOH A O   1 
HETATM 761 O O   . HOH H 3 .  ? -7.348  9.452   9.215   1.00 63.22 ? 123 HOH A O   1 
HETATM 762 O O   . HOH I 3 .  ? -8.158  -7.006  8.352   0.87 14.72 ? 201 HOH B O   1 
HETATM 763 O O   . HOH I 3 .  ? 0.256   -12.930 -6.200  1.00 21.55 ? 202 HOH B O   1 
HETATM 764 O O   . HOH I 3 .  ? 1.300   -7.813  -15.484 1.00 50.15 ? 203 HOH B O   1 
HETATM 765 O O   . HOH I 3 .  ? -6.091  7.294   11.683  1.00 38.98 ? 204 HOH B O   1 
HETATM 766 O O   . HOH I 3 .  ? 7.771   -11.935 -0.677  1.00 39.55 ? 205 HOH B O   1 
HETATM 767 O O   . HOH I 3 .  ? 10.891  -2.413  -5.677  1.00 24.91 ? 206 HOH B O   1 
HETATM 768 O O   . HOH I 3 .  ? -12.700 -2.119  -4.440  1.00 31.81 ? 207 HOH B O   1 
HETATM 769 O O   . HOH I 3 .  ? 9.379   -5.473  -9.850  0.77 13.86 ? 208 HOH B O   1 
HETATM 770 O O   . HOH I 3 .  ? 2.590   -12.520 -4.642  1.00 44.79 ? 209 HOH B O   1 
HETATM 771 O O   . HOH I 3 .  ? 7.702   -8.643  -7.273  1.00 26.52 ? 210 HOH B O   1 
HETATM 772 O O   . HOH I 3 .  ? -2.049  -6.636  6.383   1.00 28.85 ? 211 HOH B O   1 
HETATM 773 O O   . HOH I 3 .  ? 7.599   0.399   -5.096  0.88 30.43 ? 212 HOH B O   1 
HETATM 774 O O   . HOH I 3 .  ? -7.265  -3.230  2.707   1.00 13.38 ? 213 HOH B O   1 
HETATM 775 O O   . HOH I 3 .  ? 3.629   -7.623  11.196  1.00 38.24 ? 214 HOH B O   1 
HETATM 776 O O   . HOH I 3 .  ? 3.893   -11.236 6.199   0.50 39.73 ? 215 HOH B O   1 
HETATM 777 O O   . HOH I 3 .  ? -10.424 -10.191 -4.177  1.00 29.71 ? 216 HOH B O   1 
HETATM 778 O O   . HOH I 3 .  ? -3.614  6.985   12.690  1.00 47.30 ? 217 HOH B O   1 
HETATM 779 O O   . HOH I 3 .  ? 1.441   3.270   14.176  1.00 44.08 ? 218 HOH B O   1 
HETATM 780 O O   . HOH I 3 .  ? 8.794   2.684   -0.520  0.74 11.53 ? 219 HOH B O   1 
HETATM 781 O O   . HOH I 3 .  ? -0.676  -2.862  19.995  1.00 30.80 ? 220 HOH B O   1 
HETATM 782 O O   . HOH I 3 .  ? -8.583  -6.350  -8.896  1.00 22.66 ? 221 HOH B O   1 
HETATM 783 O O   . HOH I 3 .  ? 12.314  -4.635  -5.640  1.00 35.13 ? 222 HOH B O   1 
HETATM 784 O O   . HOH I 3 .  ? 1.573   -12.429 3.522   1.00 46.00 ? 223 HOH B O   1 
HETATM 785 O O   . HOH I 3 .  ? -1.412  -1.394  -15.297 1.00 46.87 ? 224 HOH B O   1 
HETATM 786 O O   . HOH I 3 .  ? 0.875   0.478   -15.099 1.00 39.02 ? 225 HOH B O   1 
HETATM 787 O O   . HOH I 3 .  ? 4.168   -2.511  19.679  1.00 57.68 ? 226 HOH B O   1 
HETATM 788 O O   . HOH I 3 .  ? -9.429  -11.765 -7.047  1.00 47.56 ? 227 HOH B O   1 
HETATM 789 O O   . HOH I 3 .  ? -4.084  -0.992  -15.520 1.00 50.58 ? 228 HOH B O   1 
HETATM 790 O O   . HOH I 3 .  ? -10.721 -9.346  -6.746  1.00 40.30 ? 229 HOH B O   1 
HETATM 791 O O   . HOH I 3 .  ? 1.731   4.688   -14.605 1.00 48.86 ? 230 HOH B O   1 
HETATM 792 O O   . HOH I 3 .  ? 9.645   -8.433  -11.084 0.94 55.26 ? 231 HOH B O   1 
HETATM 793 O O   . HOH I 3 .  ? 7.571   0.830   -12.494 1.00 47.21 ? 232 HOH B O   1 
# 
loop_
_atom_site_anisotrop.id 
_atom_site_anisotrop.type_symbol 
_atom_site_anisotrop.pdbx_label_atom_id 
_atom_site_anisotrop.pdbx_label_alt_id 
_atom_site_anisotrop.pdbx_label_comp_id 
_atom_site_anisotrop.pdbx_label_asym_id 
_atom_site_anisotrop.pdbx_label_seq_id 
_atom_site_anisotrop.pdbx_PDB_ins_code 
_atom_site_anisotrop.U[1][1] 
_atom_site_anisotrop.U[2][2] 
_atom_site_anisotrop.U[3][3] 
_atom_site_anisotrop.U[1][2] 
_atom_site_anisotrop.U[1][3] 
_atom_site_anisotrop.U[2][3] 
_atom_site_anisotrop.pdbx_auth_seq_id 
_atom_site_anisotrop.pdbx_auth_comp_id 
_atom_site_anisotrop.pdbx_auth_asym_id 
_atom_site_anisotrop.pdbx_auth_atom_id 
1   N N   . MET A 1  ? 0.9106 0.6063 0.5831 -0.1528 0.0987  -0.1176 1  MET A N   
2   C CA  . MET A 1  ? 0.8612 0.5749 0.5536 -0.1187 0.0914  -0.0944 1  MET A CA  
3   C C   . MET A 1  ? 0.9109 0.5536 0.5685 -0.0975 0.0944  -0.0827 1  MET A C   
4   O O   . MET A 1  ? 0.9346 0.5461 0.5712 -0.0721 0.0935  -0.0846 1  MET A O   
5   C CB  . MET A 1  ? 0.8572 0.6222 0.5726 -0.0940 0.0830  -0.0919 1  MET A CB  
6   C CG  . MET A 1  ? 0.8633 0.6557 0.6058 -0.0667 0.0780  -0.0713 1  MET A CG  
7   S SD  . MET A 1  ? 0.8592 0.7101 0.6411 -0.0742 0.0716  -0.0580 1  MET A SD  
8   C CE  . MET A 1  ? 0.7828 0.6716 0.5860 -0.0481 0.0689  -0.0459 1  MET A CE  
9   N N   . GLN A 2  ? 0.8342 0.4538 0.4845 -0.1043 0.0966  -0.0712 2  GLN A N   
10  C CA  . GLN A 2  ? 0.8394 0.3937 0.4531 -0.0807 0.0943  -0.0584 2  GLN A CA  
11  C C   . GLN A 2  ? 0.7479 0.3531 0.4014 -0.0490 0.0790  -0.0428 2  GLN A C   
12  O O   . GLN A 2  ? 0.6544 0.3290 0.3538 -0.0545 0.0751  -0.0386 2  GLN A O   
13  C CB  . GLN A 2  ? 0.8954 0.3941 0.4723 -0.1058 0.1057  -0.0542 2  GLN A CB  
14  C CG  . GLN A 2  ? 1.1092 0.5374 0.6352 -0.1393 0.1248  -0.0704 2  GLN A CG  
15  N N   . SER A 3  ? 0.6900 0.2603 0.3246 -0.0149 0.0698  -0.0365 3  SER A N   
16  C CA  . SER A 3  ? 0.6205 0.2379 0.2933 0.0132  0.0544  -0.0258 3  SER A CA  
17  C C   . SER A 3  ? 0.6803 0.2437 0.3174 0.0332  0.0425  -0.0157 3  SER A C   
18  O O   . SER A 3  ? 0.7655 0.2501 0.3455 0.0481  0.0426  -0.0174 3  SER A O   
19  C CB  . SER A 3  ? 0.6204 0.2751 0.3211 0.0410  0.0516  -0.0328 3  SER A CB  
20  O OG  . SER A 3  ? 0.6571 0.3663 0.4027 0.0616  0.0392  -0.0260 3  SER A OG  
21  N N   . ILE A 4  ? 0.5597 0.1577 0.2223 0.0336  0.0318  -0.0053 4  ILE A N   
22  C CA  . ILE A 4  ? 0.5938 0.1492 0.2237 0.0536  0.0159  0.0041  4  ILE A CA  
23  C C   . ILE A 4  ? 0.5830 0.2088 0.2673 0.0720  -0.0035 0.0071  4  ILE A C   
24  O O   . ILE A 4  ? 0.5192 0.2162 0.2586 0.0587  0.0015  0.0054  4  ILE A O   
25  C CB  . ILE A 4  ? 0.6536 0.1509 0.2340 0.0275  0.0256  0.0122  4  ILE A CB  
26  C CG1 . ILE A 4  ? 0.5783 0.1362 0.2019 -0.0036 0.0347  0.0145  4  ILE A CG1 
27  C CG2 . ILE A 4  ? 0.7102 0.1185 0.2232 0.0106  0.0452  0.0075  4  ILE A CG2 
28  C CD1 . ILE A 4  ? 0.6549 0.1723 0.2419 -0.0278 0.0472  0.0200  4  ILE A CD1 
29  N N   . ASN A 5  ? 0.5576 0.1613 0.2230 0.1017  -0.0258 0.0104  5  ASN A N   
30  C CA  . ASN A 5  ? 0.5030 0.1761 0.2220 0.1154  -0.0462 0.0095  5  ASN A CA  
31  C C   . ASN A 5  ? 0.5206 0.1925 0.2326 0.0929  -0.0496 0.0188  5  ASN A C   
32  O O   . ASN A 5  ? 0.5446 0.1615 0.2092 0.0719  -0.0360 0.0260  5  ASN A O   
33  C CB  . ASN A 5  ? 0.5139 0.1803 0.2261 0.1626  -0.0736 0.0036  5  ASN A CB  
34  C CG  . ASN A 5  ? 0.7027 0.2703 0.3287 0.1839  -0.0877 0.0112  5  ASN A CG  
35  O OD1 . ASN A 5  ? 0.6761 0.1894 0.2530 0.1613  -0.0808 0.0218  5  ASN A OD1 
36  N ND2 . ASN A 5  ? 0.5723 0.1380 0.1713 0.2159  -0.1030 -0.0047 5  ASN A ND2 
37  N N   . PHE A 6  ? 0.4194 0.1527 0.1791 0.0946  -0.0647 0.0168  6  PHE A N   
38  C CA  . PHE A 6  ? 0.3906 0.1227 0.1434 0.0748  -0.0681 0.0237  6  PHE A CA  
39  C C   . PHE A 6  ? 0.5211 0.1743 0.2000 0.0841  -0.0802 0.0311  6  PHE A C   
40  O O   . PHE A 6  ? 0.5346 0.1555 0.1825 0.0609  -0.0668 0.0386  6  PHE A O   
41  C CB  . PHE A 6  ? 0.3592 0.1649 0.1723 0.0745  -0.0834 0.0169  6  PHE A CB  
42  C CG  . PHE A 6  ? 0.3664 0.1631 0.1658 0.0581  -0.0909 0.0217  6  PHE A CG  
43  C CD1 . PHE A 6  ? 0.3842 0.1853 0.1881 0.0283  -0.0698 0.0279  6  PHE A CD1 
44  C CD2 . PHE A 6  ? 0.4216 0.2054 0.2011 0.0755  -0.1208 0.0184  6  PHE A CD2 
45  C CE1 . PHE A 6  ? 0.3951 0.1826 0.1819 0.0153  -0.0752 0.0312  6  PHE A CE1 
46  C CE2 . PHE A 6  ? 0.4702 0.2402 0.2306 0.0596  -0.1276 0.0212  6  PHE A CE2 
47  C CZ  . PHE A 6  ? 0.4139 0.1842 0.1779 0.0294  -0.1031 0.0277  6  PHE A CZ  
48  N N   . ARG A 7  ? 0.5343 0.1573 0.1834 0.1208  -0.1059 0.0284  7  ARG A N   
49  C CA  . ARG A 7  ? 0.6211 0.1583 0.1860 0.1361  -0.1207 0.0362  7  ARG A CA  
50  C C   . ARG A 7  ? 0.7297 0.1743 0.2203 0.1188  -0.0916 0.0458  7  ARG A C   
51  O O   . ARG A 7  ? 0.7718 0.1577 0.2040 0.1044  -0.0839 0.0543  7  ARG A O   
52  C CB  . ARG A 7  ? 0.7041 0.2299 0.2510 0.1864  -0.1581 0.0302  7  ARG A CB  
53  C CG  . ARG A 7  ? 0.8462 0.4817 0.4847 0.2024  -0.1829 0.0144  7  ARG A CG  
54  N N   . THR A 8  ? 0.6837 0.1205 0.1803 0.1142  -0.0716 0.0423  8  THR A N   
55  C CA  . THR A 8  ? 0.7263 0.0869 0.1643 0.0882  -0.0403 0.0467  8  THR A CA  
56  C C   . THR A 8  ? 0.7266 0.1211 0.1923 0.0435  -0.0144 0.0480  8  THR A C   
57  O O   . THR A 8  ? 0.7563 0.0888 0.1661 0.0218  0.0052  0.0534  8  THR A O   
58  C CB  . THR A 8  ? 0.7469 0.0969 0.1886 0.0924  -0.0276 0.0389  8  THR A CB  
59  O OG1 . THR A 8  ? 0.8444 0.1580 0.2555 0.1400  -0.0517 0.0372  8  THR A OG1 
60  C CG2 . THR A 8  ? 0.7839 0.0566 0.1671 0.0593  0.0051  0.0396  8  THR A CG2 
61  N N   . ALA A 9  ? 0.5923 0.0820 0.1403 0.0311  -0.0124 0.0426  9  ALA A N   
62  C CA  . ALA A 9  ? 0.5536 0.0794 0.1291 -0.0026 0.0079  0.0432  9  ALA A CA  
63  C C   . ALA A 9  ? 0.6519 0.1505 0.1941 -0.0069 0.0043  0.0507  9  ALA A C   
64  O O   . ALA A 9  ? 0.6839 0.1516 0.1962 -0.0306 0.0273  0.0526  9  ALA A O   
65  C CB  . ALA A 9  ? 0.4717 0.0886 0.1252 -0.0056 0.0049  0.0386  9  ALA A CB  
66  N N   . ARG A 10 ? 0.6140 0.1236 0.1596 0.0156  -0.0241 0.0526  10 ARG A N   
67  C CA  . ARG A 10 ? 0.6478 0.1297 0.1573 0.0143  -0.0321 0.0579  10 ARG A CA  
68  C C   . ARG A 10 ? 0.7853 0.1663 0.1998 0.0147  -0.0235 0.0653  10 ARG A C   
69  O O   . ARG A 10 ? 0.8012 0.1558 0.1854 -0.0059 -0.0037 0.0688  10 ARG A O   
70  C CB  . ARG A 10 ? 0.6724 0.1903 0.2070 0.0382  -0.0684 0.0541  10 ARG A CB  
71  C CG  . ARG A 10 ? 0.7950 0.3157 0.3208 0.0299  -0.0772 0.0551  10 ARG A CG  
72  C CD  . ARG A 10 ? 1.0327 0.5047 0.5006 0.0560  -0.1097 0.0555  10 ARG A CD  
73  N NE  . ARG A 10 ? 1.1555 0.6809 0.6684 0.0821  -0.1458 0.0452  10 ARG A NE  
74  C CZ  . ARG A 10 ? 1.3973 0.9069 0.8951 0.1156  -0.1658 0.0427  10 ARG A CZ  
75  N NH1 . ARG A 10 ? 1.3440 0.7734 0.7741 0.1251  -0.1522 0.0516  10 ARG A NH1 
76  N NH2 . ARG A 10 ? 1.1925 0.7659 0.7425 0.1395  -0.1980 0.0299  10 ARG A NH2 
77  N N   . GLY A 11 ? 0.7994 0.1206 0.1628 0.0401  -0.0371 0.0675  11 GLY A N   
78  C CA  . GLY A 11 ? 0.8920 0.1000 0.1489 0.0444  -0.0296 0.0763  11 GLY A CA  
79  C C   . GLY A 11 ? 0.9558 0.1143 0.1788 0.0085  0.0147  0.0774  11 GLY A C   
80  O O   . GLY A 11 ? 1.0139 0.0938 0.1572 -0.0033 0.0335  0.0787  11 GLY A O   
81  N N   . ASN A 12 ? 0.8650 0.0821 0.1528 -0.0116 0.0327  0.0677  12 ASN A N   
82  C CA  . ASN A 12 ? 0.8964 0.0820 0.1654 -0.0497 0.0729  0.0637  12 ASN A CA  
83  C C   . ASN A 12 ? 0.8564 0.1309 0.2049 -0.0834 0.0950  0.0545  12 ASN A C   
84  O O   . ASN A 12 ? 0.8387 0.1179 0.1993 -0.1114 0.1200  0.0449  12 ASN A O   
85  C CB  . ASN A 12 ? 0.9719 0.1077 0.2127 -0.0418 0.0748  0.0610  12 ASN A CB  
86  C CG  . ASN A 12 ? 1.4997 0.5047 0.6279 -0.0466 0.0921  0.0681  12 ASN A CG  
87  O OD1 . ASN A 12 ? 1.5860 0.5514 0.6851 -0.0882 0.1306  0.0639  12 ASN A OD1 
88  N ND2 . ASN A 12 ? 1.5154 0.4510 0.5759 -0.0048 0.0643  0.0784  12 ASN A ND2 
89  N N   . LEU A 13 ? 0.7599 0.1004 0.1564 -0.0806 0.0858  0.0554  13 LEU A N   
90  C CA  . LEU A 13 ? 0.6827 0.1094 0.1524 -0.1023 0.1012  0.0468  13 LEU A CA  
91  C C   . LEU A 13 ? 0.7393 0.1640 0.2061 -0.1400 0.1395  0.0375  13 LEU A C   
92  O O   . LEU A 13 ? 0.6788 0.1666 0.2022 -0.1555 0.1488  0.0257  13 LEU A O   
93  C CB  . LEU A 13 ? 0.6306 0.1056 0.1331 -0.0912 0.0869  0.0505  13 LEU A CB  
94  C CG  . LEU A 13 ? 0.5952 0.1607 0.1752 -0.0975 0.0901  0.0436  13 LEU A CG  
95  C CD1 . LEU A 13 ? 0.5392 0.1484 0.1650 -0.0886 0.0770  0.0394  13 LEU A CD1 
96  C CD2 . LEU A 13 ? 0.5455 0.1368 0.1408 -0.0871 0.0786  0.0480  13 LEU A CD2 
97  N N   . SER A 14 ? 0.7772 0.1337 0.1790 -0.1549 0.1616  0.0411  14 SER A N   
98  C CA  . SER A 14 ? 0.8080 0.1611 0.2050 -0.1952 0.2034  0.0299  14 SER A CA  
99  C C   . SER A 14 ? 0.8617 0.2072 0.2648 -0.2197 0.2183  0.0179  14 SER A C   
100 O O   . SER A 14 ? 0.8090 0.2225 0.2699 -0.2470 0.2367  0.0010  14 SER A O   
101 C CB  . SER A 14 ? 0.9521 0.2089 0.2574 -0.2057 0.2262  0.0379  14 SER A CB  
102 O OG  . SER A 14 ? 1.0883 0.3693 0.4082 -0.2431 0.2682  0.0256  14 SER A OG  
103 N N   . GLU A 15 ? 0.8794 0.1439 0.2230 -0.2070 0.2075  0.0249  15 GLU A N   
104 C CA  . GLU A 15 ? 0.8990 0.1402 0.2361 -0.2281 0.2202  0.0135  15 GLU A CA  
105 C C   . GLU A 15 ? 0.8373 0.1735 0.2591 -0.2183 0.1997  0.0031  15 GLU A C   
106 O O   . GLU A 15 ? 0.8052 0.1760 0.2599 -0.2483 0.2156  -0.0145 15 GLU A O   
107 C CB  . GLU A 15 ? 1.0213 0.1362 0.2594 -0.2121 0.2157  0.0243  15 GLU A CB  
108 C CG  . GLU A 15 ? 1.2503 0.2515 0.3884 -0.2376 0.2497  0.0300  15 GLU A CG  
109 C CD  . GLU A 15 ? 1.5283 0.5232 0.6660 -0.2990 0.2990  0.0124  15 GLU A CD  
110 O OE1 . GLU A 15 ? 1.2291 0.2987 0.4381 -0.3227 0.3044  -0.0068 15 GLU A OE1 
111 O OE2 . GLU A 15 ? 1.5695 0.4835 0.6326 -0.3246 0.3330  0.0165  15 GLU A OE2 
112 N N   . VAL A 16 ? 0.7330 0.1134 0.1892 -0.1785 0.1654  0.0120  16 VAL A N   
113 C CA  . VAL A 16 ? 0.6437 0.1093 0.1730 -0.1669 0.1473  0.0053  16 VAL A CA  
114 C C   . VAL A 16 ? 0.6506 0.2051 0.2459 -0.1924 0.1614  -0.0088 16 VAL A C   
115 O O   . VAL A 16 ? 0.6438 0.2386 0.2728 -0.2071 0.1646  -0.0238 16 VAL A O   
116 C CB  . VAL A 16 ? 0.6370 0.1326 0.1896 -0.1260 0.1142  0.0175  16 VAL A CB  
117 C CG1 . VAL A 16 ? 0.5409 0.1268 0.1667 -0.1182 0.1021  0.0113  16 VAL A CG1 
118 C CG2 . VAL A 16 ? 0.6956 0.1214 0.1967 -0.0969 0.0968  0.0251  16 VAL A CG2 
119 N N   . LEU A 17 ? 0.5782 0.1589 0.1863 -0.1965 0.1697  -0.0057 17 LEU A N   
120 C CA  . LEU A 17 ? 0.5299 0.1953 0.1985 -0.2133 0.1820  -0.0195 17 LEU A CA  
121 C C   . LEU A 17 ? 0.6224 0.2912 0.2939 -0.2564 0.2129  -0.0400 17 LEU A C   
122 O O   . LEU A 17 ? 0.5971 0.3500 0.3299 -0.2694 0.2169  -0.0579 17 LEU A O   
123 C CB  . LEU A 17 ? 0.5135 0.1954 0.1867 -0.2026 0.1848  -0.0116 17 LEU A CB  
124 C CG  . LEU A 17 ? 0.5234 0.2157 0.2043 -0.1662 0.1555  0.0042  17 LEU A CG  
125 C CD1 . LEU A 17 ? 0.5139 0.2219 0.1980 -0.1604 0.1624  0.0077  17 LEU A CD1 
126 C CD2 . LEU A 17 ? 0.4337 0.1900 0.1672 -0.1500 0.1348  0.0019  17 LEU A CD2 
127 N N   . ASN A 18 ? 0.6390 0.2158 0.2425 -0.2792 0.2348  -0.0387 18 ASN A N   
128 C CA  . ASN A 18 ? 0.6825 0.2518 0.2827 -0.3275 0.2677  -0.0598 18 ASN A CA  
129 C C   . ASN A 18 ? 0.7160 0.3068 0.3399 -0.3347 0.2558  -0.0742 18 ASN A C   
130 O O   . ASN A 18 ? 0.6849 0.3434 0.3596 -0.3655 0.2672  -0.0987 18 ASN A O   
131 C CB  . ASN A 18 ? 0.7991 0.2474 0.3049 -0.3498 0.2966  -0.0538 18 ASN A CB  
132 C CG  . ASN A 18 ? 0.9820 0.4135 0.4645 -0.3572 0.3201  -0.0458 18 ASN A CG  
133 O OD1 . ASN A 18 ? 0.7592 0.2822 0.3034 -0.3492 0.3186  -0.0605 18 ASN A OD1 
134 N ND2 . ASN A 18 ? 1.0038 0.3167 0.3889 -0.3599 0.3349  -0.0311 18 ASN A ND2 
135 N N   . ASN A 19 ? 0.7012 0.2442 0.2935 -0.3037 0.2308  -0.0613 19 ASN A N   
136 C CA  . ASN A 19 ? 0.7072 0.2607 0.3125 -0.3050 0.2189  -0.0740 19 ASN A CA  
137 C C   . ASN A 19 ? 0.6751 0.3477 0.3641 -0.2972 0.2009  -0.0863 19 ASN A C   
138 O O   . ASN A 19 ? 0.7083 0.4204 0.4252 -0.3223 0.2043  -0.1091 19 ASN A O   
139 C CB  . ASN A 19 ? 0.7396 0.2273 0.2997 -0.2657 0.1964  -0.0575 19 ASN A CB  
140 C CG  . ASN A 19 ? 1.0229 0.3862 0.4910 -0.2611 0.2066  -0.0436 19 ASN A CG  
141 O OD1 . ASN A 19 ? 0.9267 0.2217 0.3435 -0.2974 0.2365  -0.0499 19 ASN A OD1 
142 N ND2 . ASN A 19 ? 1.0140 0.3433 0.4563 -0.2156 0.1817  -0.0257 19 ASN A ND2 
143 N N   . VAL A 20 ? 0.5190 0.2446 0.2428 -0.2644 0.1826  -0.0723 20 VAL A N   
144 C CA  . VAL A 20 ? 0.4263 0.2523 0.2166 -0.2492 0.1647  -0.0790 20 VAL A CA  
145 C C   . VAL A 20 ? 0.4734 0.3758 0.3137 -0.2788 0.1791  -0.1031 20 VAL A C   
146 O O   . VAL A 20 ? 0.4346 0.4041 0.3163 -0.2821 0.1675  -0.1213 20 VAL A O   
147 C CB  . VAL A 20 ? 0.4179 0.2588 0.2174 -0.2110 0.1472  -0.0570 20 VAL A CB  
148 C CG1 . VAL A 20 ? 0.3525 0.2834 0.2082 -0.1973 0.1365  -0.0620 20 VAL A CG1 
149 C CG2 . VAL A 20 ? 0.4089 0.2138 0.1863 -0.1818 0.1274  -0.0422 20 VAL A CG2 
150 N N   . GLU A 21 ? 0.4496 0.3439 0.2853 -0.2990 0.2042  -0.1050 21 GLU A N   
151 C CA  . GLU A 21 ? 0.4541 0.4261 0.3422 -0.3275 0.2225  -0.1300 21 GLU A CA  
152 C C   . GLU A 21 ? 0.5760 0.5734 0.4836 -0.3696 0.2314  -0.1610 21 GLU A C   
153 O O   . GLU A 21 ? 0.5187 0.6171 0.4920 -0.3772 0.2241  -0.1858 21 GLU A O   
154 C CB  . GLU A 21 ? 0.5114 0.4405 0.3701 -0.3482 0.2562  -0.1257 21 GLU A CB  
155 C CG  . GLU A 21 ? 0.5738 0.5720 0.4812 -0.3888 0.2856  -0.1555 21 GLU A CG  
156 C CD  . GLU A 21 ? 0.4992 0.4853 0.3927 -0.3924 0.3122  -0.1556 21 GLU A CD  
157 O OE1 . GLU A 21 ? 0.5145 0.5241 0.4216 -0.4268 0.3392  -0.1856 21 GLU A OE1 
158 O OE2 . GLU A 21 ? 0.4544 0.3920 0.3053 -0.3356 0.2800  -0.1466 21 GLU A OE2 
159 N N   . ALA A 22 ? 0.6310 0.5329 0.4771 -0.3946 0.2454  -0.1598 22 ALA A N   
160 C CA  . ALA A 22 ? 0.7038 0.5965 0.5462 -0.4383 0.2570  -0.1867 22 ALA A CA  
161 C C   . ALA A 22 ? 0.7342 0.6888 0.6132 -0.4224 0.2238  -0.2005 22 ALA A C   
162 O O   . ALA A 22 ? 0.7280 0.7356 0.6417 -0.4575 0.2267  -0.2328 22 ALA A O   
163 C CB  . ALA A 22 ? 0.8089 0.5624 0.5590 -0.4534 0.2746  -0.1747 22 ALA A CB  
164 N N   . GLY A 23 ? 0.6648 0.6124 0.5341 -0.3722 0.1944  -0.1777 23 GLY A N   
165 C CA  . GLY A 23 ? 0.6401 0.6342 0.5309 -0.3506 0.1644  -0.1853 23 GLY A CA  
166 C C   . GLY A 23 ? 0.6883 0.6229 0.5368 -0.3116 0.1468  -0.1616 23 GLY A C   
167 O O   . GLY A 23 ? 0.6562 0.6311 0.5207 -0.2859 0.1232  -0.1621 23 GLY A O   
168 N N   . GLU A 24 ? 0.6749 0.5140 0.4673 -0.3059 0.1587  -0.1418 24 GLU A N   
169 C CA  . GLU A 24 ? 0.6740 0.4572 0.4291 -0.2686 0.1448  -0.1212 24 GLU A CA  
170 C C   . GLU A 24 ? 0.6039 0.4371 0.3900 -0.2259 0.1238  -0.1011 24 GLU A C   
171 O O   . GLU A 24 ? 0.5414 0.4155 0.3557 -0.2214 0.1241  -0.0940 24 GLU A O   
172 C CB  . GLU A 24 ? 0.7635 0.4392 0.4529 -0.2705 0.1605  -0.1068 24 GLU A CB  
173 C CG  . GLU A 24 ? 0.9739 0.5888 0.6234 -0.2327 0.1471  -0.0910 24 GLU A CG  
174 C CD  . GLU A 24 ? 1.4362 0.9416 1.0139 -0.2292 0.1585  -0.0787 24 GLU A CD  
175 O OE1 . GLU A 24 ? 1.4677 0.8997 0.9948 -0.2578 0.1776  -0.0905 24 GLU A OE1 
176 O OE2 . GLU A 24 ? 1.4068 0.8953 0.9735 -0.1971 0.1473  -0.0581 24 GLU A OE2 
177 N N   . GLU A 25 ? 0.5379 0.3657 0.3166 -0.1970 0.1083  -0.0939 25 GLU A N   
178 C CA  . GLU A 25 ? 0.4716 0.3337 0.2711 -0.1608 0.0925  -0.0757 25 GLU A CA  
179 C C   . GLU A 25 ? 0.5377 0.3396 0.3058 -0.1381 0.0909  -0.0595 25 GLU A C   
180 O O   . GLU A 25 ? 0.5712 0.3280 0.3096 -0.1332 0.0923  -0.0646 25 GLU A O   
181 C CB  . GLU A 25 ? 0.4577 0.3689 0.2751 -0.1484 0.0792  -0.0835 25 GLU A CB  
182 C CG  . GLU A 25 ? 0.5724 0.5504 0.4216 -0.1640 0.0741  -0.1014 25 GLU A CG  
183 C CD  . GLU A 25 ? 0.7405 0.7602 0.5955 -0.1499 0.0581  -0.1102 25 GLU A CD  
184 O OE1 . GLU A 25 ? 0.5902 0.5821 0.4194 -0.1515 0.0575  -0.1194 25 GLU A OE1 
185 O OE2 . GLU A 25 ? 0.6298 0.7049 0.5086 -0.1355 0.0462  -0.1084 25 GLU A OE2 
186 N N   . VAL A 26 ? 0.4679 0.2675 0.2410 -0.1240 0.0875  -0.0422 26 VAL A N   
187 C CA  . VAL A 26 ? 0.4744 0.2255 0.2224 -0.1019 0.0822  -0.0287 26 VAL A CA  
188 C C   . VAL A 26 ? 0.4563 0.2477 0.2340 -0.0754 0.0690  -0.0174 26 VAL A C   
189 O O   . VAL A 26 ? 0.4086 0.2345 0.2094 -0.0743 0.0656  -0.0092 26 VAL A O   
190 C CB  . VAL A 26 ? 0.5484 0.2512 0.2661 -0.1104 0.0889  -0.0203 26 VAL A CB  
191 C CG1 . VAL A 26 ? 0.5728 0.2224 0.2580 -0.0835 0.0781  -0.0087 26 VAL A CG1 
192 C CG2 . VAL A 26 ? 0.6031 0.2655 0.2906 -0.1443 0.1090  -0.0325 26 VAL A CG2 
193 N N   . GLU A 27 ? 0.4041 0.1858 0.1782 -0.0549 0.0639  -0.0179 27 GLU A N   
194 C CA  . GLU A 27 ? 0.3593 0.1774 0.1624 -0.0335 0.0554  -0.0101 27 GLU A CA  
195 C C   . GLU A 27 ? 0.4134 0.2054 0.2082 -0.0168 0.0446  -0.0014 27 GLU A C   
196 O O   . GLU A 27 ? 0.4518 0.1893 0.2107 -0.0078 0.0423  -0.0030 27 GLU A O   
197 C CB  . GLU A 27 ? 0.3824 0.2109 0.1895 -0.0203 0.0582  -0.0189 27 GLU A CB  
198 C CG  . GLU A 27 ? 0.4591 0.3294 0.2990 -0.0026 0.0559  -0.0143 27 GLU A CG  
199 C CD  . GLU A 27 ? 0.4648 0.3435 0.3054 0.0107  0.0634  -0.0244 27 GLU A CD  
200 O OE1 . GLU A 27 ? 0.4781 0.3434 0.3179 0.0327  0.0611  -0.0288 27 GLU A OE1 
201 O OE2 . GLU A 27 ? 0.5812 0.4758 0.4174 0.0014  0.0709  -0.0294 27 GLU A OE2 
202 N N   . ILE A 28 ? 0.3249 0.1500 0.1464 -0.0131 0.0371  0.0072  28 ILE A N   
203 C CA  . ILE A 28 ? 0.3297 0.1406 0.1474 0.0019  0.0225  0.0128  28 ILE A CA  
204 C C   . ILE A 28 ? 0.3719 0.2293 0.2298 0.0193  0.0151  0.0097  28 ILE A C   
205 O O   . ILE A 28 ? 0.3357 0.2381 0.2265 0.0103  0.0191  0.0118  28 ILE A O   
206 C CB  . ILE A 28 ? 0.3572 0.1628 0.1687 -0.0103 0.0190  0.0217  28 ILE A CB  
207 C CG1 . ILE A 28 ? 0.3892 0.1563 0.1662 -0.0296 0.0314  0.0224  28 ILE A CG1 
208 C CG2 . ILE A 28 ? 0.3711 0.1614 0.1743 0.0071  -0.0007 0.0250  28 ILE A CG2 
209 C CD1 . ILE A 28 ? 0.4945 0.2649 0.2699 -0.0400 0.0322  0.0294  28 ILE A CD1 
210 N N   . THR A 29 ? 0.3570 0.2018 0.2105 0.0449  0.0053  0.0038  29 THR A N   
211 C CA  . THR A 29 ? 0.3365 0.2353 0.2362 0.0630  -0.0004 -0.0036 29 THR A CA  
212 C C   . THR A 29 ? 0.3897 0.3097 0.3096 0.0713  -0.0214 -0.0029 29 THR A C   
213 O O   . THR A 29 ? 0.3936 0.2701 0.2775 0.0742  -0.0354 0.0032  29 THR A O   
214 C CB  . THR A 29 ? 0.4068 0.2931 0.2992 0.0911  -0.0001 -0.0141 29 THR A CB  
215 O OG1 . THR A 29 ? 0.4014 0.2279 0.2494 0.1146  -0.0169 -0.0131 29 THR A OG1 
216 C CG2 . THR A 29 ? 0.3825 0.2513 0.2555 0.0803  0.0204  -0.0182 29 THR A CG2 
217 N N   . ARG A 30 ? 0.3434 0.3298 0.3189 0.0727  -0.0222 -0.0106 30 ARG A N   
218 C CA  . ARG A 30 ? 0.3529 0.3774 0.3613 0.0778  -0.0426 -0.0160 30 ARG A CA  
219 C C   . ARG A 30 ? 0.4194 0.5152 0.4884 0.0905  -0.0389 -0.0318 30 ARG A C   
220 O O   . ARG A 30 ? 0.4079 0.5325 0.4992 0.0762  -0.0131 -0.0336 30 ARG A O   
221 C CB  . ARG A 30 ? 0.3225 0.3600 0.3408 0.0451  -0.0381 -0.0093 30 ARG A CB  
222 C CG  . ARG A 30 ? 0.4487 0.4259 0.4145 0.0364  -0.0456 0.0029  30 ARG A CG  
223 C CD  . ARG A 30 ? 0.4944 0.4841 0.4701 0.0138  -0.0490 0.0053  30 ARG A CD  
224 N NE  . ARG A 30 ? 0.3967 0.3992 0.3829 -0.0112 -0.0245 0.0109  30 ARG A NE  
225 C CZ  . ARG A 30 ? 0.4615 0.4721 0.4556 -0.0327 -0.0209 0.0126  30 ARG A CZ  
226 N NH1 . ARG A 30 ? 0.2286 0.2416 0.2264 -0.0360 -0.0405 0.0073  30 ARG A NH1 
227 N NH2 . ARG A 30 ? 0.1908 0.2021 0.1836 -0.0497 0.0013  0.0190  30 ARG A NH2 
228 N N   . ARG A 31 ? 0.3995 0.5253 0.4937 0.1194  -0.0643 -0.0442 31 ARG A N   
229 C CA  . ARG A 31 ? 0.3940 0.6013 0.5566 0.1359  -0.0631 -0.0639 31 ARG A CA  
230 C C   . ARG A 31 ? 0.3896 0.6628 0.6084 0.0972  -0.0412 -0.0691 31 ARG A C   
231 O O   . ARG A 31 ? 0.3806 0.6572 0.6033 0.0703  -0.0482 -0.0655 31 ARG A O   
232 C CB  . ARG A 31 ? 0.4522 0.6873 0.6348 0.1728  -0.1016 -0.0776 31 ARG A CB  
233 N N   . GLY A 32 ? 0.3226 0.6341 0.5722 0.0930  -0.0117 -0.0766 32 GLY A N   
234 C CA  . GLY A 32 ? 0.2851 0.6499 0.5788 0.0561  0.0175  -0.0816 32 GLY A CA  
235 C C   . GLY A 32 ? 0.2992 0.6189 0.5542 0.0164  0.0339  -0.0630 32 GLY A C   
236 O O   . GLY A 32 ? 0.3084 0.6599 0.5912 -0.0167 0.0523  -0.0661 32 GLY A O   
237 N N   . ARG A 33 ? 0.2081 0.4530 0.3981 0.0194  0.0295  -0.0449 33 ARG A N   
238 C CA  . ARG A 33 ? 0.1786 0.3789 0.3284 -0.0090 0.0406  -0.0279 33 ARG A CA  
239 C C   . ARG A 33 ? 0.2131 0.3673 0.3151 -0.0045 0.0543  -0.0171 33 ARG A C   
240 O O   . ARG A 33 ? 0.2335 0.3710 0.3206 0.0187  0.0487  -0.0207 33 ARG A O   
241 C CB  . ARG A 33 ? 0.1690 0.3343 0.2941 -0.0129 0.0157  -0.0204 33 ARG A CB  
242 C CG  . ARG A 33 ? 0.2251 0.4264 0.3861 -0.0316 0.0056  -0.0290 33 ARG A CG  
243 C CD  . ARG A 33 ? 0.3738 0.5537 0.5171 -0.0661 0.0262  -0.0190 33 ARG A CD  
244 N NE  . ARG A 33 ? 0.6224 0.7997 0.7693 -0.0846 0.0112  -0.0223 33 ARG A NE  
245 C CZ  . ARG A 33 ? 0.8174 0.9486 0.9266 -0.1057 0.0184  -0.0110 33 ARG A CZ  
246 N NH1 . ARG A 33 ? 0.4632 0.5519 0.5308 -0.1073 0.0380  0.0048  33 ARG A NH1 
247 N NH2 . ARG A 33 ? 0.8502 0.9767 0.9604 -0.1223 0.0041  -0.0168 33 ARG A NH2 
248 N N   . GLU A 34 ? 0.1489 0.2806 0.2240 -0.0258 0.0708  -0.0056 34 GLU A N   
249 C CA  . GLU A 34 ? 0.1533 0.2498 0.1858 -0.0223 0.0802  0.0019  34 GLU A CA  
250 C C   . GLU A 34 ? 0.2109 0.2666 0.2125 -0.0125 0.0613  0.0065  34 GLU A C   
251 O O   . GLU A 34 ? 0.1971 0.2369 0.1921 -0.0182 0.0482  0.0120  34 GLU A O   
252 C CB  . GLU A 34 ? 0.1628 0.2424 0.1690 -0.0416 0.0965  0.0134  34 GLU A CB  
253 C CG  . GLU A 34 ? 0.1309 0.1587 0.1028 -0.0280 0.0708  0.0100  34 GLU A CG  
254 C CD  . GLU A 34 ? 0.3045 0.3320 0.2336 -0.0459 0.1087  0.0311  34 GLU A CD  
255 O OE1 . GLU A 34 ? 0.2185 0.2349 0.1500 -0.0566 0.1065  0.0353  34 GLU A OE1 
256 O OE2 . GLU A 34 ? 0.2559 0.2703 0.1537 -0.0388 0.1115  0.0326  34 GLU A OE2 
257 N N   . PRO A 35 ? 0.1785 0.2130 0.1569 -0.0011 0.0624  0.0030  35 PRO A N   
258 C CA  . PRO A 35 ? 0.1724 0.1652 0.1191 0.0004  0.0506  0.0062  35 PRO A CA  
259 C C   . PRO A 35 ? 0.2227 0.2030 0.1498 -0.0159 0.0532  0.0152  35 PRO A C   
260 O O   . PRO A 35 ? 0.2226 0.2163 0.1479 -0.0227 0.0637  0.0186  35 PRO A O   
261 C CB  . PRO A 35 ? 0.2037 0.1782 0.1305 0.0107  0.0559  -0.0026 35 PRO A CB  
262 C CG  . PRO A 35 ? 0.2554 0.2633 0.2073 0.0231  0.0668  -0.0113 35 PRO A CG  
263 C CD  . PRO A 35 ? 0.1901 0.2331 0.1655 0.0079  0.0770  -0.0052 35 PRO A CD  
264 N N   . ALA A 36 ? 0.1997 0.1523 0.1089 -0.0199 0.0445  0.0187  36 ALA A N   
265 C CA  . ALA A 36 ? 0.1957 0.1405 0.0937 -0.0305 0.0448  0.0216  36 ALA A CA  
266 C C   . ALA A 36 ? 0.2758 0.2044 0.1514 -0.0355 0.0497  0.0162  36 ALA A C   
267 O O   . ALA A 36 ? 0.2810 0.1854 0.1449 -0.0310 0.0481  0.0103  36 ALA A O   
268 C CB  . ALA A 36 ? 0.2031 0.1311 0.0956 -0.0340 0.0369  0.0264  36 ALA A CB  
269 N N   . VAL A 37 ? 0.2309 0.1735 0.1030 -0.0432 0.0537  0.0140  37 VAL A N   
270 C CA  . VAL A 37 ? 0.2093 0.1434 0.0807 -0.0520 0.0510  -0.0009 37 VAL A CA  
271 C C   . VAL A 37 ? 0.2741 0.2150 0.1362 -0.0646 0.0584  0.0022  37 VAL A C   
272 O O   . VAL A 37 ? 0.2720 0.2365 0.1436 -0.0595 0.0566  0.0076  37 VAL A O   
273 C CB  . VAL A 37 ? 0.2219 0.1795 0.0814 -0.0525 0.0578  -0.0074 37 VAL A CB  
274 C CG1 . VAL A 37 ? 0.2153 0.1647 0.0760 -0.0687 0.0556  -0.0235 37 VAL A CG1 
275 C CG2 . VAL A 37 ? 0.2238 0.1779 0.0813 -0.0401 0.0607  -0.0079 37 VAL A CG2 
276 N N   . ILE A 38 ? 0.2421 0.1547 0.0940 -0.0779 0.0616  -0.0058 38 ILE A N   
277 C CA  . ILE A 38 ? 0.2458 0.1642 0.0978 -0.0928 0.0704  -0.0090 38 ILE A CA  
278 C C   . ILE A 38 ? 0.3046 0.2469 0.1633 -0.1112 0.0778  -0.0263 38 ILE A C   
279 O O   . ILE A 38 ? 0.3412 0.2559 0.1829 -0.1220 0.0815  -0.0353 38 ILE A O   
280 C CB  . ILE A 38 ? 0.3210 0.1891 0.1435 -0.1020 0.0795  -0.0026 38 ILE A CB  
281 C CG1 . ILE A 38 ? 0.3431 0.1835 0.1529 -0.0837 0.0682  0.0119  38 ILE A CG1 
282 C CG2 . ILE A 38 ? 0.3281 0.2125 0.1575 -0.1151 0.0916  -0.0063 38 ILE A CG2 
283 C CD1 . ILE A 38 ? 0.4977 0.2887 0.2734 -0.0872 0.0712  0.0186  38 ILE A CD1 
284 N N   . VAL A 39 ? 0.2067 0.1966 0.0938 -0.1130 0.0743  -0.0357 39 VAL A N   
285 C CA  . VAL A 39 ? 0.1980 0.2361 0.1035 -0.1285 0.0784  -0.0553 39 VAL A CA  
286 C C   . VAL A 39 ? 0.2400 0.3143 0.1701 -0.1383 0.0881  -0.0634 39 VAL A C   
287 O O   . VAL A 39 ? 0.2194 0.2890 0.1485 -0.1239 0.0895  -0.0501 39 VAL A O   
288 C CB  . VAL A 39 ? 0.2222 0.2955 0.1351 -0.1043 0.0610  -0.0533 39 VAL A CB  
289 C CG1 . VAL A 39 ? 0.2079 0.3435 0.1468 -0.0915 0.0513  -0.0612 39 VAL A CG1 
290 C CG2 . VAL A 39 ? 0.2303 0.2898 0.1274 -0.1071 0.0564  -0.0611 39 VAL A CG2 
291 N N   . SER A 40 ? 0.2144 0.3229 0.1659 -0.1648 0.0970  -0.0869 40 SER A N   
292 C CA  . SER A 40 ? 0.2155 0.3720 0.1997 -0.1759 0.1097  -0.0998 40 SER A CA  
293 C C   . SER A 40 ? 0.2333 0.4577 0.2498 -0.1426 0.0918  -0.1007 40 SER A C   
294 O O   . SER A 40 ? 0.2157 0.4506 0.2267 -0.1195 0.0709  -0.0960 40 SER A O   
295 C CB  . SER A 40 ? 0.2770 0.4643 0.2836 -0.2162 0.1234  -0.1294 40 SER A CB  
296 O OG  . SER A 40 ? 0.2820 0.5250 0.3135 -0.2133 0.1033  -0.1480 40 SER A OG  
297 N N   . LYS A 41 ? 0.1867 0.4492 0.2289 -0.1370 0.1013  -0.1056 41 LYS A N   
298 C CA  . LYS A 41 ? 0.1636 0.4875 0.2325 -0.1001 0.0841  -0.1083 41 LYS A CA  
299 C C   . LYS A 41 ? 0.2028 0.6034 0.3075 -0.0985 0.0646  -0.1340 41 LYS A C   
300 O O   . LYS A 41 ? 0.1978 0.6211 0.2983 -0.0626 0.0398  -0.1300 41 LYS A O   
301 C CB  . LYS A 41 ? 0.1859 0.5385 0.2779 -0.0951 0.1014  -0.1136 41 LYS A CB  
302 C CG  . LYS A 41 ? 0.3327 0.7474 0.4507 -0.0520 0.0850  -0.1188 41 LYS A CG  
303 C CD  . LYS A 41 ? 0.4664 0.8277 0.5399 -0.0124 0.0695  -0.0907 41 LYS A CD  
304 C CE  . LYS A 41 ? 0.6178 1.0227 0.7041 0.0331  0.0572  -0.0943 41 LYS A CE  
305 N NZ  . LYS A 41 ? 0.6634 1.0757 0.7626 0.0373  0.0790  -0.0982 41 LYS A NZ  
306 N N   . ALA A 42 ? 0.1569 0.5903 0.2900 -0.1391 0.0759  -0.1607 42 ALA A N   
307 C CA  . ALA A 42 ? 0.1499 0.6574 0.3183 -0.1468 0.0573  -0.1908 42 ALA A CA  
308 C C   . ALA A 42 ? 0.2030 0.6771 0.3333 -0.1324 0.0333  -0.1819 42 ALA A C   
309 O O   . ALA A 42 ? 0.1918 0.7199 0.3339 -0.1080 0.0056  -0.1939 42 ALA A O   
310 C CB  . ALA A 42 ? 0.1725 0.7000 0.3682 -0.2029 0.0803  -0.2194 42 ALA A CB  
311 N N   . THR A 43 ? 0.1752 0.5612 0.2573 -0.1442 0.0437  -0.1618 43 THR A N   
312 C CA  . THR A 43 ? 0.1959 0.5434 0.2391 -0.1312 0.0277  -0.1523 43 THR A CA  
313 C C   . THR A 43 ? 0.2790 0.6215 0.3022 -0.0842 0.0109  -0.1292 43 THR A C   
314 O O   . THR A 43 ? 0.2814 0.6359 0.2873 -0.0623 -0.0099 -0.1305 43 THR A O   
315 C CB  . THR A 43 ? 0.2426 0.5025 0.2455 -0.1505 0.0453  -0.1374 43 THR A CB  
316 O OG1 . THR A 43 ? 0.2639 0.5151 0.2709 -0.1932 0.0599  -0.1596 43 THR A OG1 
317 C CG2 . THR A 43 ? 0.1929 0.4110 0.1568 -0.1302 0.0338  -0.1230 43 THR A CG2 
318 N N   . PHE A 44 ? 0.2554 0.5725 0.2737 -0.0706 0.0214  -0.1087 44 PHE A N   
319 C CA  . PHE A 44 ? 0.2685 0.5695 0.2630 -0.0314 0.0104  -0.0869 44 PHE A CA  
320 C C   . PHE A 44 ? 0.2896 0.6537 0.2974 0.0006  -0.0132 -0.0995 44 PHE A C   
321 O O   . PHE A 44 ? 0.2897 0.6378 0.2624 0.0274  -0.0293 -0.0897 44 PHE A O   
322 C CB  . PHE A 44 ? 0.2859 0.5522 0.2746 -0.0258 0.0257  -0.0681 44 PHE A CB  
323 C CG  . PHE A 44 ? 0.3333 0.5751 0.2918 0.0108  0.0163  -0.0475 44 PHE A CG  
324 C CD1 . PHE A 44 ? 0.3819 0.5702 0.3017 0.0163  0.0154  -0.0282 44 PHE A CD1 
325 C CD2 . PHE A 44 ? 0.3814 0.6533 0.3483 0.0405  0.0095  -0.0493 44 PHE A CD2 
326 C CE1 . PHE A 44 ? 0.4154 0.5731 0.3009 0.0446  0.0108  -0.0100 44 PHE A CE1 
327 C CE2 . PHE A 44 ? 0.4406 0.6757 0.3674 0.0744  0.0019  -0.0300 44 PHE A CE2 
328 C CZ  . PHE A 44 ? 0.4208 0.5957 0.3051 0.0732  0.0040  -0.0101 44 PHE A CZ  
329 N N   . GLU A 45 ? 0.2334 0.6691 0.2897 -0.0013 -0.0146 -0.1223 45 GLU A N   
330 C CA  . GLU A 45 ? 0.2410 0.7466 0.3157 0.0355  -0.0407 -0.1372 45 GLU A CA  
331 C C   . GLU A 45 ? 0.3231 0.8714 0.3996 0.0358  -0.0665 -0.1588 45 GLU A C   
332 O O   . GLU A 45 ? 0.3539 0.9306 0.4160 0.0775  -0.0945 -0.1613 45 GLU A O   
333 C CB  . GLU A 45 ? 0.2459 0.8218 0.3766 0.0399  -0.0339 -0.1555 45 GLU A CB  
334 C CG  . GLU A 45 ? 0.3664 0.8919 0.4785 0.0545  -0.0147 -0.1315 45 GLU A CG  
335 C CD  . GLU A 45 ? 0.7338 1.3246 0.8922 0.0717  -0.0085 -0.1476 45 GLU A CD  
336 O OE1 . GLU A 45 ? 0.7988 1.4372 1.0070 0.0361  0.0119  -0.1696 45 GLU A OE1 
337 O OE2 . GLU A 45 ? 0.6877 1.2781 0.8290 0.1208  -0.0216 -0.1384 45 GLU A OE2 
338 N N   . GLU A 46 ? 0.2594 0.8011 0.3424 -0.0078 -0.0582 -0.1732 46 GLU A N   
339 C CA  . GLU A 46 ? 0.2702 0.8448 0.3488 -0.0119 -0.0821 -0.1959 46 GLU A CA  
340 C C   . GLU A 46 ? 0.3849 0.8954 0.3939 0.0176  -0.0944 -0.1720 46 GLU A C   
341 O O   . GLU A 46 ? 0.4201 0.9563 0.4091 0.0399  -0.1226 -0.1835 46 GLU A O   
342 C CB  . GLU A 46 ? 0.2785 0.8489 0.3738 -0.0677 -0.0662 -0.2175 46 GLU A CB  
343 N N   . TRP A 47 ? 0.3545 0.7830 0.3260 0.0179  -0.0731 -0.1398 47 TRP A N   
344 C CA  . TRP A 47 ? 0.8721 1.2343 0.7799 0.0395  -0.0747 -0.1151 47 TRP A CA  
345 C C   . TRP A 47 ? 1.1533 1.4521 1.0403 0.0456  -0.0533 -0.0831 47 TRP A C   
346 O O   . TRP A 47 ? 0.7505 1.0259 0.6054 0.0779  -0.0581 -0.0647 47 TRP A O   
347 C CB  . TRP A 47 ? 0.8719 1.2037 0.7563 0.0150  -0.0703 -0.1225 47 TRP A CB  
348 C CG  . TRP A 47 ? 0.8611 1.1664 0.7660 -0.0257 -0.0460 -0.1258 47 TRP A CG  
349 C CD1 . TRP A 47 ? 0.8785 1.1275 0.7742 -0.0336 -0.0233 -0.1035 47 TRP A CD1 
350 C CD2 . TRP A 47 ? 0.8683 1.1926 0.7950 -0.0626 -0.0434 -0.1536 47 TRP A CD2 
351 N NE1 . TRP A 47 ? 0.8701 1.0988 0.7766 -0.0676 -0.0082 -0.1137 47 TRP A NE1 
352 C CE2 . TRP A 47 ? 0.9081 1.1769 0.8312 -0.0881 -0.0177 -0.1438 47 TRP A CE2 
353 C CE3 . TRP A 47 ? 0.9062 1.2881 0.8536 -0.0776 -0.0610 -0.1876 47 TRP A CE3 
354 C CZ2 . TRP A 47 ? 0.9179 1.1745 0.8482 -0.1271 -0.0062 -0.1642 47 TRP A CZ2 
355 C CZ3 . TRP A 47 ? 0.9378 1.3139 0.8997 -0.1223 -0.0483 -0.2102 47 TRP A CZ3 
356 C CH2 . TRP A 47 ? 0.9427 1.2508 0.8919 -0.1463 -0.0196 -0.1972 47 TRP A CH2 
357 N N   . MET B 1  ? 0.7433 0.7140 0.7246 0.2171  -0.0255 0.0544  1  MET B N   
358 C CA  . MET B 1  ? 0.6634 0.6822 0.6813 0.1720  -0.0154 0.0373  1  MET B CA  
359 C C   . MET B 1  ? 0.6570 0.6662 0.6920 0.1614  -0.0060 0.0206  1  MET B C   
360 O O   . MET B 1  ? 0.6662 0.7057 0.7142 0.1888  -0.0109 0.0012  1  MET B O   
361 C CB  . MET B 1  ? 0.6592 0.7769 0.7047 0.1690  -0.0214 0.0161  1  MET B CB  
362 C CG  . MET B 1  ? 0.6558 0.8049 0.7233 0.1200  -0.0086 0.0010  1  MET B CG  
363 S SD  . MET B 1  ? 0.6818 0.9320 0.7694 0.1049  -0.0094 -0.0236 1  MET B SD  
364 C CE  . MET B 1  ? 0.6456 0.9773 0.7612 0.1259  -0.0121 -0.0624 1  MET B CE  
365 N N   . GLN B 2  ? 0.5480 0.5215 0.5830 0.1231  0.0067  0.0258  2  GLN B N   
366 C CA  . GLN B 2  ? 0.5057 0.4691 0.5540 0.1069  0.0166  0.0116  2  GLN B CA  
367 C C   . GLN B 2  ? 0.4553 0.4882 0.5301 0.0840  0.0196  -0.0120 2  GLN B C   
368 O O   . GLN B 2  ? 0.4361 0.5125 0.5156 0.0726  0.0171  -0.0153 2  GLN B O   
369 C CB  . GLN B 2  ? 0.5175 0.4227 0.5515 0.0772  0.0276  0.0246  2  GLN B CB  
370 C CG  . GLN B 2  ? 0.6779 0.5161 0.6790 0.0851  0.0295  0.0464  2  GLN B CG  
371 C CD  . GLN B 2  ? 1.0051 0.7855 0.9880 0.1035  0.0352  0.0457  2  GLN B CD  
372 O OE1 . GLN B 2  ? 0.9952 0.7654 0.9664 0.1425  0.0271  0.0459  2  GLN B OE1 
373 N NE2 . GLN B 2  ? 0.9447 0.6872 0.9229 0.0778  0.0491  0.0426  2  GLN B NE2 
374 N N   . SER B 3  ? 0.3583 0.3978 0.4459 0.0739  0.0270  -0.0295 3  SER B N   
375 C CA  . SER B 3  ? 0.2996 0.3939 0.4029 0.0474  0.0336  -0.0533 3  SER B CA  
376 C C   . SER B 3  ? 0.3067 0.3722 0.4076 0.0224  0.0445  -0.0578 3  SER B C   
377 O O   . SER B 3  ? 0.3137 0.3541 0.4189 0.0360  0.0464  -0.0607 3  SER B O   
378 C CB  . SER B 3  ? 0.3128 0.4785 0.4388 0.0707  0.0287  -0.0815 3  SER B CB  
379 O OG  . SER B 3  ? 0.3662 0.5846 0.5043 0.0387  0.0391  -0.1089 3  SER B OG  
380 N N   . ILE B 4  ? 0.2395 0.3063 0.3289 -0.0130 0.0517  -0.0594 4  ILE B N   
381 C CA  . ILE B 4  ? 0.2363 0.2807 0.3151 -0.0381 0.0607  -0.0634 4  ILE B CA  
382 C C   . ILE B 4  ? 0.2645 0.3394 0.3313 -0.0700 0.0694  -0.0803 4  ILE B C   
383 O O   . ILE B 4  ? 0.2596 0.3496 0.3158 -0.0818 0.0700  -0.0801 4  ILE B O   
384 C CB  . ILE B 4  ? 0.2854 0.2765 0.3429 -0.0467 0.0598  -0.0420 4  ILE B CB  
385 C CG1 . ILE B 4  ? 0.2858 0.2700 0.3312 -0.0468 0.0539  -0.0266 4  ILE B CG1 
386 C CG2 . ILE B 4  ? 0.3428 0.2998 0.4062 -0.0323 0.0599  -0.0350 4  ILE B CG2 
387 C CD1 . ILE B 4  ? 0.4780 0.4378 0.4980 -0.0648 0.0549  -0.0200 4  ILE B CD1 
388 N N   . ASN B 5  ? 0.2094 0.2864 0.2713 -0.0883 0.0783  -0.0943 5  ASN B N   
389 C CA  . ASN B 5  ? 0.2251 0.3170 0.2628 -0.1251 0.0901  -0.1098 5  ASN B CA  
390 C C   . ASN B 5  ? 0.3008 0.3312 0.2920 -0.1432 0.0912  -0.0891 5  ASN B C   
391 O O   . ASN B 5  ? 0.3100 0.3015 0.2973 -0.1267 0.0827  -0.0690 5  ASN B O   
392 C CB  . ASN B 5  ? 0.1964 0.3149 0.2428 -0.1381 0.0994  -0.1338 5  ASN B CB  
393 C CG  . ASN B 5  ? 0.3691 0.4490 0.4144 -0.1302 0.0978  -0.1239 5  ASN B CG  
394 O OD1 . ASN B 5  ? 0.2078 0.2399 0.2208 -0.1401 0.0972  -0.1068 5  ASN B OD1 
395 N ND2 . ASN B 5  ? 0.2656 0.3673 0.3441 -0.1109 0.0970  -0.1375 5  ASN B ND2 
396 N N   . PHE B 6  ? 0.2838 0.3060 0.2367 -0.1762 0.1021  -0.0963 6  PHE B N   
397 C CA  . PHE B 6  ? 0.3265 0.2827 0.2229 -0.1910 0.1037  -0.0792 6  PHE B CA  
398 C C   . PHE B 6  ? 0.3865 0.2954 0.2591 -0.1826 0.0983  -0.0655 6  PHE B C   
399 O O   . PHE B 6  ? 0.3720 0.2386 0.2232 -0.1674 0.0884  -0.0467 6  PHE B O   
400 C CB  . PHE B 6  ? 0.4033 0.3524 0.2531 -0.2347 0.1222  -0.0953 6  PHE B CB  
401 C CG  . PHE B 6  ? 0.4834 0.3461 0.2582 -0.2491 0.1255  -0.0783 6  PHE B CG  
402 C CD1 . PHE B 6  ? 0.5153 0.3392 0.2667 -0.2419 0.1204  -0.0635 6  PHE B CD1 
403 C CD2 . PHE B 6  ? 0.5494 0.3660 0.2744 -0.2636 0.1312  -0.0760 6  PHE B CD2 
404 C CE1 . PHE B 6  ? 0.5850 0.3226 0.2645 -0.2442 0.1199  -0.0473 6  PHE B CE1 
405 C CE2 . PHE B 6  ? 0.6497 0.3779 0.2969 -0.2667 0.1307  -0.0581 6  PHE B CE2 
406 C CZ  . PHE B 6  ? 0.6399 0.3273 0.2644 -0.2548 0.1245  -0.0442 6  PHE B CZ  
407 N N   . ARG B 7  ? 0.3749 0.2987 0.2512 -0.1926 0.1048  -0.0787 7  ARG B N   
408 C CA  . ARG B 7  ? 0.3934 0.2875 0.2487 -0.1884 0.1017  -0.0723 7  ARG B CA  
409 C C   . ARG B 7  ? 0.4077 0.3019 0.2960 -0.1557 0.0879  -0.0600 7  ARG B C   
410 O O   . ARG B 7  ? 0.4137 0.2741 0.2743 -0.1447 0.0795  -0.0473 7  ARG B O   
411 C CB  . ARG B 7  ? 0.4360 0.3618 0.2994 -0.2081 0.1132  -0.0940 7  ARG B CB  
412 N N   . THR B 8  ? 0.3291 0.2595 0.2708 -0.1397 0.0860  -0.0655 8  THR B N   
413 C CA  . THR B 8  ? 0.3205 0.2454 0.2876 -0.1160 0.0775  -0.0559 8  THR B CA  
414 C C   . THR B 8  ? 0.3706 0.2717 0.3223 -0.1056 0.0682  -0.0381 8  THR B C   
415 O O   . THR B 8  ? 0.3949 0.2810 0.3381 -0.0963 0.0618  -0.0318 8  THR B O   
416 C CB  . THR B 8  ? 0.4005 0.3530 0.4134 -0.1012 0.0791  -0.0646 8  THR B CB  
417 O OG1 . THR B 8  ? 0.3539 0.3312 0.3789 -0.1104 0.0876  -0.0847 8  THR B OG1 
418 C CG2 . THR B 8  ? 0.4170 0.3522 0.4452 -0.0851 0.0760  -0.0568 8  THR B CG2 
419 N N   . ALA B 9  ? 0.2931 0.1980 0.2420 -0.1080 0.0677  -0.0339 9  ALA B N   
420 C CA  . ALA B 9  ? 0.3021 0.1883 0.2383 -0.0995 0.0597  -0.0196 9  ALA B CA  
421 C C   . ALA B 9  ? 0.3947 0.2409 0.2840 -0.1001 0.0547  -0.0125 9  ALA B C   
422 O O   . ALA B 9  ? 0.3752 0.2134 0.2637 -0.0841 0.0453  -0.0051 9  ALA B O   
423 C CB  . ALA B 9  ? 0.3144 0.2155 0.2510 -0.1077 0.0628  -0.0214 9  ALA B CB  
424 N N   . ARG B 10 ? 0.4016 0.2221 0.2472 -0.1178 0.0614  -0.0163 10 ARG B N   
425 C CA  . ARG B 10 ? 0.4484 0.2175 0.2335 -0.1141 0.0562  -0.0088 10 ARG B CA  
426 C C   . ARG B 10 ? 0.4666 0.2424 0.2571 -0.0923 0.0452  -0.0083 10 ARG B C   
427 O O   . ARG B 10 ? 0.4912 0.2496 0.2599 -0.0713 0.0329  -0.0025 10 ARG B O   
428 C CB  . ARG B 10 ? 0.5236 0.2590 0.2551 -0.1412 0.0687  -0.0138 10 ARG B CB  
429 C CG  . ARG B 10 ? 0.7729 0.4324 0.4221 -0.1377 0.0651  -0.0026 10 ARG B CG  
430 C CD  . ARG B 10 ? 0.8776 0.4977 0.4674 -0.1484 0.0698  -0.0030 10 ARG B CD  
431 N NE  . ARG B 10 ? 1.0809 0.6140 0.5793 -0.1386 0.0648  0.0101  10 ARG B NE  
432 C CZ  . ARG B 10 ? 1.4434 0.9183 0.8651 -0.1435 0.0672  0.0148  10 ARG B CZ  
433 N NH1 . ARG B 10 ? 1.4824 0.8666 0.8126 -0.1282 0.0614  0.0284  10 ARG B NH1 
434 N NH2 . ARG B 10 ? 1.2891 0.7926 0.7204 -0.1620 0.0752  0.0058  10 ARG B NH2 
435 N N   . GLY B 11 ? 0.3701 0.1772 0.1913 -0.0969 0.0500  -0.0181 11 GLY B N   
436 C CA  . GLY B 11 ? 0.3650 0.1884 0.1942 -0.0825 0.0432  -0.0234 11 GLY B CA  
437 C C   . GLY B 11 ? 0.3690 0.2233 0.2422 -0.0692 0.0385  -0.0258 11 GLY B C   
438 O O   . GLY B 11 ? 0.3633 0.2372 0.2409 -0.0593 0.0334  -0.0342 11 GLY B O   
439 N N   . ASN B 12 ? 0.2818 0.1428 0.1844 -0.0708 0.0413  -0.0205 12 ASN B N   
440 C CA  . ASN B 12 ? 0.2608 0.1422 0.1977 -0.0641 0.0404  -0.0217 12 ASN B CA  
441 C C   . ASN B 12 ? 0.2940 0.1695 0.2325 -0.0587 0.0357  -0.0109 12 ASN B C   
442 O O   . ASN B 12 ? 0.2649 0.1495 0.2303 -0.0593 0.0394  -0.0082 12 ASN B O   
443 C CB  . ASN B 12 ? 0.2432 0.1367 0.2162 -0.0717 0.0518  -0.0278 12 ASN B CB  
444 C CG  . ASN B 12 ? 0.4471 0.3504 0.4246 -0.0790 0.0586  -0.0415 12 ASN B CG  
445 O OD1 . ASN B 12 ? 0.3735 0.2902 0.3599 -0.0802 0.0611  -0.0520 12 ASN B OD1 
446 N ND2 . ASN B 12 ? 0.2589 0.1606 0.2282 -0.0873 0.0625  -0.0446 12 ASN B ND2 
447 N N   . LEU B 13 ? 0.2822 0.1367 0.1865 -0.0533 0.0282  -0.0046 13 LEU B N   
448 C CA  . LEU B 13 ? 0.2830 0.1334 0.1882 -0.0501 0.0247  0.0037  13 LEU B CA  
449 C C   . LEU B 13 ? 0.3213 0.1937 0.2475 -0.0417 0.0198  0.0024  13 LEU B C   
450 O O   . LEU B 13 ? 0.3077 0.1866 0.2496 -0.0440 0.0211  0.0088  13 LEU B O   
451 C CB  . LEU B 13 ? 0.3143 0.1286 0.1731 -0.0482 0.0204  0.0085  13 LEU B CB  
452 C CG  . LEU B 13 ? 0.3312 0.1421 0.1914 -0.0528 0.0216  0.0145  13 LEU B CG  
453 C CD1 . LEU B 13 ? 0.2781 0.1092 0.1638 -0.0698 0.0324  0.0139  13 LEU B CD1 
454 C CD2 . LEU B 13 ? 0.3795 0.1438 0.1858 -0.0498 0.0184  0.0171  13 LEU B CD2 
455 N N   . SER B 14 ? 0.2966 0.1854 0.2213 -0.0336 0.0149  -0.0085 14 SER B N   
456 C CA  . SER B 14 ? 0.2908 0.2101 0.2332 -0.0310 0.0127  -0.0173 14 SER B CA  
457 C C   . SER B 14 ? 0.3123 0.2376 0.2845 -0.0476 0.0257  -0.0150 14 SER B C   
458 O O   . SER B 14 ? 0.3027 0.2333 0.2828 -0.0513 0.0268  -0.0109 14 SER B O   
459 C CB  . SER B 14 ? 0.3481 0.2958 0.2846 -0.0217 0.0071  -0.0360 14 SER B CB  
460 O OG  . SER B 14 ? 0.5263 0.5106 0.4706 -0.0154 0.0012  -0.0495 14 SER B OG  
461 N N   . GLU B 15 ? 0.2366 0.1548 0.2190 -0.0562 0.0355  -0.0174 15 GLU B N   
462 C CA  . GLU B 15 ? 0.2313 0.1379 0.2302 -0.0670 0.0480  -0.0147 15 GLU B CA  
463 C C   . GLU B 15 ? 0.2617 0.1506 0.2623 -0.0616 0.0468  0.0028  15 GLU B C   
464 O O   . GLU B 15 ? 0.2494 0.1268 0.2518 -0.0642 0.0515  0.0097  15 GLU B O   
465 C CB  . GLU B 15 ? 0.2571 0.1581 0.2632 -0.0727 0.0571  -0.0237 15 GLU B CB  
466 C CG  . GLU B 15 ? 0.3629 0.2367 0.3778 -0.0758 0.0685  -0.0191 15 GLU B CG  
467 C CD  . GLU B 15 ? 0.5291 0.3980 0.5521 -0.0736 0.0730  -0.0250 15 GLU B CD  
468 O OE1 . GLU B 15 ? 0.3320 0.1831 0.3599 -0.0787 0.0848  -0.0326 15 GLU B OE1 
469 O OE2 . GLU B 15 ? 0.4519 0.3320 0.4729 -0.0687 0.0663  -0.0236 15 GLU B OE2 
470 N N   . VAL B 16 ? 0.2170 0.1049 0.2124 -0.0555 0.0413  0.0080  16 VAL B N   
471 C CA  . VAL B 16 ? 0.2074 0.0945 0.2059 -0.0507 0.0393  0.0184  16 VAL B CA  
472 C C   . VAL B 16 ? 0.2589 0.1508 0.2532 -0.0491 0.0339  0.0262  16 VAL B C   
473 O O   . VAL B 16 ? 0.2644 0.1554 0.2639 -0.0454 0.0347  0.0352  16 VAL B O   
474 C CB  . VAL B 16 ? 0.2479 0.1386 0.2363 -0.0537 0.0381  0.0153  16 VAL B CB  
475 C CG1 . VAL B 16 ? 0.2301 0.1330 0.2200 -0.0530 0.0363  0.0203  16 VAL B CG1 
476 C CG2 . VAL B 16 ? 0.2502 0.1435 0.2463 -0.0572 0.0447  0.0058  16 VAL B CG2 
477 N N   . LEU B 17 ? 0.2124 0.1098 0.1948 -0.0492 0.0279  0.0216  17 LEU B N   
478 C CA  . LEU B 17 ? 0.2164 0.1233 0.1961 -0.0477 0.0228  0.0255  17 LEU B CA  
479 C C   . LEU B 17 ? 0.2801 0.1945 0.2680 -0.0545 0.0275  0.0247  17 LEU B C   
480 O O   . LEU B 17 ? 0.2953 0.2142 0.2832 -0.0562 0.0268  0.0324  17 LEU B O   
481 C CB  . LEU B 17 ? 0.2174 0.1244 0.1779 -0.0406 0.0137  0.0192  17 LEU B CB  
482 C CG  . LEU B 17 ? 0.2855 0.1684 0.2220 -0.0397 0.0125  0.0212  17 LEU B CG  
483 C CD1 . LEU B 17 ? 0.2977 0.1639 0.2032 -0.0280 0.0034  0.0165  17 LEU B CD1 
484 C CD2 . LEU B 17 ? 0.2518 0.1367 0.1940 -0.0484 0.0177  0.0282  17 LEU B CD2 
485 N N   . ASN B 18 ? 0.2202 0.1353 0.2113 -0.0621 0.0344  0.0142  18 ASN B N   
486 C CA  . ASN B 18 ? 0.2261 0.1410 0.2169 -0.0771 0.0444  0.0104  18 ASN B CA  
487 C C   . ASN B 18 ? 0.2867 0.1657 0.2715 -0.0772 0.0518  0.0272  18 ASN B C   
488 O O   . ASN B 18 ? 0.3255 0.1939 0.2988 -0.0851 0.0564  0.0346  18 ASN B O   
489 C CB  . ASN B 18 ? 0.2152 0.1411 0.2088 -0.0892 0.0532  -0.0094 18 ASN B CB  
490 C CG  . ASN B 18 ? 0.3224 0.2911 0.3188 -0.0829 0.0436  -0.0290 18 ASN B CG  
491 O OD1 . ASN B 18 ? 0.3159 0.3036 0.3093 -0.0722 0.0323  -0.0304 18 ASN B OD1 
492 N ND2 . ASN B 18 ? 0.2713 0.2576 0.2712 -0.0867 0.0473  -0.0469 18 ASN B ND2 
493 N N   . ASN B 19 ? 0.2115 0.0798 0.1996 -0.0622 0.0506  0.0298  19 ASN B N   
494 C CA  . ASN B 19 ? 0.2467 0.0764 0.2273 -0.0561 0.0554  0.0465  19 ASN B CA  
495 C C   . ASN B 19 ? 0.3187 0.1589 0.2964 -0.0443 0.0462  0.0604  19 ASN B C   
496 O O   . ASN B 19 ? 0.3677 0.1830 0.3273 -0.0403 0.0486  0.0729  19 ASN B O   
497 C CB  . ASN B 19 ? 0.2967 0.1171 0.2863 -0.0442 0.0567  0.0427  19 ASN B CB  
498 C CG  . ASN B 19 ? 0.5602 0.3579 0.5471 -0.0560 0.0695  0.0308  19 ASN B CG  
499 O OD1 . ASN B 19 ? 0.5822 0.3574 0.5538 -0.0730 0.0809  0.0276  19 ASN B OD1 
500 N ND2 . ASN B 19 ? 0.4542 0.2585 0.4540 -0.0510 0.0701  0.0214  19 ASN B ND2 
501 N N   . VAL B 20 ? 0.2415 0.1153 0.2308 -0.0414 0.0369  0.0574  20 VAL B N   
502 C CA  . VAL B 20 ? 0.2364 0.1308 0.2258 -0.0351 0.0293  0.0654  20 VAL B CA  
503 C C   . VAL B 20 ? 0.2982 0.1919 0.2762 -0.0444 0.0301  0.0712  20 VAL B C   
504 O O   . VAL B 20 ? 0.3086 0.2001 0.2768 -0.0380 0.0281  0.0835  20 VAL B O   
505 C CB  . VAL B 20 ? 0.2510 0.1706 0.2472 -0.0370 0.0240  0.0572  20 VAL B CB  
506 C CG1 . VAL B 20 ? 0.2309 0.1727 0.2255 -0.0375 0.0188  0.0608  20 VAL B CG1 
507 C CG2 . VAL B 20 ? 0.2406 0.1669 0.2443 -0.0317 0.0253  0.0513  20 VAL B CG2 
508 N N   . GLU B 21 ? 0.2553 0.1560 0.2333 -0.0589 0.0329  0.0600  21 GLU B N   
509 C CA  . GLU B 21 ? 0.2547 0.1629 0.2234 -0.0728 0.0361  0.0590  21 GLU B CA  
510 C C   . GLU B 21 ? 0.3486 0.2178 0.2939 -0.0824 0.0481  0.0691  21 GLU B C   
511 O O   . GLU B 21 ? 0.3582 0.2226 0.2862 -0.0891 0.0498  0.0782  21 GLU B O   
512 C CB  . GLU B 21 ? 0.2480 0.1834 0.2238 -0.0835 0.0363  0.0381  21 GLU B CB  
513 C CG  . GLU B 21 ? 0.2400 0.1980 0.2103 -0.0987 0.0389  0.0318  21 GLU B CG  
514 C CD  . GLU B 21 ? 0.3111 0.3122 0.2911 -0.1041 0.0363  0.0056  21 GLU B CD  
515 O OE1 . GLU B 21 ? 0.2447 0.2580 0.2327 -0.0876 0.0268  -0.0044 21 GLU B OE1 
516 O OE2 . GLU B 21 ? 0.2152 0.2400 0.1915 -0.1235 0.0431  -0.0061 21 GLU B OE2 
517 N N   . ALA B 22 ? 0.3229 0.1580 0.2615 -0.0837 0.0570  0.0674  22 ALA B N   
518 C CA  . ALA B 22 ? 0.3794 0.1569 0.2835 -0.0919 0.0708  0.0773  22 ALA B CA  
519 C C   . ALA B 22 ? 0.4682 0.2133 0.3502 -0.0667 0.0642  0.1010  22 ALA B C   
520 O O   . ALA B 22 ? 0.5308 0.2175 0.3715 -0.0690 0.0737  0.1134  22 ALA B O   
521 C CB  . ALA B 22 ? 0.4016 0.1497 0.3038 -0.0986 0.0827  0.0666  22 ALA B CB  
522 N N   . GLY B 23 ? 0.4182 0.2015 0.3221 -0.0438 0.0488  0.1054  23 GLY B N   
523 C CA  . GLY B 23 ? 0.4529 0.2257 0.3396 -0.0168 0.0398  0.1229  23 GLY B CA  
524 C C   . GLY B 23 ? 0.5155 0.3045 0.4200 0.0138  0.0299  0.1208  23 GLY B C   
525 O O   . GLY B 23 ? 0.5551 0.3501 0.4487 0.0411  0.0201  0.1307  23 GLY B O   
526 N N   . GLU B 24 ? 0.4289 0.2318 0.3599 0.0099  0.0322  0.1055  24 GLU B N   
527 C CA  . GLU B 24 ? 0.4139 0.2405 0.3643 0.0328  0.0255  0.0975  24 GLU B CA  
528 C C   . GLU B 24 ? 0.3627 0.2541 0.3403 0.0310  0.0174  0.0877  24 GLU B C   
529 O O   . GLU B 24 ? 0.3199 0.2289 0.3052 0.0096  0.0186  0.0835  24 GLU B O   
530 C CB  . GLU B 24 ? 0.4332 0.2453 0.3959 0.0237  0.0339  0.0840  24 GLU B CB  
531 C CG  . GLU B 24 ? 0.6956 0.4469 0.6346 0.0344  0.0422  0.0875  24 GLU B CG  
532 C CD  . GLU B 24 ? 1.0471 0.7878 0.9986 0.0172  0.0531  0.0720  24 GLU B CD  
533 O OE1 . GLU B 24 ? 1.0078 0.7918 0.9882 0.0130  0.0498  0.0583  24 GLU B OE1 
534 O OE2 . GLU B 24 ? 1.0197 0.7078 0.9479 0.0048  0.0665  0.0724  24 GLU B OE2 
535 N N   . GLU B 25 ? 0.3011 0.2281 0.2904 0.0532  0.0100  0.0808  25 GLU B N   
536 C CA  . GLU B 25 ? 0.2591 0.2482 0.2714 0.0450  0.0070  0.0653  25 GLU B CA  
537 C C   . GLU B 25 ? 0.2932 0.2915 0.3213 0.0443  0.0114  0.0481  25 GLU B C   
538 O O   . GLU B 25 ? 0.3277 0.3174 0.3560 0.0684  0.0093  0.0454  25 GLU B O   
539 C CB  . GLU B 25 ? 0.2766 0.3149 0.2914 0.0670  -0.0031 0.0637  25 GLU B CB  
540 C CG  . GLU B 25 ? 0.3370 0.3725 0.3357 0.0649  -0.0070 0.0796  25 GLU B CG  
541 C CD  . GLU B 25 ? 0.5490 0.6318 0.5450 0.0923  -0.0187 0.0798  25 GLU B CD  
542 O OE1 . GLU B 25 ? 0.5372 0.6544 0.5424 0.1202  -0.0255 0.0676  25 GLU B OE1 
543 O OE2 . GLU B 25 ? 0.4582 0.5477 0.4422 0.0884  -0.0219 0.0907  25 GLU B OE2 
544 N N   . VAL B 26 ? 0.2167 0.2215 0.2515 0.0176  0.0182  0.0375  26 VAL B N   
545 C CA  . VAL B 26 ? 0.1985 0.2069 0.2426 0.0102  0.0243  0.0221  26 VAL B CA  
546 C C   . VAL B 26 ? 0.2482 0.3078 0.3012 -0.0048 0.0277  0.0016  26 VAL B C   
547 O O   . VAL B 26 ? 0.2229 0.2891 0.2663 -0.0256 0.0308  0.0002  26 VAL B O   
548 C CB  . VAL B 26 ? 0.2312 0.1981 0.2655 -0.0092 0.0306  0.0256  26 VAL B CB  
549 C CG1 . VAL B 26 ? 0.2292 0.1990 0.2697 -0.0172 0.0370  0.0104  26 VAL B CG1 
550 C CG2 . VAL B 26 ? 0.2419 0.1659 0.2664 -0.0030 0.0311  0.0398  26 VAL B CG2 
551 N N   . GLU B 27 ? 0.2320 0.3260 0.3002 0.0035  0.0292  -0.0170 27 GLU B N   
552 C CA  . GLU B 27 ? 0.2112 0.3596 0.2867 -0.0170 0.0364  -0.0427 27 GLU B CA  
553 C C   . GLU B 27 ? 0.2457 0.3727 0.3122 -0.0433 0.0477  -0.0523 27 GLU B C   
554 O O   . GLU B 27 ? 0.2348 0.3487 0.3100 -0.0320 0.0478  -0.0547 27 GLU B O   
555 C CB  . GLU B 27 ? 0.2279 0.4432 0.3274 0.0107  0.0301  -0.0632 27 GLU B CB  
556 C CG  . GLU B 27 ? 0.2781 0.5657 0.3882 -0.0143 0.0398  -0.0973 27 GLU B CG  
557 C CD  . GLU B 27 ? 0.4831 0.8562 0.6198 0.0178  0.0306  -0.1221 27 GLU B CD  
558 O OE1 . GLU B 27 ? 0.6194 1.0466 0.7608 0.0191  0.0272  -0.1309 27 GLU B OE1 
559 O OE2 . GLU B 27 ? 0.3117 0.6998 0.4638 0.0450  0.0256  -0.1341 27 GLU B OE2 
560 N N   . ILE B 28 ? 0.2233 0.3407 0.2663 -0.0782 0.0578  -0.0578 28 ILE B N   
561 C CA  . ILE B 28 ? 0.2418 0.3349 0.2640 -0.1052 0.0692  -0.0665 28 ILE B CA  
562 C C   . ILE B 28 ? 0.3161 0.4685 0.3436 -0.1282 0.0811  -0.0985 28 ILE B C   
563 O O   . ILE B 28 ? 0.3342 0.5186 0.3543 -0.1481 0.0880  -0.1118 28 ILE B O   
564 C CB  . ILE B 28 ? 0.2974 0.3270 0.2758 -0.1267 0.0733  -0.0523 28 ILE B CB  
565 C CG1 . ILE B 28 ? 0.2905 0.2785 0.2683 -0.1043 0.0613  -0.0273 28 ILE B CG1 
566 C CG2 . ILE B 28 ? 0.2957 0.2963 0.2439 -0.1507 0.0840  -0.0602 28 ILE B CG2 
567 C CD1 . ILE B 28 ? 0.4742 0.4100 0.4102 -0.1164 0.0620  -0.0177 28 ILE B CD1 
568 N N   . THR B 29 ? 0.2510 0.4224 0.2912 -0.1291 0.0854  -0.1144 29 THR B N   
569 C CA  . THR B 29 ? 0.2512 0.4891 0.2990 -0.1533 0.0980  -0.1505 29 THR B CA  
570 C C   . THR B 29 ? 0.3500 0.5554 0.3568 -0.1990 0.1161  -0.1597 29 THR B C   
571 O O   . THR B 29 ? 0.3888 0.5271 0.3700 -0.2002 0.1150  -0.1393 29 THR B O   
572 C CB  . THR B 29 ? 0.2570 0.5569 0.3497 -0.1204 0.0902  -0.1703 29 THR B CB  
573 O OG1 . THR B 29 ? 0.2911 0.5434 0.3849 -0.1074 0.0873  -0.1574 29 THR B OG1 
574 C CG2 . THR B 29 ? 0.1751 0.5103 0.2968 -0.0743 0.0729  -0.1656 29 THR B CG2 
575 N N   . ARG B 30 ? 0.2941 0.5504 0.2914 -0.2373 0.1334  -0.1924 30 ARG B N   
576 C CA  . ARG B 30 ? 0.3541 0.5904 0.3076 -0.2873 0.1549  -0.2089 30 ARG B CA  
577 C C   . ARG B 30 ? 0.3948 0.7241 0.3600 -0.3225 0.1727  -0.2562 30 ARG B C   
578 O O   . ARG B 30 ? 0.3683 0.7544 0.3524 -0.3218 0.1725  -0.2713 30 ARG B O   
579 C CB  . ARG B 30 ? 0.4202 0.5543 0.2991 -0.3182 0.1648  -0.1855 30 ARG B CB  
580 C CG  . ARG B 30 ? 0.5742 0.6813 0.4377 -0.3155 0.1616  -0.1707 30 ARG B CG  
581 C CD  . ARG B 30 ? 0.7150 0.7130 0.5010 -0.3368 0.1691  -0.1482 30 ARG B CD  
582 N NE  . ARG B 30 ? 0.7946 0.7828 0.5556 -0.3583 0.1788  -0.1531 30 ARG B NE  
583 C CZ  . ARG B 30 ? 0.9428 0.8444 0.6254 -0.3915 0.1943  -0.1472 30 ARG B CZ  
584 N NH1 . ARG B 30 ? 0.7425 0.5550 0.3587 -0.4027 0.1995  -0.1330 30 ARG B NH1 
585 N NH2 . ARG B 30 ? 0.6973 0.5965 0.3625 -0.4119 0.2045  -0.1556 30 ARG B NH2 
586 N N   . ARG B 31 ? 0.3909 0.7468 0.3490 -0.3525 0.1876  -0.2830 31 ARG B N   
587 C CA  . ARG B 31 ? 0.4118 0.8587 0.3716 -0.4001 0.2105  -0.3353 31 ARG B CA  
588 C C   . ARG B 31 ? 0.4418 1.0282 0.4719 -0.3734 0.2019  -0.3752 31 ARG B C   
589 O O   . ARG B 31 ? 0.4547 1.0747 0.5375 -0.3141 0.1787  -0.3700 31 ARG B O   
590 C CB  . ARG B 31 ? 0.4296 0.8141 0.3085 -0.4687 0.2390  -0.3384 31 ARG B CB  
591 C CG  . ARG B 31 ? 0.6988 0.9730 0.5026 -0.5009 0.2518  -0.3169 31 ARG B CG  
592 N N   . GLY B 32 ? 0.3693 1.0381 0.3992 -0.4119 0.2195  -0.4168 32 GLY B N   
593 C CA  . GLY B 32 ? 0.4060 1.0509 0.3731 -0.4878 0.2518  -0.4344 32 GLY B CA  
594 C C   . GLY B 32 ? 0.4201 1.0016 0.3568 -0.4896 0.2504  -0.4060 32 GLY B C   
595 O O   . GLY B 32 ? 0.4762 1.0677 0.3759 -0.5447 0.2755  -0.4302 32 GLY B O   
596 N N   . ARG B 33 ? 0.3225 0.8321 0.2689 -0.4349 0.2241  -0.3561 33 ARG B N   
597 C CA  . ARG B 33 ? 0.3320 0.7752 0.2509 -0.4312 0.2202  -0.3262 33 ARG B CA  
598 C C   . ARG B 33 ? 0.3029 0.7934 0.2818 -0.3669 0.1909  -0.3109 33 ARG B C   
599 O O   . ARG B 33 ? 0.2533 0.7798 0.2805 -0.3164 0.1700  -0.3060 33 ARG B O   
600 C CB  . ARG B 33 ? 0.3710 0.6668 0.2291 -0.4306 0.2177  -0.2783 33 ARG B CB  
601 C CG  . ARG B 33 ? 0.6067 0.8337 0.3911 -0.4871 0.2438  -0.2853 33 ARG B CG  
602 C CD  . ARG B 33 ? 0.8403 0.9452 0.5410 -0.5143 0.2558  -0.2610 33 ARG B CD  
603 N NE  . ARG B 33 ? 0.8623 0.9636 0.5041 -0.5872 0.2918  -0.2950 33 ARG B NE  
604 C CZ  . ARG B 33 ? 1.1267 1.1482 0.7039 -0.6157 0.3065  -0.2872 33 ARG B CZ  
605 N NH1 . ARG B 33 ? 0.8287 0.7801 0.3999 -0.5732 0.2860  -0.2484 33 ARG B NH1 
606 N NH2 . ARG B 33 ? 1.2060 1.2175 0.7222 -0.6890 0.3437  -0.3210 33 ARG B NH2 
607 N N   . GLU B 34 ? 0.2500 0.7298 0.2163 -0.3688 0.1876  -0.3048 34 GLU B N   
608 C CA  . GLU B 34 ? 0.2014 0.7191 0.2138 -0.3146 0.1633  -0.2876 34 GLU B CA  
609 C C   . GLU B 34 ? 0.2493 0.6758 0.2628 -0.2690 0.1429  -0.2356 34 GLU B C   
610 O O   . GLU B 34 ? 0.2759 0.5993 0.2421 -0.2865 0.1487  -0.2093 34 GLU B O   
611 C CB  . GLU B 34 ? 0.2210 0.7410 0.2140 -0.3390 0.1724  -0.2913 34 GLU B CB  
612 C CG  . GLU B 34 ? 0.2330 0.8095 0.2713 -0.2895 0.1504  -0.2799 34 GLU B CG  
613 C CD  . GLU B 34 ? 0.3923 0.9524 0.4087 -0.3104 0.1575  -0.2755 34 GLU B CD  
614 O OE1 . GLU B 34 ? 0.2354 0.8311 0.2814 -0.2708 0.1380  -0.2630 34 GLU B OE1 
615 O OE2 . GLU B 34 ? 0.3230 0.8263 0.2871 -0.3659 0.1829  -0.2833 34 GLU B OE2 
616 N N   . PRO B 35 ? 0.1615 0.6191 0.2204 -0.2104 0.1181  -0.2224 35 PRO B N   
617 C CA  . PRO B 35 ? 0.1658 0.5379 0.2204 -0.1747 0.1010  -0.1779 35 PRO B CA  
618 C C   . PRO B 35 ? 0.2225 0.5478 0.2575 -0.1743 0.0967  -0.1523 35 PRO B C   
619 O O   . PRO B 35 ? 0.2181 0.5950 0.2599 -0.1815 0.0988  -0.1661 35 PRO B O   
620 C CB  . PRO B 35 ? 0.1622 0.5813 0.2613 -0.1181 0.0802  -0.1765 35 PRO B CB  
621 C CG  . PRO B 35 ? 0.2053 0.7369 0.3336 -0.1202 0.0846  -0.2225 35 PRO B CG  
622 C CD  . PRO B 35 ? 0.1564 0.7232 0.2652 -0.1727 0.1046  -0.2473 35 PRO B CD  
623 N N   . ALA B 36 ? 0.1825 0.4173 0.1939 -0.1670 0.0912  -0.1190 36 ALA B N   
624 C CA  . ALA B 36 ? 0.1756 0.3633 0.1700 -0.1618 0.0851  -0.0946 36 ALA B CA  
625 C C   . ALA B 36 ? 0.2286 0.4074 0.2491 -0.1166 0.0652  -0.0696 36 ALA B C   
626 O O   . ALA B 36 ? 0.2312 0.3966 0.2641 -0.0967 0.0594  -0.0630 36 ALA B O   
627 C CB  . ALA B 36 ? 0.2083 0.3060 0.1539 -0.1833 0.0927  -0.0801 36 ALA B CB  
628 N N   . VAL B 37 ? 0.1766 0.3615 0.2018 -0.1031 0.0566  -0.0569 37 VAL B N   
629 C CA  . VAL B 37 ? 0.1573 0.3258 0.1966 -0.0663 0.0409  -0.0330 37 VAL B CA  
630 C C   . VAL B 37 ? 0.2180 0.3271 0.2371 -0.0710 0.0386  -0.0114 37 VAL B C   
631 O O   . VAL B 37 ? 0.2271 0.3343 0.2317 -0.0882 0.0426  -0.0137 37 VAL B O   
632 C CB  . VAL B 37 ? 0.1837 0.4138 0.2447 -0.0383 0.0300  -0.0358 37 VAL B CB  
633 C CG1 . VAL B 37 ? 0.1730 0.3675 0.2343 -0.0027 0.0165  -0.0094 37 VAL B CG1 
634 C CG2 . VAL B 37 ? 0.1796 0.4847 0.2623 -0.0310 0.0312  -0.0652 37 VAL B CG2 
635 N N   . ILE B 38 ? 0.1566 0.2221 0.1745 -0.0563 0.0329  0.0057  38 ILE B N   
636 C CA  . ILE B 38 ? 0.1568 0.1796 0.1600 -0.0576 0.0295  0.0208  38 ILE B CA  
637 C C   . ILE B 38 ? 0.1927 0.2193 0.2056 -0.0379 0.0211  0.0361  38 ILE B C   
638 O O   . ILE B 38 ? 0.1982 0.2153 0.2174 -0.0210 0.0185  0.0428  38 ILE B O   
639 C CB  . ILE B 38 ? 0.1950 0.1720 0.1848 -0.0611 0.0311  0.0240  38 ILE B CB  
640 C CG1 . ILE B 38 ? 0.1980 0.1640 0.1698 -0.0797 0.0401  0.0108  38 ILE B CG1 
641 C CG2 . ILE B 38 ? 0.1851 0.1346 0.1605 -0.0606 0.0264  0.0323  38 ILE B CG2 
642 C CD1 . ILE B 38 ? 0.3480 0.2795 0.3078 -0.0786 0.0401  0.0131  38 ILE B CD1 
643 N N   . VAL B 39 ? 0.1411 0.1749 0.1489 -0.0420 0.0183  0.0409  39 VAL B N   
644 C CA  . VAL B 39 ? 0.1357 0.1700 0.1438 -0.0298 0.0120  0.0554  39 VAL B CA  
645 C C   . VAL B 39 ? 0.1963 0.2073 0.1948 -0.0397 0.0119  0.0595  39 VAL B C   
646 O O   . VAL B 39 ? 0.1952 0.1945 0.1856 -0.0505 0.0138  0.0510  39 VAL B O   
647 C CB  . VAL B 39 ? 0.1706 0.2523 0.1846 -0.0221 0.0075  0.0547  39 VAL B CB  
648 C CG1 . VAL B 39 ? 0.1648 0.2826 0.1906 -0.0053 0.0052  0.0458  39 VAL B CG1 
649 C CG2 . VAL B 39 ? 0.1574 0.2620 0.1695 -0.0423 0.0114  0.0432  39 VAL B CG2 
650 N N   . SER B 40 ? 0.1852 0.1877 0.1796 -0.0353 0.0096  0.0710  40 SER B N   
651 C CA  . SER B 40 ? 0.1836 0.1793 0.1725 -0.0453 0.0096  0.0698  40 SER B CA  
652 C C   . SER B 40 ? 0.2526 0.2769 0.2424 -0.0507 0.0068  0.0656  40 SER B C   
653 O O   . SER B 40 ? 0.2606 0.3116 0.2543 -0.0469 0.0054  0.0679  40 SER B O   
654 C CB  . SER B 40 ? 0.2303 0.2099 0.2095 -0.0464 0.0121  0.0805  40 SER B CB  
655 O OG  . SER B 40 ? 0.2571 0.2451 0.2278 -0.0380 0.0094  0.0935  40 SER B OG  
656 N N   . LYS B 41 ? 0.2108 0.2341 0.1971 -0.0577 0.0058  0.0567  41 LYS B N   
657 C CA  . LYS B 41 ? 0.2117 0.2580 0.1975 -0.0635 0.0042  0.0505  41 LYS B CA  
658 C C   . LYS B 41 ? 0.2119 0.2861 0.2004 -0.0649 0.0029  0.0609  41 LYS B C   
659 O O   . LYS B 41 ? 0.1921 0.2956 0.1837 -0.0676 0.0021  0.0586  41 LYS B O   
660 C CB  . LYS B 41 ? 0.2644 0.3026 0.2443 -0.0638 0.0012  0.0377  41 LYS B CB  
661 C CG  . LYS B 41 ? 0.3321 0.3917 0.3111 -0.0682 -0.0005 0.0283  41 LYS B CG  
662 C CD  . LYS B 41 ? 0.3627 0.4040 0.3272 -0.0697 0.0018  0.0189  41 LYS B CD  
663 C CE  . LYS B 41 ? 0.3922 0.4431 0.3515 -0.0703 -0.0003 0.0054  41 LYS B CE  
664 N NZ  . LYS B 41 ? 0.6262 0.6605 0.5682 -0.0801 0.0068  -0.0024 41 LYS B NZ  
665 N N   . ALA B 42 ? 0.1777 0.2393 0.1599 -0.0646 0.0040  0.0719  42 ALA B N   
666 C CA  . ALA B 42 ? 0.1939 0.2669 0.1647 -0.0653 0.0036  0.0853  42 ALA B CA  
667 C C   . ALA B 42 ? 0.2449 0.3306 0.2139 -0.0482 -0.0009 0.0958  42 ALA B C   
668 O O   . ALA B 42 ? 0.2212 0.3405 0.1881 -0.0464 -0.0046 0.0982  42 ALA B O   
669 C CB  . ALA B 42 ? 0.2256 0.2662 0.1773 -0.0731 0.0097  0.0939  42 ALA B CB  
670 N N   . THR B 43 ? 0.2086 0.2771 0.1806 -0.0346 -0.0012 0.0976  43 THR B N   
671 C CA  . THR B 43 ? 0.2196 0.3120 0.1941 -0.0138 -0.0067 0.1001  43 THR B CA  
672 C C   . THR B 43 ? 0.2806 0.4270 0.2733 -0.0215 -0.0072 0.0829  43 THR B C   
673 O O   . THR B 43 ? 0.2801 0.4712 0.2740 -0.0115 -0.0124 0.0822  43 THR B O   
674 C CB  . THR B 43 ? 0.2860 0.3532 0.2638 -0.0009 -0.0056 0.0992  43 THR B CB  
675 O OG1 . THR B 43 ? 0.3495 0.3623 0.3056 0.0023  -0.0023 0.1135  43 THR B OG1 
676 C CG2 . THR B 43 ? 0.2069 0.3112 0.1915 0.0244  -0.0126 0.0950  43 THR B CG2 
677 N N   . PHE B 44 ? 0.2486 0.3883 0.2498 -0.0398 -0.0009 0.0679  44 PHE B N   
678 C CA  . PHE B 44 ? 0.2410 0.4153 0.2491 -0.0547 0.0036  0.0496  44 PHE B CA  
679 C C   . PHE B 44 ? 0.2800 0.4882 0.2881 -0.0620 0.0019  0.0480  44 PHE B C   
680 O O   . PHE B 44 ? 0.2532 0.5109 0.2682 -0.0671 0.0036  0.0357  44 PHE B O   
681 C CB  . PHE B 44 ? 0.2669 0.4037 0.2674 -0.0707 0.0109  0.0382  44 PHE B CB  
682 C CG  . PHE B 44 ? 0.2983 0.4512 0.2931 -0.0908 0.0196  0.0190  44 PHE B CG  
683 C CD1 . PHE B 44 ? 0.3429 0.5246 0.3405 -0.1011 0.0273  0.0039  44 PHE B CD1 
684 C CD2 . PHE B 44 ? 0.3409 0.4815 0.3252 -0.1017 0.0218  0.0125  44 PHE B CD2 
685 C CE1 . PHE B 44 ? 0.3722 0.5651 0.3582 -0.1275 0.0399  -0.0171 44 PHE B CE1 
686 C CE2 . PHE B 44 ? 0.3937 0.5379 0.3651 -0.1232 0.0329  -0.0064 44 PHE B CE2 
687 C CZ  . PHE B 44 ? 0.3734 0.5412 0.3437 -0.1387 0.0432  -0.0208 44 PHE B CZ  
688 N N   . GLU B 45 ? 0.2509 0.4392 0.2521 -0.0654 0.0000  0.0562  45 GLU B N   
689 C CA  . GLU B 45 ? 0.2312 0.4535 0.2328 -0.0742 -0.0010 0.0529  45 GLU B CA  
690 C C   . GLU B 45 ? 0.2882 0.5486 0.2854 -0.0610 -0.0076 0.0654  45 GLU B C   
691 O O   . GLU B 45 ? 0.2752 0.5849 0.2774 -0.0666 -0.0082 0.0571  45 GLU B O   
692 C CB  . GLU B 45 ? 0.2431 0.4438 0.2402 -0.0829 -0.0006 0.0522  45 GLU B CB  
693 C CG  . GLU B 45 ? 0.2916 0.4635 0.2880 -0.0887 0.0027  0.0360  45 GLU B CG  
694 C CD  . GLU B 45 ? 0.3997 0.5789 0.3934 -0.0994 0.0081  0.0178  45 GLU B CD  
695 O OE1 . GLU B 45 ? 0.3371 0.5584 0.3365 -0.1079 0.0098  0.0122  45 GLU B OE1 
696 O OE2 . GLU B 45 ? 0.3032 0.4422 0.2838 -0.1006 0.0118  0.0086  45 GLU B OE2 
697 N N   . GLU B 46 ? 0.2658 0.5009 0.2498 -0.0412 -0.0126 0.0840  46 GLU B N   
698 C CA  . GLU B 46 ? 0.2882 0.5423 0.2551 -0.0186 -0.0214 0.0995  46 GLU B CA  
699 C C   . GLU B 46 ? 0.3499 0.6708 0.3322 -0.0043 -0.0267 0.0854  46 GLU B C   
700 O O   . GLU B 46 ? 0.3833 0.7417 0.3539 0.0140  -0.0357 0.0920  46 GLU B O   
702 N N   . TRP B 47 ? 0.2868 0.6251 0.2914 -0.0136 -0.0206 0.0642  47 TRP B N   
703 C CA  . TRP B 47 ? 0.4672 0.8797 0.4888 -0.0082 -0.0216 0.0422  47 TRP B CA  
704 C C   . TRP B 47 ? 0.9480 1.4246 0.9778 -0.0265 -0.0184 0.0257  47 TRP B C   
705 O O   . TRP B 47 ? 0.5177 0.9890 0.5539 -0.0584 -0.0061 0.0098  47 TRP B O   
706 C CB  . TRP B 47 ? 0.4333 0.8421 0.4695 -0.0235 -0.0112 0.0215  47 TRP B CB  
707 C CG  . TRP B 47 ? 0.4559 0.8284 0.4901 -0.0022 -0.0152 0.0303  47 TRP B CG  
708 C CD1 . TRP B 47 ? 0.5193 0.8758 0.5410 0.0343  -0.0275 0.0493  47 TRP B CD1 
709 C CD2 . TRP B 47 ? 0.4485 0.7928 0.4889 -0.0163 -0.0057 0.0192  47 TRP B CD2 
710 N NE1 . TRP B 47 ? 0.5196 0.8426 0.5440 0.0436  -0.0260 0.0490  47 TRP B NE1 
711 C CE2 . TRP B 47 ? 0.5110 0.8320 0.5492 0.0123  -0.0130 0.0301  47 TRP B CE2 
712 C CE3 . TRP B 47 ? 0.4513 0.7804 0.4919 -0.0502 0.0089  0.0015  47 TRP B CE3 
713 C CZ2 . TRP B 47 ? 0.4951 0.7907 0.5390 0.0064  -0.0066 0.0220  47 TRP B CZ2 
714 C CZ3 . TRP B 47 ? 0.4647 0.7641 0.5045 -0.0556 0.0150  -0.0044 47 TRP B CZ3 
715 C CH2 . TRP B 47 ? 0.4779 0.7651 0.5229 -0.0284 0.0072  0.0055  47 TRP B CH2 
# 
